data_2YPG
#
_entry.id   2YPG
#
_cell.length_a   160.767
_cell.length_b   160.767
_cell.length_c   177.210
_cell.angle_alpha   90.00
_cell.angle_beta   90.00
_cell.angle_gamma   90.00
#
_symmetry.space_group_name_H-M   'P 41'
#
loop_
_entity.id
_entity.type
_entity.pdbx_description
1 polymer 'HEMAGGLUTININ HA1 CHAIN'
2 polymer 'HEMAGGLUTININ HA2 CHAIN'
3 branched 2-acetamido-2-deoxy-beta-D-glucopyranose-(1-4)-[beta-L-fucopyranose-(1-6)]2-acetamido-2-deoxy-beta-D-glucopyranose
4 branched beta-D-mannopyranose-(1-4)-2-acetamido-2-deoxy-beta-D-glucopyranose-(1-4)-2-acetamido-2-deoxy-beta-D-glucopyranose
5 branched 2-acetamido-2-deoxy-beta-D-glucopyranose-(1-4)-2-acetamido-2-deoxy-beta-D-glucopyranose
6 branched 'N-acetyl-alpha-neuraminic acid-(2-6)-beta-D-galactopyranose-(1-4)-2-acetamido-2-deoxy-beta-D-glucopyranose-(1-3)-beta-D-galactopyranose-(1-4)-beta-D-glucopyranose'
7 branched 'N-acetyl-alpha-neuraminic acid-(2-6)-beta-D-galactopyranose-(1-4)-2-acetamido-2-deoxy-beta-D-glucopyranose-(1-3)-beta-D-galactopyranose'
8 branched beta-D-mannopyranose-(1-4)-2-acetamido-2-deoxy-beta-D-glucopyranose-(1-3)-2-acetamido-2-deoxy-beta-D-glucopyranose
9 non-polymer 2-acetamido-2-deoxy-beta-D-glucopyranose
10 non-polymer 'CITRATE ANION'
11 water water
#
loop_
_entity_poly.entity_id
_entity_poly.type
_entity_poly.pdbx_seq_one_letter_code
_entity_poly.pdbx_strand_id
1 'polypeptide(L)'
;QDLPGNDNSTATLCLGHHAVPNGTLVKTITDDQIEVTNATELVQSSSTGKICNNPHRILDGIDCTLIDALLGDPHCDVFQ
NETWDLFVERSKAFSNCYPYDVPDYASLRSLVASSGTLEFITEGFTWTGVTQNGGSNACKRGPGSGFFSRLNWLTKSGST
YPVLNVTMPNNDNFDKLYIWGIHHPSTNQEQTSLYVQASGRVTVSTRRSQQTIIPNIGSRPWVRGLSSRISIYWTIVKPG
DVLVINSNGNLIAPRGYFKMRTGKSSIMRSDAPIDTCISECITPNGSIPNDKPFQNVNKITYGACPKYVKQNTLKLATGM
RNVPEKQT
;
A,C,E
2 'polypeptide(L)'
;GLFGAIAGFIENGWEGMIDGWYGFRHQNSEGTGQAADLKSTQAAIDQINGKLNRVIEKTNEKFHQIEKEFSEVEGRIQDL
EKYVEDTKIDLWSYNAELLVALENQHTIDLTDSEMNKLFEKTRRQLRENAEEMGNGCFKIYHKCDNACIESIRNGTYDHD
VYRDEALNNRFQIKG
;
B,D,F
#
# COMPACT_ATOMS: atom_id res chain seq x y z
N SER A 9 22.00 0.65 66.38
CA SER A 9 22.76 0.73 65.10
C SER A 9 21.82 0.33 63.97
N THR A 10 22.20 0.68 62.75
CA THR A 10 21.33 0.58 61.60
C THR A 10 22.15 0.19 60.37
N ALA A 11 21.47 0.02 59.25
CA ALA A 11 22.13 -0.26 57.99
C ALA A 11 21.37 0.40 56.85
N THR A 12 22.04 0.58 55.72
CA THR A 12 21.44 1.21 54.56
C THR A 12 21.44 0.23 53.39
N LEU A 13 20.32 0.11 52.69
CA LEU A 13 20.21 -0.75 51.52
C LEU A 13 19.66 0.06 50.37
N CYS A 14 20.51 0.32 49.36
CA CYS A 14 20.10 1.10 48.19
C CYS A 14 19.83 0.19 47.01
N LEU A 15 18.71 0.42 46.36
CA LEU A 15 18.36 -0.27 45.12
C LEU A 15 18.78 0.59 43.97
N GLY A 16 19.18 -0.05 42.88
CA GLY A 16 19.65 0.67 41.71
C GLY A 16 19.64 -0.16 40.45
N HIS A 17 20.20 0.42 39.39
CA HIS A 17 20.29 -0.22 38.10
C HIS A 17 21.58 0.14 37.45
N HIS A 18 21.95 -0.59 36.40
CA HIS A 18 23.24 -0.35 35.76
C HIS A 18 23.21 0.78 34.78
N ALA A 19 24.41 1.18 34.37
CA ALA A 19 24.58 2.19 33.34
C ALA A 19 25.89 1.88 32.61
N VAL A 20 26.04 2.39 31.40
CA VAL A 20 27.26 2.18 30.64
C VAL A 20 27.85 3.56 30.31
N PRO A 21 29.18 3.62 30.12
CA PRO A 21 29.78 4.92 29.76
C PRO A 21 29.42 5.36 28.34
N ASN A 22 29.25 4.39 27.44
CA ASN A 22 28.99 4.67 26.03
C ASN A 22 27.62 4.12 25.58
N GLY A 23 26.57 4.91 25.79
CA GLY A 23 25.21 4.52 25.43
C GLY A 23 24.90 4.67 23.95
N THR A 24 23.68 4.32 23.56
CA THR A 24 23.22 4.50 22.18
C THR A 24 21.97 5.37 22.16
N LEU A 25 21.92 6.31 21.22
CA LEU A 25 20.75 7.18 21.05
C LEU A 25 19.69 6.45 20.22
N VAL A 26 18.43 6.52 20.65
CA VAL A 26 17.30 5.92 19.94
C VAL A 26 16.13 6.88 19.86
N LYS A 27 15.18 6.56 18.98
CA LYS A 27 13.97 7.36 18.82
C LYS A 27 12.81 6.71 19.57
N THR A 28 11.95 7.54 20.16
CA THR A 28 10.75 7.05 20.84
C THR A 28 9.54 7.84 20.37
N ILE A 29 8.42 7.68 21.07
CA ILE A 29 7.20 8.44 20.76
C ILE A 29 7.39 9.92 21.09
N THR A 30 7.97 10.20 22.25
CA THR A 30 8.10 11.57 22.75
C THR A 30 9.47 12.19 22.51
N ASP A 31 10.43 11.40 22.00
CA ASP A 31 11.81 11.86 21.90
C ASP A 31 12.46 11.51 20.57
N ASP A 32 13.08 12.52 19.98
CA ASP A 32 13.78 12.39 18.73
C ASP A 32 15.08 11.59 18.93
N GLN A 33 15.76 11.84 20.05
CA GLN A 33 16.97 11.11 20.40
C GLN A 33 17.08 11.02 21.92
N ILE A 34 17.18 9.80 22.44
CA ILE A 34 17.29 9.58 23.87
C ILE A 34 18.20 8.38 24.11
N GLU A 35 19.05 8.46 25.15
CA GLU A 35 20.12 7.48 25.33
C GLU A 35 19.68 6.26 26.14
N VAL A 36 19.87 5.08 25.56
CA VAL A 36 19.64 3.80 26.25
C VAL A 36 20.96 3.05 26.35
N THR A 37 20.99 1.97 27.14
CA THR A 37 22.24 1.25 27.40
C THR A 37 22.74 0.49 26.18
N ASN A 38 21.83 0.04 25.34
CA ASN A 38 22.19 -0.74 24.16
C ASN A 38 21.03 -0.76 23.17
N ALA A 39 21.33 -0.89 21.89
CA ALA A 39 20.30 -0.98 20.85
C ALA A 39 20.75 -1.93 19.76
N THR A 40 19.84 -2.29 18.87
CA THR A 40 20.18 -3.14 17.73
C THR A 40 19.60 -2.58 16.43
N GLU A 41 20.35 -2.75 15.34
CA GLU A 41 20.00 -2.15 14.06
C GLU A 41 18.97 -2.99 13.34
N LEU A 42 17.89 -2.36 12.89
CA LEU A 42 16.81 -3.07 12.19
C LEU A 42 16.84 -2.88 10.68
N VAL A 43 17.71 -2.00 10.17
CA VAL A 43 17.83 -1.78 8.73
C VAL A 43 19.14 -2.31 8.22
N GLN A 44 19.07 -3.35 7.39
CA GLN A 44 20.24 -3.91 6.74
C GLN A 44 20.67 -2.94 5.64
N SER A 45 21.90 -2.44 5.72
CA SER A 45 22.34 -1.40 4.79
C SER A 45 23.61 -1.74 4.05
N SER A 46 24.13 -2.96 4.23
CA SER A 46 25.34 -3.38 3.55
C SER A 46 25.17 -4.74 2.88
N SER A 47 26.03 -4.99 1.91
CA SER A 47 26.06 -6.22 1.16
C SER A 47 27.51 -6.60 0.95
N THR A 48 27.77 -7.89 0.74
CA THR A 48 29.13 -8.35 0.41
C THR A 48 29.53 -7.91 -0.98
N GLY A 49 28.55 -7.61 -1.84
CA GLY A 49 28.82 -7.25 -3.23
C GLY A 49 28.74 -8.43 -4.17
N LYS A 50 28.40 -9.59 -3.64
CA LYS A 50 28.41 -10.84 -4.40
C LYS A 50 27.08 -11.58 -4.26
N ILE A 51 26.61 -12.18 -5.35
CA ILE A 51 25.40 -13.00 -5.35
C ILE A 51 25.76 -14.44 -5.03
N CYS A 52 25.22 -14.96 -3.93
CA CYS A 52 25.51 -16.34 -3.50
C CYS A 52 24.74 -17.33 -4.37
N ASN A 53 25.42 -18.41 -4.76
CA ASN A 53 24.86 -19.39 -5.69
C ASN A 53 24.00 -20.47 -5.03
N ASN A 54 23.82 -20.36 -3.71
CA ASN A 54 22.84 -21.16 -2.98
C ASN A 54 21.99 -20.30 -2.06
N PRO A 55 20.78 -20.75 -1.74
CA PRO A 55 20.14 -22.00 -2.15
C PRO A 55 19.46 -21.95 -3.53
N HIS A 56 19.31 -20.77 -4.11
CA HIS A 56 18.58 -20.63 -5.38
C HIS A 56 19.49 -20.95 -6.53
N ARG A 57 18.91 -21.50 -7.58
CA ARG A 57 19.65 -21.77 -8.80
C ARG A 57 19.83 -20.47 -9.60
N ILE A 58 21.08 -20.00 -9.69
CA ILE A 58 21.38 -18.76 -10.37
C ILE A 58 22.02 -19.08 -11.70
N LEU A 59 21.43 -18.59 -12.78
CA LEU A 59 22.00 -18.77 -14.11
C LEU A 59 22.55 -17.44 -14.56
N ASP A 60 23.87 -17.39 -14.78
CA ASP A 60 24.54 -16.18 -15.24
C ASP A 60 24.39 -16.06 -16.75
N GLY A 61 23.71 -15.01 -17.19
CA GLY A 61 23.52 -14.76 -18.61
C GLY A 61 24.80 -14.42 -19.36
N ILE A 62 25.83 -13.98 -18.64
CA ILE A 62 27.11 -13.61 -19.23
C ILE A 62 26.90 -12.61 -20.39
N ASP A 63 27.13 -13.03 -21.63
CA ASP A 63 27.00 -12.14 -22.77
C ASP A 63 25.59 -12.08 -23.36
N CYS A 64 24.62 -12.71 -22.69
CA CYS A 64 23.31 -12.93 -23.27
C CYS A 64 22.16 -12.40 -22.42
N THR A 65 21.23 -11.70 -23.07
CA THR A 65 19.92 -11.42 -22.50
C THR A 65 19.08 -12.69 -22.59
N LEU A 66 18.06 -12.81 -21.75
CA LEU A 66 17.16 -13.97 -21.80
C LEU A 66 16.53 -14.12 -23.19
N ILE A 67 16.11 -12.99 -23.79
CA ILE A 67 15.48 -13.02 -25.10
C ILE A 67 16.42 -13.55 -26.18
N ASP A 68 17.69 -13.17 -26.14
CA ASP A 68 18.66 -13.71 -27.08
C ASP A 68 18.95 -15.19 -26.83
N ALA A 69 18.89 -15.62 -25.57
CA ALA A 69 19.00 -17.03 -25.23
C ALA A 69 17.79 -17.82 -25.76
N LEU A 70 16.62 -17.19 -25.68
CA LEU A 70 15.38 -17.79 -26.15
C LEU A 70 15.44 -17.99 -27.66
N LEU A 71 15.65 -16.89 -28.38
CA LEU A 71 15.64 -16.90 -29.84
C LEU A 71 16.74 -17.81 -30.41
N GLY A 72 17.90 -17.82 -29.75
CA GLY A 72 19.02 -18.64 -30.20
C GLY A 72 20.06 -17.88 -31.00
N ASP A 73 20.44 -16.71 -30.49
CA ASP A 73 21.57 -15.96 -30.99
C ASP A 73 22.79 -16.90 -30.86
N PRO A 74 23.51 -17.16 -31.97
CA PRO A 74 24.59 -18.15 -31.94
C PRO A 74 25.46 -18.13 -30.69
N HIS A 75 25.91 -16.96 -30.26
CA HIS A 75 26.78 -16.89 -29.09
C HIS A 75 26.08 -17.21 -27.79
N CYS A 76 24.77 -17.39 -27.83
CA CYS A 76 23.97 -17.80 -26.67
C CYS A 76 23.51 -19.24 -26.75
N ASP A 77 24.11 -20.03 -27.63
CA ASP A 77 23.69 -21.41 -27.82
C ASP A 77 23.90 -22.26 -26.57
N VAL A 78 24.89 -21.90 -25.77
CA VAL A 78 25.15 -22.63 -24.53
C VAL A 78 23.91 -22.69 -23.61
N PHE A 79 22.97 -21.77 -23.80
CA PHE A 79 21.78 -21.70 -22.94
C PHE A 79 20.61 -22.59 -23.37
N GLN A 80 20.78 -23.37 -24.43
CA GLN A 80 19.70 -24.25 -24.90
C GLN A 80 19.23 -25.18 -23.77
N ASN A 81 17.92 -25.26 -23.60
CA ASN A 81 17.29 -26.11 -22.57
C ASN A 81 17.66 -25.79 -21.13
N GLU A 82 18.25 -24.62 -20.89
CA GLU A 82 18.64 -24.27 -19.52
C GLU A 82 17.44 -23.91 -18.66
N THR A 83 17.66 -23.94 -17.35
CA THR A 83 16.65 -23.62 -16.38
C THR A 83 17.27 -22.74 -15.30
N TRP A 84 16.43 -22.03 -14.55
CA TRP A 84 16.91 -21.14 -13.50
C TRP A 84 15.85 -20.84 -12.49
N ASP A 85 16.29 -20.51 -11.27
CA ASP A 85 15.44 -19.84 -10.31
C ASP A 85 15.56 -18.33 -10.54
N LEU A 86 16.78 -17.86 -10.76
CA LEU A 86 17.03 -16.45 -11.08
C LEU A 86 18.00 -16.35 -12.24
N PHE A 87 17.54 -15.73 -13.32
CA PHE A 87 18.39 -15.46 -14.48
C PHE A 87 18.99 -14.07 -14.27
N VAL A 88 20.32 -13.97 -14.28
CA VAL A 88 20.98 -12.69 -14.09
C VAL A 88 21.47 -12.11 -15.43
N GLU A 89 20.89 -10.98 -15.84
CA GLU A 89 21.31 -10.30 -17.07
C GLU A 89 22.42 -9.29 -16.77
N ARG A 90 23.53 -9.41 -17.49
CA ARG A 90 24.68 -8.53 -17.33
C ARG A 90 24.57 -7.35 -18.28
N SER A 91 25.09 -6.20 -17.85
CA SER A 91 24.98 -4.98 -18.63
C SER A 91 25.84 -5.02 -19.88
N LYS A 92 26.84 -5.91 -19.91
CA LYS A 92 27.70 -6.02 -21.10
C LYS A 92 27.20 -7.10 -22.07
N ALA A 93 25.97 -7.58 -21.87
CA ALA A 93 25.34 -8.50 -22.84
C ALA A 93 25.18 -7.77 -24.16
N PHE A 94 25.21 -8.51 -25.26
CA PHE A 94 25.06 -7.92 -26.58
C PHE A 94 24.37 -8.89 -27.52
N SER A 95 23.71 -8.35 -28.53
CA SER A 95 23.09 -9.16 -29.58
C SER A 95 24.06 -9.25 -30.74
N ASN A 96 24.06 -10.37 -31.44
CA ASN A 96 25.02 -10.57 -32.52
C ASN A 96 24.45 -11.45 -33.64
N CYS A 97 23.15 -11.32 -33.86
CA CYS A 97 22.47 -12.08 -34.90
C CYS A 97 21.74 -11.08 -35.79
N TYR A 98 20.60 -11.46 -36.35
CA TYR A 98 19.85 -10.56 -37.23
C TYR A 98 19.24 -9.45 -36.37
N PRO A 99 19.29 -8.20 -36.84
CA PRO A 99 18.68 -7.14 -36.04
C PRO A 99 17.17 -7.33 -35.92
N TYR A 100 16.64 -7.20 -34.70
CA TYR A 100 15.25 -7.51 -34.43
C TYR A 100 14.65 -6.56 -33.41
N ASP A 101 13.32 -6.53 -33.34
CA ASP A 101 12.62 -5.89 -32.22
C ASP A 101 11.49 -6.80 -31.76
N VAL A 102 11.08 -6.63 -30.51
CA VAL A 102 9.96 -7.38 -29.96
C VAL A 102 8.94 -6.37 -29.45
N PRO A 103 7.82 -6.21 -30.19
CA PRO A 103 6.75 -5.40 -29.62
C PRO A 103 6.33 -6.00 -28.28
N ASP A 104 6.25 -5.15 -27.25
CA ASP A 104 5.99 -5.64 -25.89
C ASP A 104 7.07 -6.64 -25.46
N TYR A 105 8.33 -6.22 -25.64
CA TYR A 105 9.52 -6.96 -25.22
C TYR A 105 9.46 -7.31 -23.74
N ALA A 106 9.08 -6.33 -22.93
CA ALA A 106 8.99 -6.49 -21.47
C ALA A 106 8.14 -7.70 -21.06
N SER A 107 7.03 -7.92 -21.76
CA SER A 107 6.11 -9.00 -21.44
C SER A 107 6.67 -10.37 -21.79
N LEU A 108 7.28 -10.47 -22.98
CA LEU A 108 7.88 -11.74 -23.39
C LEU A 108 9.01 -12.11 -22.43
N ARG A 109 9.85 -11.12 -22.12
CA ARG A 109 10.91 -11.29 -21.14
C ARG A 109 10.34 -11.76 -19.80
N SER A 110 9.31 -11.07 -19.33
CA SER A 110 8.69 -11.40 -18.06
C SER A 110 8.15 -12.82 -18.05
N LEU A 111 7.38 -13.17 -19.06
CA LEU A 111 6.70 -14.47 -19.05
C LEU A 111 7.67 -15.65 -19.19
N VAL A 112 8.72 -15.48 -19.98
CA VAL A 112 9.77 -16.49 -20.03
C VAL A 112 10.54 -16.54 -18.71
N ALA A 113 10.92 -15.37 -18.20
CA ALA A 113 11.64 -15.28 -16.91
C ALA A 113 10.87 -16.05 -15.82
N SER A 114 9.58 -15.79 -15.76
CA SER A 114 8.72 -16.40 -14.75
C SER A 114 8.53 -17.91 -14.94
N SER A 115 8.55 -18.38 -16.19
CA SER A 115 8.42 -19.81 -16.47
C SER A 115 9.63 -20.58 -15.96
N GLY A 116 10.84 -20.03 -16.16
CA GLY A 116 12.04 -20.56 -15.55
C GLY A 116 12.75 -21.66 -16.32
N THR A 117 12.44 -21.78 -17.62
CA THR A 117 13.02 -22.83 -18.46
C THR A 117 13.04 -22.40 -19.93
N LEU A 118 14.08 -22.82 -20.65
CA LEU A 118 14.17 -22.64 -22.10
C LEU A 118 14.06 -24.00 -22.81
N GLU A 119 13.57 -25.00 -22.07
CA GLU A 119 13.36 -26.34 -22.59
C GLU A 119 12.53 -26.27 -23.87
N PHE A 120 13.08 -26.78 -24.95
CA PHE A 120 12.52 -26.59 -26.28
C PHE A 120 12.35 -27.94 -26.98
N ILE A 121 11.16 -28.18 -27.50
CA ILE A 121 10.86 -29.41 -28.22
C ILE A 121 10.70 -29.09 -29.69
N THR A 122 11.50 -29.72 -30.54
CA THR A 122 11.38 -29.52 -31.98
C THR A 122 10.18 -30.31 -32.50
N GLU A 123 9.39 -29.67 -33.35
CA GLU A 123 8.23 -30.30 -33.97
C GLU A 123 8.42 -30.34 -35.49
N GLY A 124 7.82 -31.34 -36.12
CA GLY A 124 7.95 -31.54 -37.56
C GLY A 124 6.94 -30.75 -38.36
N PHE A 125 7.16 -29.45 -38.46
CA PHE A 125 6.34 -28.62 -39.34
C PHE A 125 6.72 -28.97 -40.77
N THR A 126 5.72 -29.11 -41.64
CA THR A 126 5.98 -29.32 -43.06
C THR A 126 5.77 -28.02 -43.83
N TRP A 127 6.83 -27.52 -44.44
CA TRP A 127 6.77 -26.31 -45.25
C TRP A 127 6.96 -26.66 -46.69
N THR A 128 5.85 -26.92 -47.39
CA THR A 128 5.92 -27.39 -48.78
C THR A 128 6.00 -26.19 -49.72
N GLY A 129 6.94 -26.28 -50.65
CA GLY A 129 7.09 -25.29 -51.71
C GLY A 129 7.90 -24.05 -51.33
N VAL A 130 8.69 -24.16 -50.26
CA VAL A 130 9.56 -23.05 -49.82
C VAL A 130 10.92 -23.59 -49.39
N THR A 131 11.94 -22.73 -49.49
CA THR A 131 13.28 -23.05 -49.02
C THR A 131 13.40 -22.72 -47.54
N GLN A 132 13.97 -23.65 -46.77
CA GLN A 132 14.11 -23.49 -45.32
C GLN A 132 15.50 -23.01 -44.94
N ASN A 133 15.67 -22.74 -43.65
CA ASN A 133 16.98 -22.49 -43.05
C ASN A 133 17.74 -21.31 -43.66
N GLY A 134 17.02 -20.24 -44.00
CA GLY A 134 17.66 -19.02 -44.49
C GLY A 134 18.55 -18.41 -43.43
N GLY A 135 19.64 -17.78 -43.88
CA GLY A 135 20.62 -17.18 -42.97
C GLY A 135 21.14 -15.84 -43.43
N SER A 136 22.02 -15.24 -42.62
CA SER A 136 22.55 -13.91 -42.88
C SER A 136 23.96 -13.80 -42.33
N ASN A 137 24.77 -12.95 -42.96
CA ASN A 137 26.11 -12.62 -42.46
C ASN A 137 26.08 -11.68 -41.25
N ALA A 138 24.90 -11.13 -40.96
CA ALA A 138 24.69 -10.41 -39.71
C ALA A 138 24.62 -11.40 -38.52
N CYS A 139 24.40 -12.68 -38.81
CA CYS A 139 24.28 -13.71 -37.78
C CYS A 139 25.14 -14.93 -38.10
N LYS A 140 26.46 -14.74 -38.06
CA LYS A 140 27.39 -15.83 -38.40
C LYS A 140 27.41 -16.93 -37.34
N ARG A 141 27.32 -18.17 -37.82
CA ARG A 141 27.58 -19.35 -37.00
C ARG A 141 28.69 -20.12 -37.70
N GLY A 142 29.84 -20.22 -37.04
CA GLY A 142 31.05 -20.68 -37.71
C GLY A 142 31.51 -19.60 -38.67
N PRO A 143 32.14 -19.99 -39.79
CA PRO A 143 32.58 -19.01 -40.78
C PRO A 143 31.45 -18.52 -41.69
N GLY A 144 30.49 -19.41 -41.98
CA GLY A 144 29.37 -19.09 -42.87
C GLY A 144 28.24 -18.32 -42.22
N SER A 145 27.27 -17.93 -43.04
CA SER A 145 26.10 -17.21 -42.57
C SER A 145 25.19 -18.13 -41.77
N GLY A 146 24.37 -17.54 -40.90
CA GLY A 146 23.50 -18.30 -40.01
C GLY A 146 22.30 -17.50 -39.55
N PHE A 147 21.65 -17.98 -38.49
CA PHE A 147 20.39 -17.42 -38.04
C PHE A 147 20.05 -17.91 -36.63
N PHE A 148 19.00 -17.35 -36.05
CA PHE A 148 18.51 -17.81 -34.75
C PHE A 148 18.23 -19.31 -34.78
N SER A 149 18.72 -20.01 -33.75
CA SER A 149 18.64 -21.47 -33.74
C SER A 149 17.22 -22.01 -33.61
N ARG A 150 16.31 -21.22 -33.06
CA ARG A 150 14.93 -21.67 -32.83
C ARG A 150 13.93 -21.14 -33.84
N LEU A 151 14.42 -20.41 -34.84
CA LEU A 151 13.56 -19.85 -35.90
C LEU A 151 14.01 -20.37 -37.26
N ASN A 152 13.06 -20.52 -38.17
CA ASN A 152 13.29 -21.08 -39.49
C ASN A 152 12.88 -20.04 -40.53
N TRP A 153 13.87 -19.43 -41.18
CA TRP A 153 13.64 -18.38 -42.17
C TRP A 153 13.28 -19.01 -43.49
N LEU A 154 12.02 -18.86 -43.88
CA LEU A 154 11.51 -19.42 -45.14
C LEU A 154 11.61 -18.41 -46.27
N THR A 155 12.01 -18.88 -47.44
CA THR A 155 12.05 -18.06 -48.65
C THR A 155 11.52 -18.88 -49.82
N LYS A 156 11.38 -18.23 -50.98
CA LYS A 156 10.81 -18.88 -52.16
C LYS A 156 11.57 -20.15 -52.52
N SER A 157 10.89 -21.05 -53.23
CA SER A 157 11.52 -22.20 -53.85
C SER A 157 11.33 -22.08 -55.35
N GLY A 158 12.41 -21.82 -56.08
CA GLY A 158 12.33 -21.56 -57.50
C GLY A 158 11.65 -20.22 -57.74
N SER A 159 10.64 -20.23 -58.61
CA SER A 159 9.95 -19.01 -59.02
C SER A 159 8.71 -18.68 -58.18
N THR A 160 8.43 -19.49 -57.15
CA THR A 160 7.16 -19.40 -56.42
C THR A 160 7.31 -19.42 -54.88
N TYR A 161 6.37 -18.74 -54.22
CA TYR A 161 6.19 -18.82 -52.77
C TYR A 161 4.69 -18.96 -52.52
N PRO A 162 4.23 -20.16 -52.14
CA PRO A 162 2.81 -20.41 -52.06
C PRO A 162 2.20 -19.93 -50.76
N VAL A 163 0.89 -20.04 -50.66
CA VAL A 163 0.19 -19.74 -49.41
C VAL A 163 0.39 -20.91 -48.46
N LEU A 164 1.20 -20.70 -47.43
CA LEU A 164 1.45 -21.72 -46.43
C LEU A 164 0.27 -21.81 -45.47
N ASN A 165 -0.18 -23.04 -45.20
CA ASN A 165 -1.29 -23.31 -44.28
C ASN A 165 -0.90 -24.55 -43.48
N VAL A 166 -0.11 -24.36 -42.42
CA VAL A 166 0.36 -25.48 -41.61
C VAL A 166 -0.27 -25.46 -40.22
N THR A 167 -0.50 -26.63 -39.66
CA THR A 167 -1.14 -26.73 -38.34
C THR A 167 -0.39 -27.67 -37.41
N MET A 168 -0.58 -27.46 -36.12
CA MET A 168 0.09 -28.26 -35.10
C MET A 168 -0.74 -28.26 -33.81
N PRO A 169 -1.44 -29.36 -33.54
CA PRO A 169 -2.31 -29.44 -32.35
C PRO A 169 -1.53 -29.69 -31.06
N ASN A 170 -1.97 -29.08 -29.97
CA ASN A 170 -1.43 -29.40 -28.65
C ASN A 170 -2.24 -30.56 -28.09
N ASN A 171 -1.67 -31.76 -28.20
CA ASN A 171 -2.29 -32.95 -27.64
C ASN A 171 -1.71 -33.30 -26.27
N ASP A 172 -0.75 -32.52 -25.80
CA ASP A 172 -0.14 -32.73 -24.49
C ASP A 172 -1.02 -32.13 -23.40
N ASN A 173 -0.61 -32.30 -22.14
CA ASN A 173 -1.35 -31.80 -20.98
C ASN A 173 -0.71 -30.56 -20.34
N PHE A 174 0.04 -29.80 -21.14
CA PHE A 174 0.67 -28.56 -20.69
C PHE A 174 0.60 -27.49 -21.79
N ASP A 175 0.88 -26.24 -21.42
CA ASP A 175 0.87 -25.13 -22.36
C ASP A 175 2.14 -25.11 -23.21
N LYS A 176 2.00 -24.78 -24.49
CA LYS A 176 3.12 -24.64 -25.40
C LYS A 176 3.34 -23.17 -25.72
N LEU A 177 4.57 -22.67 -25.59
CA LEU A 177 4.93 -21.30 -26.01
C LEU A 177 5.60 -21.34 -27.38
N TYR A 178 4.99 -20.70 -28.37
CA TYR A 178 5.58 -20.63 -29.70
C TYR A 178 6.11 -19.23 -29.96
N ILE A 179 7.40 -19.14 -30.28
CA ILE A 179 8.01 -17.88 -30.70
C ILE A 179 8.18 -17.89 -32.22
N TRP A 180 7.71 -16.83 -32.87
CA TRP A 180 7.79 -16.70 -34.32
C TRP A 180 7.98 -15.26 -34.69
N GLY A 181 8.07 -14.96 -35.98
CA GLY A 181 8.28 -13.58 -36.39
C GLY A 181 7.96 -13.27 -37.83
N ILE A 182 8.22 -12.01 -38.21
CA ILE A 182 8.01 -11.55 -39.57
C ILE A 182 9.23 -10.74 -40.02
N HIS A 183 9.54 -10.83 -41.32
CA HIS A 183 10.69 -10.14 -41.89
C HIS A 183 10.27 -8.88 -42.58
N HIS A 184 10.90 -7.77 -42.22
CA HIS A 184 10.68 -6.47 -42.85
C HIS A 184 11.84 -6.17 -43.78
N PRO A 185 11.67 -6.37 -45.09
CA PRO A 185 12.76 -6.02 -46.02
C PRO A 185 12.98 -4.53 -46.14
N SER A 186 14.16 -4.13 -46.60
CA SER A 186 14.49 -2.71 -46.73
C SER A 186 14.08 -2.11 -48.09
N THR A 187 13.93 -2.96 -49.11
CA THR A 187 13.55 -2.54 -50.45
C THR A 187 12.55 -3.49 -51.11
N ASN A 188 11.84 -3.01 -52.12
CA ASN A 188 10.91 -3.84 -52.88
C ASN A 188 11.64 -4.94 -53.66
N GLN A 189 12.82 -4.61 -54.16
CA GLN A 189 13.70 -5.56 -54.86
C GLN A 189 14.01 -6.76 -53.96
N GLU A 190 14.25 -6.47 -52.69
CA GLU A 190 14.53 -7.49 -51.69
C GLU A 190 13.30 -8.35 -51.38
N GLN A 191 12.15 -7.69 -51.24
CA GLN A 191 10.89 -8.37 -50.96
C GLN A 191 10.55 -9.42 -52.02
N THR A 192 10.64 -9.02 -53.29
CA THR A 192 10.23 -9.91 -54.39
C THR A 192 11.22 -11.04 -54.64
N SER A 193 12.51 -10.77 -54.46
CA SER A 193 13.52 -11.82 -54.71
C SER A 193 13.52 -12.88 -53.61
N LEU A 194 13.04 -12.52 -52.42
CA LEU A 194 12.92 -13.48 -51.32
C LEU A 194 11.56 -14.18 -51.32
N TYR A 195 10.49 -13.42 -51.53
CA TYR A 195 9.13 -13.94 -51.29
C TYR A 195 8.18 -13.87 -52.50
N VAL A 196 8.69 -13.43 -53.66
CA VAL A 196 7.90 -13.30 -54.91
C VAL A 196 6.79 -12.23 -54.84
N GLN A 197 5.86 -12.42 -53.91
CA GLN A 197 4.76 -11.46 -53.71
C GLN A 197 5.28 -10.09 -53.29
N ALA A 198 4.65 -9.04 -53.82
CA ALA A 198 5.03 -7.66 -53.50
C ALA A 198 4.66 -7.29 -52.06
N SER A 199 3.67 -7.99 -51.51
CA SER A 199 3.18 -7.73 -50.15
C SER A 199 2.91 -9.03 -49.40
N GLY A 200 3.68 -9.28 -48.35
CA GLY A 200 3.51 -10.49 -47.54
C GLY A 200 2.50 -10.34 -46.42
N ARG A 201 2.25 -11.42 -45.70
CA ARG A 201 1.41 -11.38 -44.50
C ARG A 201 1.65 -12.65 -43.67
N VAL A 202 1.47 -12.53 -42.35
CA VAL A 202 1.55 -13.68 -41.44
C VAL A 202 0.35 -13.65 -40.51
N THR A 203 -0.40 -14.75 -40.47
CA THR A 203 -1.53 -14.90 -39.55
C THR A 203 -1.32 -16.14 -38.71
N VAL A 204 -1.10 -15.96 -37.41
CA VAL A 204 -0.92 -17.06 -36.48
C VAL A 204 -2.10 -17.05 -35.51
N SER A 205 -2.75 -18.21 -35.38
CA SER A 205 -4.01 -18.27 -34.64
C SER A 205 -4.19 -19.57 -33.86
N THR A 206 -4.95 -19.47 -32.78
CA THR A 206 -5.44 -20.62 -32.05
C THR A 206 -6.97 -20.54 -32.12
N ARG A 207 -7.64 -21.45 -31.42
CA ARG A 207 -9.09 -21.50 -31.44
C ARG A 207 -9.72 -20.22 -30.89
N ARG A 208 -9.11 -19.62 -29.86
CA ARG A 208 -9.67 -18.40 -29.22
C ARG A 208 -8.94 -17.09 -29.50
N SER A 209 -7.76 -17.13 -30.12
CA SER A 209 -7.03 -15.89 -30.43
C SER A 209 -6.41 -15.90 -31.83
N GLN A 210 -6.04 -14.70 -32.30
CA GLN A 210 -5.35 -14.53 -33.57
C GLN A 210 -4.44 -13.29 -33.58
N GLN A 211 -3.42 -13.33 -34.43
CA GLN A 211 -2.55 -12.19 -34.70
C GLN A 211 -2.30 -12.17 -36.19
N THR A 212 -2.48 -11.01 -36.83
CA THR A 212 -2.06 -10.86 -38.22
C THR A 212 -1.16 -9.65 -38.37
N ILE A 213 0.03 -9.89 -38.89
CA ILE A 213 1.06 -8.88 -39.04
C ILE A 213 1.38 -8.71 -40.52
N ILE A 214 1.39 -7.46 -40.98
CA ILE A 214 1.82 -7.16 -42.33
C ILE A 214 3.21 -6.56 -42.22
N PRO A 215 4.14 -7.01 -43.08
CA PRO A 215 5.49 -6.44 -43.05
C PRO A 215 5.50 -5.05 -43.68
N ASN A 216 6.53 -4.27 -43.36
CA ASN A 216 6.67 -2.91 -43.88
C ASN A 216 8.03 -2.74 -44.53
N ILE A 217 8.01 -2.46 -45.83
CA ILE A 217 9.25 -2.27 -46.58
C ILE A 217 9.79 -0.88 -46.29
N GLY A 218 11.11 -0.77 -46.16
CA GLY A 218 11.74 0.51 -45.87
C GLY A 218 13.04 0.36 -45.11
N SER A 219 13.84 1.42 -45.11
CA SER A 219 15.16 1.40 -44.50
C SER A 219 15.12 1.77 -43.03
N ARG A 220 15.87 1.02 -42.22
CA ARG A 220 16.15 1.37 -40.83
C ARG A 220 17.65 1.66 -40.69
N PRO A 221 18.10 2.06 -39.49
CA PRO A 221 19.54 2.26 -39.31
C PRO A 221 20.32 0.97 -39.55
N TRP A 222 21.55 1.13 -40.01
CA TRP A 222 22.42 -0.01 -40.28
C TRP A 222 22.80 -0.67 -38.99
N VAL A 223 22.49 -1.97 -38.91
CA VAL A 223 22.94 -2.81 -37.83
C VAL A 223 23.54 -4.08 -38.43
N ARG A 224 24.83 -4.30 -38.20
CA ARG A 224 25.54 -5.47 -38.73
C ARG A 224 25.32 -5.64 -40.23
N GLY A 225 25.37 -4.52 -40.97
CA GLY A 225 25.29 -4.54 -42.41
C GLY A 225 23.91 -4.43 -43.00
N LEU A 226 22.88 -4.45 -42.16
CA LEU A 226 21.52 -4.57 -42.63
C LEU A 226 20.62 -3.39 -42.22
N SER A 227 19.83 -2.92 -43.19
CA SER A 227 18.78 -1.94 -42.96
C SER A 227 17.43 -2.63 -42.73
N SER A 228 17.39 -3.96 -42.91
CA SER A 228 16.17 -4.72 -42.71
C SER A 228 16.04 -5.14 -41.26
N ARG A 229 14.89 -5.71 -40.90
CA ARG A 229 14.62 -6.12 -39.51
C ARG A 229 13.75 -7.36 -39.45
N ILE A 230 13.76 -8.00 -38.29
CA ILE A 230 12.81 -9.04 -37.95
C ILE A 230 12.02 -8.57 -36.74
N SER A 231 10.72 -8.84 -36.72
CA SER A 231 9.90 -8.55 -35.54
C SER A 231 9.40 -9.87 -34.93
N ILE A 232 9.52 -9.98 -33.61
CA ILE A 232 9.22 -11.22 -32.88
C ILE A 232 7.87 -11.17 -32.21
N TYR A 233 7.11 -12.26 -32.33
CA TYR A 233 5.81 -12.39 -31.71
C TYR A 233 5.72 -13.74 -31.03
N TRP A 234 4.72 -13.94 -30.18
CA TRP A 234 4.54 -15.22 -29.51
C TRP A 234 3.11 -15.63 -29.42
N THR A 235 2.89 -16.94 -29.25
CA THR A 235 1.55 -17.50 -29.11
C THR A 235 1.58 -18.68 -28.13
N ILE A 236 0.74 -18.63 -27.10
CA ILE A 236 0.57 -19.74 -26.18
C ILE A 236 -0.59 -20.61 -26.64
N VAL A 237 -0.37 -21.92 -26.69
CA VAL A 237 -1.39 -22.88 -27.11
C VAL A 237 -1.73 -23.82 -25.96
N LYS A 238 -2.97 -23.74 -25.48
CA LYS A 238 -3.45 -24.54 -24.37
C LYS A 238 -3.68 -25.99 -24.81
N PRO A 239 -3.69 -26.94 -23.86
CA PRO A 239 -4.06 -28.33 -24.15
C PRO A 239 -5.43 -28.42 -24.83
N GLY A 240 -5.53 -29.24 -25.87
CA GLY A 240 -6.77 -29.38 -26.62
C GLY A 240 -6.90 -28.40 -27.77
N ASP A 241 -6.19 -27.27 -27.67
CA ASP A 241 -6.22 -26.24 -28.71
C ASP A 241 -5.30 -26.65 -29.86
N VAL A 242 -5.19 -25.79 -30.89
CA VAL A 242 -4.36 -26.09 -32.07
C VAL A 242 -3.82 -24.81 -32.70
N LEU A 243 -2.53 -24.84 -33.07
CA LEU A 243 -1.86 -23.70 -33.71
C LEU A 243 -2.06 -23.78 -35.23
N VAL A 244 -2.38 -22.64 -35.84
CA VAL A 244 -2.45 -22.54 -37.29
C VAL A 244 -1.60 -21.36 -37.76
N ILE A 245 -0.60 -21.63 -38.58
CA ILE A 245 0.25 -20.62 -39.17
C ILE A 245 -0.11 -20.50 -40.65
N ASN A 246 -0.43 -19.29 -41.09
CA ASN A 246 -0.87 -19.05 -42.45
C ASN A 246 -0.12 -17.84 -43.00
N SER A 247 0.57 -18.02 -44.13
CA SER A 247 1.38 -16.93 -44.69
C SER A 247 1.65 -17.10 -46.19
N ASN A 248 1.67 -15.97 -46.90
CA ASN A 248 2.09 -15.94 -48.31
C ASN A 248 3.36 -15.11 -48.49
N GLY A 249 4.14 -14.95 -47.42
CA GLY A 249 5.43 -14.29 -47.49
C GLY A 249 5.89 -13.69 -46.18
N ASN A 250 7.21 -13.63 -45.99
CA ASN A 250 7.85 -12.95 -44.86
C ASN A 250 7.78 -13.66 -43.50
N LEU A 251 7.22 -14.86 -43.46
CA LEU A 251 7.14 -15.62 -42.21
C LEU A 251 8.53 -16.03 -41.74
N ILE A 252 8.82 -15.75 -40.48
CA ILE A 252 9.93 -16.37 -39.77
C ILE A 252 9.30 -17.45 -38.89
N ALA A 253 9.37 -18.70 -39.34
CA ALA A 253 8.60 -19.78 -38.75
C ALA A 253 9.25 -20.30 -37.48
N PRO A 254 8.42 -20.84 -36.56
CA PRO A 254 8.95 -21.54 -35.40
C PRO A 254 9.42 -22.93 -35.79
N ARG A 255 10.36 -23.48 -35.02
CA ARG A 255 10.83 -24.85 -35.22
C ARG A 255 10.17 -25.82 -34.23
N GLY A 256 9.38 -25.28 -33.31
CA GLY A 256 8.77 -26.07 -32.24
C GLY A 256 8.29 -25.17 -31.12
N TYR A 257 8.17 -25.72 -29.91
CA TYR A 257 7.66 -24.95 -28.77
C TYR A 257 8.58 -25.01 -27.57
N PHE A 258 8.43 -24.00 -26.70
CA PHE A 258 9.07 -23.99 -25.39
C PHE A 258 8.05 -24.46 -24.37
N LYS A 259 8.47 -25.33 -23.46
CA LYS A 259 7.59 -25.80 -22.40
C LYS A 259 7.38 -24.68 -21.39
N MET A 260 6.15 -24.50 -20.91
CA MET A 260 5.84 -23.45 -19.94
C MET A 260 5.64 -24.07 -18.56
N ARG A 261 6.37 -23.56 -17.59
CA ARG A 261 6.21 -23.97 -16.20
C ARG A 261 5.75 -22.79 -15.35
N THR A 262 5.32 -23.10 -14.12
CA THR A 262 5.03 -22.09 -13.11
C THR A 262 5.85 -22.46 -11.88
N GLY A 263 6.33 -21.46 -11.16
CA GLY A 263 7.12 -21.70 -9.96
C GLY A 263 7.70 -20.41 -9.43
N LYS A 264 8.89 -20.48 -8.86
CA LYS A 264 9.49 -19.34 -8.19
C LYS A 264 10.51 -18.59 -9.05
N SER A 265 10.47 -18.80 -10.37
CA SER A 265 11.50 -18.25 -11.24
C SER A 265 11.32 -16.78 -11.56
N SER A 266 12.44 -16.09 -11.77
CA SER A 266 12.42 -14.69 -12.16
C SER A 266 13.72 -14.27 -12.85
N ILE A 267 13.88 -12.97 -13.09
CA ILE A 267 15.04 -12.42 -13.77
C ILE A 267 15.51 -11.16 -13.02
N MET A 268 16.80 -10.86 -13.08
CA MET A 268 17.37 -9.68 -12.40
C MET A 268 18.52 -9.10 -13.20
N ARG A 269 18.57 -7.77 -13.28
CA ARG A 269 19.70 -7.08 -13.88
C ARG A 269 20.72 -6.75 -12.81
N SER A 270 21.93 -7.30 -12.94
CA SER A 270 23.01 -7.04 -11.99
C SER A 270 24.36 -7.34 -12.60
N ASP A 271 25.38 -6.58 -12.17
CA ASP A 271 26.75 -6.86 -12.56
C ASP A 271 27.55 -7.41 -11.38
N ALA A 272 26.87 -7.86 -10.34
CA ALA A 272 27.54 -8.45 -9.19
C ALA A 272 28.10 -9.82 -9.57
N PRO A 273 29.33 -10.12 -9.14
CA PRO A 273 29.83 -11.47 -9.41
C PRO A 273 29.13 -12.53 -8.56
N ILE A 274 29.03 -13.74 -9.10
CA ILE A 274 28.40 -14.85 -8.40
C ILE A 274 29.48 -15.59 -7.63
N ASP A 275 29.12 -16.12 -6.47
CA ASP A 275 30.10 -16.68 -5.55
C ASP A 275 29.49 -17.90 -4.85
N THR A 276 30.37 -18.75 -4.33
CA THR A 276 29.95 -19.92 -3.58
C THR A 276 29.66 -19.54 -2.12
N CYS A 277 28.38 -19.41 -1.80
CA CYS A 277 27.93 -19.15 -0.43
C CYS A 277 26.42 -19.37 -0.35
N ILE A 278 25.87 -19.28 0.85
CA ILE A 278 24.43 -19.48 1.04
C ILE A 278 23.80 -18.18 1.50
N SER A 279 22.77 -17.74 0.76
CA SER A 279 21.99 -16.58 1.14
C SER A 279 20.60 -16.60 0.49
N GLU A 280 19.55 -16.54 1.31
CA GLU A 280 18.18 -16.60 0.81
C GLU A 280 17.81 -15.38 -0.03
N CYS A 281 18.32 -14.20 0.35
CA CYS A 281 17.92 -12.93 -0.26
C CYS A 281 18.96 -12.41 -1.25
N ILE A 282 18.51 -12.06 -2.45
CA ILE A 282 19.38 -11.53 -3.51
C ILE A 282 18.92 -10.13 -3.89
N THR A 283 19.88 -9.21 -4.05
CA THR A 283 19.62 -7.88 -4.62
C THR A 283 20.61 -7.66 -5.77
N PRO A 284 20.34 -6.67 -6.64
CA PRO A 284 21.31 -6.36 -7.67
C PRO A 284 22.70 -5.97 -7.14
N ASN A 285 22.75 -5.45 -5.92
CA ASN A 285 24.03 -5.13 -5.26
C ASN A 285 24.75 -6.34 -4.72
N GLY A 286 24.08 -7.48 -4.71
CA GLY A 286 24.62 -8.70 -4.12
C GLY A 286 23.67 -9.25 -3.09
N SER A 287 24.00 -10.43 -2.56
CA SER A 287 23.18 -11.04 -1.54
C SER A 287 23.28 -10.23 -0.25
N ILE A 288 22.21 -10.25 0.53
CA ILE A 288 22.19 -9.62 1.84
C ILE A 288 21.59 -10.58 2.85
N PRO A 289 22.05 -10.50 4.10
CA PRO A 289 21.42 -11.32 5.13
C PRO A 289 20.01 -10.82 5.41
N ASN A 290 19.15 -11.72 5.89
CA ASN A 290 17.76 -11.38 6.17
C ASN A 290 17.41 -11.56 7.65
N ASP A 291 18.38 -11.33 8.51
CA ASP A 291 18.15 -11.39 9.95
C ASP A 291 17.38 -10.14 10.43
N LYS A 292 17.51 -9.02 9.71
CA LYS A 292 16.82 -7.79 10.08
C LYS A 292 15.52 -7.65 9.31
N PRO A 293 14.52 -6.97 9.89
CA PRO A 293 13.21 -6.87 9.24
C PRO A 293 13.15 -5.93 8.05
N PHE A 294 14.07 -4.96 8.01
CA PHE A 294 14.08 -3.96 6.94
C PHE A 294 15.47 -3.87 6.29
N GLN A 295 15.51 -3.30 5.10
CA GLN A 295 16.76 -3.11 4.39
C GLN A 295 16.70 -1.87 3.55
N ASN A 296 17.88 -1.31 3.29
CA ASN A 296 18.02 -0.05 2.56
C ASN A 296 18.95 -0.20 1.35
N VAL A 297 19.20 -1.44 0.96
CA VAL A 297 20.19 -1.72 -0.07
C VAL A 297 19.59 -1.52 -1.45
N ASN A 298 18.44 -2.14 -1.70
CA ASN A 298 17.80 -2.01 -3.01
C ASN A 298 16.34 -2.43 -2.96
N LYS A 299 15.48 -1.66 -3.64
CA LYS A 299 14.07 -2.00 -3.74
C LYS A 299 13.85 -3.24 -4.62
N ILE A 300 14.81 -3.53 -5.50
CA ILE A 300 14.80 -4.77 -6.28
C ILE A 300 15.33 -5.91 -5.41
N THR A 301 14.51 -6.93 -5.17
CA THR A 301 14.93 -8.10 -4.38
C THR A 301 14.32 -9.42 -4.90
N TYR A 302 15.00 -10.53 -4.58
CA TYR A 302 14.53 -11.88 -4.89
C TYR A 302 14.83 -12.78 -3.70
N GLY A 303 13.82 -13.52 -3.25
CA GLY A 303 13.98 -14.47 -2.15
C GLY A 303 13.32 -14.00 -0.87
N ALA A 304 13.74 -14.58 0.26
CA ALA A 304 13.25 -14.20 1.59
C ALA A 304 14.02 -12.96 2.05
N CYS A 305 13.48 -11.79 1.76
CA CYS A 305 14.18 -10.53 1.96
C CYS A 305 13.51 -9.60 2.96
N PRO A 306 14.31 -8.77 3.65
CA PRO A 306 13.74 -7.71 4.46
C PRO A 306 12.97 -6.71 3.61
N LYS A 307 12.02 -6.00 4.21
CA LYS A 307 11.23 -5.01 3.49
C LYS A 307 12.10 -3.79 3.19
N TYR A 308 12.04 -3.28 1.97
CA TYR A 308 12.83 -2.10 1.61
C TYR A 308 12.21 -0.83 2.20
N VAL A 309 13.04 -0.04 2.87
CA VAL A 309 12.59 1.22 3.48
C VAL A 309 13.55 2.36 3.11
N LYS A 310 13.08 3.58 3.30
CA LYS A 310 13.86 4.78 2.94
C LYS A 310 14.90 5.14 3.98
N GLN A 311 14.68 4.74 5.23
CA GLN A 311 15.64 5.02 6.30
C GLN A 311 16.92 4.21 6.12
N ASN A 312 18.06 4.81 6.46
CA ASN A 312 19.34 4.07 6.44
C ASN A 312 19.71 3.48 7.79
N THR A 313 19.04 3.91 8.86
CA THR A 313 19.21 3.31 10.17
C THR A 313 17.93 3.43 11.02
N LEU A 314 17.59 2.35 11.71
CA LEU A 314 16.55 2.37 12.75
C LEU A 314 16.99 1.50 13.92
N LYS A 315 17.20 2.13 15.06
CA LYS A 315 17.75 1.45 16.22
C LYS A 315 16.62 1.02 17.14
N LEU A 316 16.60 -0.26 17.50
CA LEU A 316 15.65 -0.79 18.45
C LEU A 316 16.34 -0.92 19.81
N ALA A 317 15.79 -0.23 20.81
CA ALA A 317 16.33 -0.28 22.17
C ALA A 317 16.33 -1.72 22.66
N THR A 318 17.46 -2.17 23.18
CA THR A 318 17.55 -3.51 23.78
C THR A 318 18.04 -3.40 25.22
N GLY A 319 17.82 -2.25 25.84
CA GLY A 319 18.19 -2.01 27.21
C GLY A 319 17.47 -0.80 27.77
N MET A 320 17.66 -0.56 29.06
CA MET A 320 17.01 0.56 29.74
C MET A 320 17.64 1.89 29.35
N ARG A 321 16.97 2.94 29.79
CA ARG A 321 17.48 4.29 29.72
C ARG A 321 18.86 4.37 30.39
N ASN A 322 19.82 5.02 29.74
CA ASN A 322 21.18 5.12 30.26
C ASN A 322 21.38 6.43 31.03
N VAL A 323 21.58 6.32 32.34
CA VAL A 323 21.70 7.50 33.20
C VAL A 323 23.04 7.45 33.92
N PRO A 324 24.10 7.96 33.27
CA PRO A 324 25.45 7.77 33.80
C PRO A 324 25.76 8.53 35.08
N GLU A 325 26.81 8.06 35.78
CA GLU A 325 27.33 8.70 37.00
C GLU A 325 28.00 10.03 36.67
N GLY B 1 10.51 8.04 32.31
CA GLY B 1 9.66 6.83 32.24
C GLY B 1 8.38 6.97 33.04
N LEU B 2 7.39 6.13 32.71
CA LEU B 2 6.06 6.21 33.32
C LEU B 2 6.06 5.93 34.82
N PHE B 3 7.05 5.20 35.32
CA PHE B 3 7.06 4.81 36.72
C PHE B 3 7.97 5.66 37.60
N GLY B 4 8.75 6.54 37.00
CA GLY B 4 9.54 7.51 37.75
C GLY B 4 10.70 6.95 38.56
N ALA B 5 11.14 5.73 38.25
CA ALA B 5 12.26 5.13 38.96
C ALA B 5 13.58 5.44 38.25
N ILE B 6 13.79 4.82 37.09
CA ILE B 6 14.99 5.08 36.28
C ILE B 6 14.90 6.51 35.73
N ALA B 7 15.98 7.26 35.89
CA ALA B 7 16.02 8.69 35.54
C ALA B 7 14.92 9.44 36.29
N GLY B 8 14.59 8.96 37.49
CA GLY B 8 13.58 9.58 38.35
C GLY B 8 14.08 9.60 39.79
N PHE B 9 13.35 8.94 40.69
CA PHE B 9 13.73 8.99 42.11
C PHE B 9 15.02 8.26 42.39
N ILE B 10 15.45 7.40 41.46
CA ILE B 10 16.81 6.88 41.46
C ILE B 10 17.66 7.81 40.60
N GLU B 11 18.56 8.54 41.25
CA GLU B 11 19.21 9.69 40.62
C GLU B 11 20.02 9.28 39.39
N ASN B 12 20.76 8.19 39.50
CA ASN B 12 21.57 7.70 38.39
C ASN B 12 21.88 6.21 38.49
N GLY B 13 22.43 5.67 37.40
CA GLY B 13 22.76 4.25 37.33
C GLY B 13 24.19 3.97 37.77
N TRP B 14 24.54 2.69 37.80
CA TRP B 14 25.85 2.23 38.27
C TRP B 14 26.68 1.60 37.19
N GLU B 15 27.73 2.30 36.74
CA GLU B 15 28.69 1.70 35.79
C GLU B 15 29.41 0.50 36.40
N GLY B 16 29.58 0.51 37.72
CA GLY B 16 30.26 -0.56 38.44
C GLY B 16 29.49 -1.86 38.58
N MET B 17 28.20 -1.87 38.24
CA MET B 17 27.43 -3.11 38.27
C MET B 17 27.47 -3.80 36.90
N ILE B 18 28.44 -4.69 36.73
CA ILE B 18 28.68 -5.36 35.45
C ILE B 18 28.08 -6.77 35.37
N ASP B 19 27.48 -7.25 36.46
CA ASP B 19 26.96 -8.63 36.53
C ASP B 19 25.42 -8.68 36.56
N GLY B 20 24.76 -7.56 36.27
CA GLY B 20 23.30 -7.52 36.27
C GLY B 20 22.72 -6.17 35.94
N TRP B 21 21.42 -6.13 35.67
CA TRP B 21 20.74 -4.90 35.26
C TRP B 21 20.23 -4.13 36.44
N TYR B 22 19.74 -4.85 37.44
CA TYR B 22 19.26 -4.25 38.67
C TYR B 22 19.99 -4.88 39.84
N GLY B 23 20.07 -4.17 40.96
CA GLY B 23 20.73 -4.74 42.14
C GLY B 23 20.74 -3.87 43.38
N PHE B 24 21.53 -4.34 44.36
CA PHE B 24 21.60 -3.72 45.68
C PHE B 24 23.00 -3.25 46.01
N ARG B 25 23.06 -2.14 46.73
CA ARG B 25 24.28 -1.71 47.41
C ARG B 25 23.93 -1.50 48.86
N HIS B 26 24.85 -1.85 49.75
CA HIS B 26 24.55 -1.73 51.17
C HIS B 26 25.72 -1.24 51.95
N GLN B 27 25.41 -0.73 53.14
CA GLN B 27 26.41 -0.46 54.16
C GLN B 27 25.85 -1.00 55.47
N ASN B 28 26.62 -1.88 56.11
CA ASN B 28 26.25 -2.39 57.44
C ASN B 28 27.48 -2.35 58.35
N SER B 29 27.37 -2.98 59.53
CA SER B 29 28.49 -3.03 60.45
C SER B 29 29.71 -3.76 59.88
N GLU B 30 29.49 -4.74 59.00
CA GLU B 30 30.59 -5.51 58.40
C GLU B 30 31.26 -4.81 57.22
N GLY B 31 30.70 -3.71 56.74
CA GLY B 31 31.32 -2.92 55.66
C GLY B 31 30.32 -2.53 54.59
N THR B 32 30.78 -2.49 53.34
CA THR B 32 29.91 -2.19 52.19
C THR B 32 30.00 -3.28 51.13
N GLY B 33 29.00 -3.34 50.27
CA GLY B 33 28.95 -4.37 49.22
C GLY B 33 27.92 -4.11 48.13
N GLN B 34 28.06 -4.86 47.04
CA GLN B 34 27.20 -4.74 45.86
C GLN B 34 26.81 -6.12 45.36
N ALA B 35 25.57 -6.29 44.95
CA ALA B 35 25.12 -7.55 44.37
C ALA B 35 23.97 -7.31 43.39
N ALA B 36 24.01 -8.00 42.26
CA ALA B 36 22.94 -7.91 41.26
C ALA B 36 21.74 -8.72 41.72
N ASP B 37 20.55 -8.29 41.32
CA ASP B 37 19.34 -9.10 41.50
C ASP B 37 19.07 -9.80 40.18
N LEU B 38 19.18 -11.12 40.18
CA LEU B 38 19.09 -11.89 38.93
C LEU B 38 17.65 -12.04 38.43
N LYS B 39 16.70 -12.09 39.35
CA LYS B 39 15.30 -12.31 38.99
C LYS B 39 14.73 -11.15 38.17
N SER B 40 14.94 -9.92 38.63
CA SER B 40 14.47 -8.74 37.93
C SER B 40 15.27 -8.50 36.64
N THR B 41 16.58 -8.74 36.68
CA THR B 41 17.40 -8.63 35.48
C THR B 41 16.83 -9.56 34.40
N GLN B 42 16.52 -10.79 34.79
CA GLN B 42 16.02 -11.79 33.85
C GLN B 42 14.62 -11.44 33.33
N ALA B 43 13.81 -10.81 34.17
CA ALA B 43 12.46 -10.37 33.77
C ALA B 43 12.54 -9.36 32.61
N ALA B 44 13.39 -8.35 32.78
CA ALA B 44 13.62 -7.36 31.74
C ALA B 44 14.21 -8.00 30.48
N ILE B 45 15.24 -8.83 30.65
CA ILE B 45 15.90 -9.45 29.50
C ILE B 45 14.93 -10.33 28.71
N ASP B 46 14.16 -11.14 29.43
CA ASP B 46 13.18 -12.04 28.79
C ASP B 46 12.18 -11.26 27.95
N GLN B 47 11.63 -10.19 28.51
CA GLN B 47 10.66 -9.37 27.79
C GLN B 47 11.26 -8.73 26.54
N ILE B 48 12.47 -8.20 26.66
CA ILE B 48 13.15 -7.58 25.53
C ILE B 48 13.46 -8.64 24.46
N ASN B 49 13.92 -9.81 24.88
CA ASN B 49 14.18 -10.89 23.91
C ASN B 49 12.91 -11.29 23.16
N GLY B 50 11.78 -11.36 23.88
CA GLY B 50 10.52 -11.76 23.28
C GLY B 50 10.08 -10.76 22.23
N LYS B 51 10.19 -9.49 22.62
CA LYS B 51 9.94 -8.35 21.76
C LYS B 51 10.83 -8.42 20.52
N LEU B 52 12.11 -8.66 20.76
CA LEU B 52 13.09 -8.74 19.70
C LEU B 52 12.80 -9.91 18.75
N ASN B 53 12.41 -11.06 19.31
CA ASN B 53 12.08 -12.23 18.48
C ASN B 53 10.84 -12.06 17.63
N ARG B 54 9.92 -11.21 18.05
CA ARG B 54 8.74 -10.94 17.24
C ARG B 54 9.08 -10.07 16.05
N VAL B 55 10.04 -9.17 16.21
CA VAL B 55 10.43 -8.24 15.15
C VAL B 55 11.39 -8.88 14.16
N ILE B 56 12.41 -9.59 14.65
CA ILE B 56 13.49 -10.09 13.80
C ILE B 56 13.16 -11.45 13.18
N GLU B 57 13.78 -11.73 12.04
CA GLU B 57 13.71 -13.03 11.36
C GLU B 57 12.30 -13.48 10.91
N LYS B 58 11.39 -12.53 10.75
CA LYS B 58 10.10 -12.80 10.14
C LYS B 58 10.06 -12.03 8.83
N THR B 59 10.26 -12.74 7.72
CA THR B 59 10.36 -12.11 6.40
C THR B 59 9.57 -12.92 5.40
N ASN B 60 8.82 -12.24 4.54
CA ASN B 60 8.10 -12.96 3.48
C ASN B 60 8.98 -13.18 2.26
N GLU B 61 8.60 -14.20 1.52
CA GLU B 61 9.32 -14.64 0.35
C GLU B 61 8.59 -14.12 -0.88
N LYS B 62 9.27 -13.29 -1.66
CA LYS B 62 8.74 -12.81 -2.95
C LYS B 62 9.71 -13.16 -4.07
N PHE B 63 9.15 -13.61 -5.19
CA PHE B 63 9.95 -14.05 -6.32
C PHE B 63 9.74 -13.10 -7.50
N HIS B 64 8.99 -13.48 -8.52
CA HIS B 64 8.77 -12.58 -9.66
C HIS B 64 7.83 -11.48 -9.27
N GLN B 65 8.22 -10.24 -9.56
CA GLN B 65 7.45 -9.06 -9.15
C GLN B 65 7.31 -8.14 -10.35
N ILE B 66 7.20 -6.84 -10.13
CA ILE B 66 7.26 -5.88 -11.23
C ILE B 66 8.68 -5.35 -11.38
N GLU B 67 8.96 -4.75 -12.54
CA GLU B 67 10.22 -4.06 -12.77
C GLU B 67 10.18 -2.71 -12.06
N LYS B 68 11.35 -2.25 -11.61
CA LYS B 68 11.46 -1.04 -10.78
C LYS B 68 12.50 -0.04 -11.27
N GLU B 69 13.21 -0.37 -12.36
CA GLU B 69 14.13 0.53 -13.04
C GLU B 69 13.87 0.43 -14.52
N PHE B 70 13.97 1.56 -15.22
CA PHE B 70 13.64 1.62 -16.64
C PHE B 70 14.66 2.44 -17.41
N SER B 71 15.00 1.98 -18.61
CA SER B 71 16.02 2.64 -19.41
C SER B 71 15.43 3.65 -20.40
N GLU B 72 14.12 3.57 -20.65
CA GLU B 72 13.44 4.49 -21.55
C GLU B 72 12.26 5.16 -20.84
N VAL B 73 11.81 6.27 -21.40
CA VAL B 73 10.57 6.91 -20.99
C VAL B 73 9.45 6.30 -21.82
N GLU B 74 8.36 5.91 -21.16
CA GLU B 74 7.23 5.21 -21.81
C GLU B 74 5.88 5.87 -21.52
N GLY B 75 5.76 6.54 -20.38
CA GLY B 75 4.53 7.23 -20.03
C GLY B 75 3.66 6.44 -19.08
N ARG B 76 2.39 6.26 -19.45
CA ARG B 76 1.33 5.88 -18.52
C ARG B 76 1.58 4.64 -17.67
N ILE B 77 2.01 3.53 -18.29
CA ILE B 77 2.23 2.26 -17.56
C ILE B 77 3.41 2.38 -16.61
N GLN B 78 4.48 3.02 -17.08
CA GLN B 78 5.68 3.18 -16.28
C GLN B 78 5.42 4.12 -15.10
N ASP B 79 4.62 5.16 -15.33
CA ASP B 79 4.20 6.06 -14.26
C ASP B 79 3.55 5.25 -13.16
N LEU B 80 2.66 4.35 -13.55
CA LEU B 80 1.89 3.54 -12.61
C LEU B 80 2.78 2.54 -11.88
N GLU B 81 3.69 1.90 -12.61
CA GLU B 81 4.64 0.96 -12.01
C GLU B 81 5.47 1.67 -10.94
N LYS B 82 5.99 2.84 -11.29
CA LYS B 82 6.82 3.62 -10.36
C LYS B 82 6.01 4.09 -9.16
N TYR B 83 4.78 4.51 -9.38
CA TYR B 83 3.92 5.03 -8.32
C TYR B 83 3.50 3.93 -7.35
N VAL B 84 3.18 2.76 -7.88
CA VAL B 84 2.85 1.61 -7.06
C VAL B 84 4.00 1.34 -6.09
N GLU B 85 5.22 1.24 -6.63
CA GLU B 85 6.37 0.88 -5.81
C GLU B 85 6.70 1.98 -4.81
N ASP B 86 6.59 3.23 -5.24
CA ASP B 86 6.90 4.35 -4.37
C ASP B 86 5.88 4.43 -3.23
N THR B 87 4.61 4.19 -3.56
CA THR B 87 3.54 4.11 -2.55
C THR B 87 3.83 2.99 -1.53
N LYS B 88 4.29 1.84 -2.01
CA LYS B 88 4.59 0.70 -1.15
C LYS B 88 5.72 1.05 -0.18
N ILE B 89 6.81 1.62 -0.71
CA ILE B 89 7.99 1.91 0.09
C ILE B 89 7.66 2.91 1.20
N ASP B 90 6.87 3.94 0.88
CA ASP B 90 6.52 4.95 1.87
C ASP B 90 5.70 4.36 3.00
N LEU B 91 4.75 3.50 2.66
CA LEU B 91 3.93 2.85 3.67
C LEU B 91 4.78 1.95 4.57
N TRP B 92 5.73 1.22 3.98
CA TRP B 92 6.62 0.38 4.78
C TRP B 92 7.58 1.18 5.61
N SER B 93 8.02 2.31 5.07
CA SER B 93 8.91 3.20 5.80
C SER B 93 8.21 3.78 7.02
N TYR B 94 6.93 4.10 6.88
CA TYR B 94 6.10 4.55 7.99
C TYR B 94 5.95 3.44 9.04
N ASN B 95 5.62 2.24 8.58
CA ASN B 95 5.49 1.11 9.48
C ASN B 95 6.73 0.95 10.32
N ALA B 96 7.89 0.99 9.66
CA ALA B 96 9.17 0.80 10.31
C ALA B 96 9.41 1.92 11.33
N GLU B 97 9.10 3.17 10.95
CA GLU B 97 9.34 4.31 11.83
C GLU B 97 8.46 4.22 13.07
N LEU B 98 7.17 3.95 12.88
CA LEU B 98 6.25 3.82 14.02
C LEU B 98 6.63 2.64 14.90
N LEU B 99 7.02 1.52 14.29
CA LEU B 99 7.32 0.30 15.05
C LEU B 99 8.39 0.59 16.08
N VAL B 100 9.51 1.13 15.60
CA VAL B 100 10.64 1.44 16.47
C VAL B 100 10.28 2.46 17.57
N ALA B 101 9.48 3.47 17.23
CA ALA B 101 9.07 4.48 18.20
C ALA B 101 8.25 3.86 19.33
N LEU B 102 7.23 3.09 18.98
CA LEU B 102 6.39 2.44 19.98
C LEU B 102 7.23 1.47 20.80
N GLU B 103 7.98 0.61 20.12
CA GLU B 103 8.78 -0.40 20.81
C GLU B 103 9.75 0.22 21.82
N ASN B 104 10.47 1.25 21.38
CA ASN B 104 11.48 1.88 22.23
C ASN B 104 10.87 2.61 23.42
N GLN B 105 9.75 3.28 23.20
CA GLN B 105 9.07 3.94 24.29
C GLN B 105 8.67 2.89 25.33
N HIS B 106 8.18 1.77 24.85
CA HIS B 106 7.72 0.68 25.71
C HIS B 106 8.86 0.03 26.45
N THR B 107 9.98 -0.21 25.76
CA THR B 107 11.15 -0.82 26.37
C THR B 107 11.68 0.02 27.54
N ILE B 108 11.68 1.33 27.38
CA ILE B 108 12.06 2.24 28.44
C ILE B 108 11.10 2.13 29.63
N ASP B 109 9.81 2.13 29.35
CA ASP B 109 8.79 2.07 30.41
C ASP B 109 8.82 0.73 31.13
N LEU B 110 9.07 -0.33 30.38
CA LEU B 110 9.09 -1.66 30.94
C LEU B 110 10.29 -1.87 31.86
N THR B 111 11.45 -1.37 31.45
CA THR B 111 12.65 -1.45 32.28
C THR B 111 12.48 -0.57 33.52
N ASP B 112 11.91 0.61 33.33
CA ASP B 112 11.57 1.51 34.44
C ASP B 112 10.65 0.78 35.41
N SER B 113 9.63 0.11 34.86
CA SER B 113 8.69 -0.69 35.65
C SER B 113 9.37 -1.75 36.52
N GLU B 114 10.29 -2.52 35.94
CA GLU B 114 10.97 -3.58 36.68
C GLU B 114 11.79 -3.02 37.85
N MET B 115 12.47 -1.92 37.63
CA MET B 115 13.21 -1.25 38.71
C MET B 115 12.24 -0.97 39.85
N ASN B 116 11.09 -0.40 39.52
CA ASN B 116 10.08 -0.07 40.51
C ASN B 116 9.51 -1.30 41.20
N LYS B 117 9.30 -2.38 40.45
CA LYS B 117 8.82 -3.63 41.02
C LYS B 117 9.76 -4.17 42.08
N LEU B 118 11.06 -4.14 41.80
CA LEU B 118 12.07 -4.61 42.74
C LEU B 118 12.09 -3.74 43.98
N PHE B 119 11.90 -2.44 43.81
CA PHE B 119 11.87 -1.55 44.95
C PHE B 119 10.70 -1.88 45.87
N GLU B 120 9.53 -2.03 45.28
CA GLU B 120 8.31 -2.30 46.04
C GLU B 120 8.35 -3.66 46.71
N LYS B 121 8.92 -4.64 46.00
CA LYS B 121 9.10 -5.98 46.52
C LYS B 121 9.95 -5.94 47.78
N THR B 122 11.04 -5.16 47.74
CA THR B 122 11.94 -5.01 48.89
C THR B 122 11.27 -4.27 50.03
N ARG B 123 10.56 -3.18 49.72
CA ARG B 123 9.83 -2.39 50.71
C ARG B 123 8.89 -3.29 51.50
N ARG B 124 8.17 -4.13 50.76
CA ARG B 124 7.19 -5.04 51.35
C ARG B 124 7.81 -6.04 52.30
N GLN B 125 8.96 -6.60 51.94
CA GLN B 125 9.68 -7.51 52.84
C GLN B 125 9.99 -6.84 54.16
N LEU B 126 10.48 -5.60 54.09
CA LEU B 126 10.99 -4.91 55.27
C LEU B 126 9.91 -4.47 56.26
N ARG B 127 8.66 -4.40 55.82
CA ARG B 127 7.54 -4.05 56.70
C ARG B 127 7.85 -2.79 57.54
N GLU B 128 7.77 -2.88 58.87
CA GLU B 128 7.98 -1.71 59.74
C GLU B 128 9.42 -1.59 60.24
N ASN B 129 10.32 -2.39 59.67
CA ASN B 129 11.70 -2.39 60.12
C ASN B 129 12.58 -1.40 59.36
N ALA B 130 12.03 -0.78 58.32
CA ALA B 130 12.80 0.14 57.48
C ALA B 130 11.97 1.32 57.03
N GLU B 131 12.63 2.43 56.75
CA GLU B 131 11.96 3.57 56.16
C GLU B 131 12.63 3.91 54.85
N GLU B 132 11.91 4.66 54.03
CA GLU B 132 12.41 4.97 52.72
C GLU B 132 12.98 6.39 52.64
N MET B 133 14.24 6.49 52.26
CA MET B 133 14.95 7.76 52.26
C MET B 133 14.59 8.61 51.05
N GLY B 134 13.97 8.00 50.04
CA GLY B 134 13.45 8.73 48.88
C GLY B 134 14.36 8.76 47.66
N ASN B 135 15.51 8.11 47.75
CA ASN B 135 16.49 8.07 46.66
C ASN B 135 16.76 6.64 46.21
N GLY B 136 15.84 5.73 46.54
CA GLY B 136 16.02 4.32 46.24
C GLY B 136 16.64 3.55 47.38
N CYS B 137 17.02 4.25 48.45
CA CYS B 137 17.65 3.61 49.61
C CYS B 137 16.68 3.48 50.76
N PHE B 138 16.77 2.34 51.45
CA PHE B 138 16.06 2.13 52.70
C PHE B 138 17.02 2.32 53.85
N LYS B 139 16.57 2.97 54.91
CA LYS B 139 17.27 2.94 56.18
C LYS B 139 16.67 1.79 56.98
N ILE B 140 17.47 0.76 57.23
CA ILE B 140 17.05 -0.38 58.03
C ILE B 140 17.39 -0.07 59.48
N TYR B 141 16.39 -0.12 60.36
CA TYR B 141 16.54 0.36 61.73
C TYR B 141 17.00 -0.71 62.74
N HIS B 142 17.85 -1.63 62.29
CA HIS B 142 18.43 -2.64 63.15
C HIS B 142 19.74 -3.11 62.61
N LYS B 143 20.59 -3.63 63.49
CA LYS B 143 21.83 -4.28 63.05
C LYS B 143 21.47 -5.40 62.06
N CYS B 144 22.04 -5.32 60.86
CA CYS B 144 21.73 -6.24 59.76
C CYS B 144 23.03 -6.66 59.10
N ASP B 145 23.61 -7.75 59.57
CA ASP B 145 24.90 -8.25 59.05
C ASP B 145 24.79 -8.75 57.61
N ASN B 146 25.92 -9.21 57.05
CA ASN B 146 25.96 -9.66 55.65
C ASN B 146 24.92 -10.75 55.35
N ALA B 147 24.71 -11.66 56.30
CA ALA B 147 23.69 -12.70 56.18
C ALA B 147 22.30 -12.08 56.12
N CYS B 148 22.06 -11.11 57.01
CA CYS B 148 20.79 -10.41 57.06
C CYS B 148 20.51 -9.65 55.75
N ILE B 149 21.53 -9.00 55.20
CA ILE B 149 21.38 -8.31 53.91
C ILE B 149 21.07 -9.31 52.81
N GLU B 150 21.81 -10.42 52.78
CA GLU B 150 21.59 -11.46 51.79
C GLU B 150 20.18 -12.07 51.91
N SER B 151 19.65 -12.14 53.14
CA SER B 151 18.29 -12.65 53.34
C SER B 151 17.24 -11.74 52.68
N ILE B 152 17.51 -10.43 52.65
CA ILE B 152 16.63 -9.48 51.97
C ILE B 152 16.73 -9.70 50.48
N ARG B 153 17.96 -9.86 49.99
CA ARG B 153 18.23 -9.97 48.57
C ARG B 153 17.67 -11.25 47.95
N ASN B 154 17.64 -12.35 48.71
CA ASN B 154 17.10 -13.61 48.21
C ASN B 154 15.67 -13.90 48.68
N GLY B 155 15.02 -12.90 49.29
CA GLY B 155 13.59 -12.95 49.58
C GLY B 155 13.15 -13.79 50.76
N THR B 156 14.02 -14.03 51.73
CA THR B 156 13.70 -14.86 52.90
C THR B 156 13.77 -14.10 54.24
N TYR B 157 13.94 -12.78 54.17
CA TYR B 157 14.02 -11.91 55.36
C TYR B 157 12.77 -12.03 56.23
N ASP B 158 12.97 -12.34 57.51
CA ASP B 158 11.88 -12.49 58.46
C ASP B 158 11.78 -11.24 59.34
N HIS B 159 10.85 -10.35 58.99
CA HIS B 159 10.74 -9.07 59.69
C HIS B 159 10.44 -9.21 61.17
N ASP B 160 9.73 -10.26 61.55
CA ASP B 160 9.38 -10.47 62.96
C ASP B 160 10.60 -10.60 63.87
N VAL B 161 11.67 -11.21 63.33
CA VAL B 161 12.91 -11.38 64.09
C VAL B 161 13.45 -10.04 64.56
N TYR B 162 13.37 -9.01 63.72
CA TYR B 162 13.99 -7.71 64.01
C TYR B 162 12.99 -6.62 64.41
N ARG B 163 11.70 -6.92 64.44
CA ARG B 163 10.67 -5.89 64.62
C ARG B 163 10.81 -5.09 65.92
N ASP B 164 10.94 -5.79 67.05
CA ASP B 164 11.09 -5.10 68.34
C ASP B 164 12.27 -4.12 68.33
N GLU B 165 13.41 -4.58 67.83
CA GLU B 165 14.60 -3.74 67.72
C GLU B 165 14.36 -2.53 66.81
N ALA B 166 13.76 -2.78 65.64
CA ALA B 166 13.52 -1.72 64.66
C ALA B 166 12.52 -0.67 65.15
N LEU B 167 11.39 -1.12 65.68
CA LEU B 167 10.37 -0.21 66.21
C LEU B 167 10.93 0.66 67.33
N ASN B 168 11.86 0.12 68.09
CA ASN B 168 12.49 0.86 69.17
C ASN B 168 13.37 2.00 68.65
N ASN B 169 14.17 1.70 67.62
CA ASN B 169 15.05 2.71 67.02
C ASN B 169 14.27 3.77 66.23
N ARG B 170 13.26 3.34 65.48
CA ARG B 170 12.43 4.26 64.69
C ARG B 170 11.74 5.34 65.51
N PHE B 171 11.00 4.92 66.55
CA PHE B 171 10.13 5.83 67.30
C PHE B 171 10.74 6.20 68.66
N GLN B 172 11.91 6.81 68.63
CA GLN B 172 12.58 7.21 69.87
C GLN B 172 13.76 8.17 69.65
N ILE B 173 13.66 9.40 70.18
CA ILE B 173 14.81 10.31 70.35
C ILE B 173 14.75 10.92 71.76
N ASN C 8 -5.98 20.76 64.49
CA ASN C 8 -4.78 21.61 64.81
C ASN C 8 -4.15 21.24 66.18
N SER C 9 -2.80 21.27 66.31
CA SER C 9 -1.86 21.87 65.34
C SER C 9 -1.30 20.90 64.30
N THR C 10 -1.96 20.91 63.15
CA THR C 10 -1.60 20.11 61.99
C THR C 10 -1.75 20.98 60.75
N ALA C 11 -1.40 20.43 59.59
CA ALA C 11 -1.58 21.13 58.31
C ALA C 11 -2.11 20.14 57.30
N THR C 12 -2.76 20.64 56.25
CA THR C 12 -3.23 19.81 55.15
C THR C 12 -2.54 20.25 53.88
N LEU C 13 -2.04 19.29 53.11
CA LEU C 13 -1.43 19.57 51.82
C LEU C 13 -2.05 18.65 50.77
N CYS C 14 -2.84 19.22 49.87
CA CYS C 14 -3.48 18.45 48.81
C CYS C 14 -2.78 18.64 47.48
N LEU C 15 -2.54 17.53 46.80
CA LEU C 15 -1.98 17.55 45.45
C LEU C 15 -3.11 17.45 44.45
N GLY C 16 -2.92 18.09 43.30
CA GLY C 16 -3.97 18.11 42.27
C GLY C 16 -3.46 18.49 40.90
N HIS C 17 -4.39 18.63 39.97
CA HIS C 17 -4.09 18.96 38.59
C HIS C 17 -5.15 19.89 38.08
N HIS C 18 -4.86 20.55 36.96
CA HIS C 18 -5.78 21.57 36.44
C HIS C 18 -6.90 20.99 35.62
N ALA C 19 -7.87 21.84 35.32
CA ALA C 19 -8.98 21.50 34.45
C ALA C 19 -9.41 22.78 33.74
N VAL C 20 -10.14 22.63 32.63
CA VAL C 20 -10.65 23.77 31.88
C VAL C 20 -12.17 23.66 31.75
N PRO C 21 -12.86 24.80 31.62
CA PRO C 21 -14.32 24.75 31.45
C PRO C 21 -14.74 24.22 30.06
N ASN C 22 -13.92 24.48 29.05
CA ASN C 22 -14.20 24.11 27.65
C ASN C 22 -13.21 23.08 27.13
N GLY C 23 -13.44 21.80 27.43
CA GLY C 23 -12.54 20.75 26.96
C GLY C 23 -12.78 20.38 25.51
N THR C 24 -11.97 19.46 25.01
CA THR C 24 -12.13 18.93 23.65
C THR C 24 -12.26 17.42 23.72
N LEU C 25 -13.18 16.87 22.93
CA LEU C 25 -13.35 15.42 22.82
C LEU C 25 -12.34 14.85 21.83
N VAL C 26 -11.71 13.73 22.20
CA VAL C 26 -10.77 13.03 21.33
C VAL C 26 -11.02 11.53 21.36
N LYS C 27 -10.43 10.83 20.40
CA LYS C 27 -10.54 9.37 20.30
C LYS C 27 -9.31 8.71 20.88
N THR C 28 -9.50 7.56 21.54
CA THR C 28 -8.37 6.78 22.05
C THR C 28 -8.56 5.31 21.67
N ILE C 29 -7.74 4.43 22.24
CA ILE C 29 -7.87 2.99 22.02
C ILE C 29 -9.14 2.43 22.63
N THR C 30 -9.44 2.86 23.86
CA THR C 30 -10.57 2.33 24.60
C THR C 30 -11.82 3.20 24.52
N ASP C 31 -11.72 4.39 23.94
CA ASP C 31 -12.81 5.37 23.98
C ASP C 31 -13.06 6.06 22.64
N ASP C 32 -14.32 6.08 22.26
CA ASP C 32 -14.76 6.71 21.04
C ASP C 32 -14.70 8.24 21.16
N GLN C 33 -15.06 8.75 22.34
CA GLN C 33 -14.99 10.17 22.61
C GLN C 33 -14.71 10.36 24.10
N ILE C 34 -13.63 11.06 24.42
CA ILE C 34 -13.28 11.33 25.81
C ILE C 34 -12.65 12.72 25.91
N GLU C 35 -12.99 13.45 26.97
CA GLU C 35 -12.64 14.86 27.06
C GLU C 35 -11.26 15.11 27.66
N VAL C 36 -10.43 15.84 26.91
CA VAL C 36 -9.11 16.28 27.38
C VAL C 36 -9.09 17.81 27.44
N THR C 37 -8.06 18.38 28.06
CA THR C 37 -8.01 19.83 28.28
C THR C 37 -7.80 20.62 26.99
N ASN C 38 -7.11 20.02 26.03
CA ASN C 38 -6.81 20.69 24.77
C ASN C 38 -6.38 19.67 23.72
N ALA C 39 -6.61 19.97 22.45
CA ALA C 39 -6.20 19.10 21.34
C ALA C 39 -5.80 19.95 20.14
N THR C 40 -5.20 19.31 19.14
CA THR C 40 -4.85 20.00 17.91
C THR C 40 -5.25 19.17 16.67
N GLU C 41 -5.66 19.88 15.60
CA GLU C 41 -6.17 19.25 14.40
C GLU C 41 -5.04 18.76 13.51
N LEU C 42 -5.13 17.49 13.10
CA LEU C 42 -4.10 16.90 12.24
C LEU C 42 -4.52 16.79 10.77
N VAL C 43 -5.78 17.10 10.46
CA VAL C 43 -6.26 17.04 9.07
C VAL C 43 -6.53 18.43 8.53
N GLN C 44 -5.75 18.83 7.53
CA GLN C 44 -5.94 20.10 6.84
C GLN C 44 -7.14 19.94 5.92
N SER C 45 -8.17 20.76 6.12
CA SER C 45 -9.42 20.59 5.36
C SER C 45 -9.89 21.84 4.62
N SER C 46 -9.06 22.89 4.62
CA SER C 46 -9.43 24.11 3.90
C SER C 46 -8.31 24.59 2.98
N SER C 47 -8.70 25.40 2.00
CA SER C 47 -7.78 26.04 1.06
C SER C 47 -8.23 27.47 0.83
N THR C 48 -7.31 28.33 0.43
CA THR C 48 -7.65 29.71 0.05
C THR C 48 -8.43 29.77 -1.25
N GLY C 49 -8.31 28.74 -2.08
CA GLY C 49 -8.96 28.71 -3.39
C GLY C 49 -8.05 29.19 -4.51
N LYS C 50 -6.80 29.52 -4.16
CA LYS C 50 -5.86 30.13 -5.10
C LYS C 50 -4.52 29.39 -5.09
N ILE C 51 -3.91 29.24 -6.27
CA ILE C 51 -2.60 28.61 -6.40
C ILE C 51 -1.51 29.67 -6.28
N CYS C 52 -0.65 29.53 -5.28
CA CYS C 52 0.44 30.49 -5.04
C CYS C 52 1.54 30.30 -6.07
N ASN C 53 2.06 31.41 -6.60
CA ASN C 53 3.06 31.37 -7.69
C ASN C 53 4.49 31.17 -7.23
N ASN C 54 4.68 31.02 -5.91
CA ASN C 54 5.95 30.59 -5.33
C ASN C 54 5.75 29.45 -4.32
N PRO C 55 6.79 28.64 -4.10
CA PRO C 55 8.13 28.70 -4.71
C PRO C 55 8.23 28.03 -6.07
N HIS C 56 7.19 27.30 -6.48
CA HIS C 56 7.25 26.56 -7.74
C HIS C 56 6.92 27.45 -8.89
N ARG C 57 7.53 27.17 -10.04
CA ARG C 57 7.23 27.89 -11.27
C ARG C 57 5.94 27.38 -11.88
N ILE C 58 4.91 28.22 -11.88
CA ILE C 58 3.60 27.83 -12.38
C ILE C 58 3.40 28.45 -13.74
N LEU C 59 3.09 27.63 -14.74
CA LEU C 59 2.78 28.11 -16.09
C LEU C 59 1.29 27.90 -16.34
N ASP C 60 0.55 28.98 -16.51
CA ASP C 60 -0.88 28.92 -16.79
C ASP C 60 -1.11 28.65 -18.27
N GLY C 61 -1.72 27.52 -18.57
CA GLY C 61 -2.03 27.15 -19.96
C GLY C 61 -3.08 28.03 -20.62
N ILE C 62 -3.87 28.73 -19.82
CA ILE C 62 -4.92 29.62 -20.33
C ILE C 62 -5.82 28.88 -21.34
N ASP C 63 -5.73 29.22 -22.63
CA ASP C 63 -6.59 28.60 -23.65
C ASP C 63 -6.00 27.31 -24.25
N CYS C 64 -4.89 26.84 -23.69
CA CYS C 64 -4.10 25.79 -24.33
C CYS C 64 -3.86 24.57 -23.43
N THR C 65 -4.05 23.39 -23.99
CA THR C 65 -3.58 22.15 -23.39
C THR C 65 -2.08 22.06 -23.68
N LEU C 66 -1.36 21.28 -22.87
CA LEU C 66 0.07 21.09 -23.09
C LEU C 66 0.33 20.53 -24.49
N ILE C 67 -0.48 19.57 -24.91
CA ILE C 67 -0.29 18.95 -26.22
C ILE C 67 -0.44 19.96 -27.38
N ASP C 68 -1.41 20.87 -27.27
CA ASP C 68 -1.55 21.92 -28.28
C ASP C 68 -0.41 22.94 -28.23
N ALA C 69 0.14 23.17 -27.05
CA ALA C 69 1.34 24.01 -26.92
C ALA C 69 2.55 23.32 -27.56
N LEU C 70 2.61 21.99 -27.40
CA LEU C 70 3.70 21.19 -27.95
C LEU C 70 3.65 21.23 -29.48
N LEU C 71 2.52 20.80 -30.03
CA LEU C 71 2.35 20.71 -31.48
C LEU C 71 2.51 22.07 -32.15
N GLY C 72 2.02 23.12 -31.50
CA GLY C 72 2.11 24.47 -32.06
C GLY C 72 0.83 24.93 -32.73
N ASP C 73 -0.29 24.71 -32.05
CA ASP C 73 -1.58 25.28 -32.44
C ASP C 73 -1.38 26.81 -32.43
N PRO C 74 -1.65 27.49 -33.56
CA PRO C 74 -1.34 28.92 -33.66
C PRO C 74 -1.64 29.75 -32.41
N HIS C 75 -2.83 29.59 -31.83
CA HIS C 75 -3.18 30.40 -30.65
C HIS C 75 -2.41 30.03 -29.40
N CYS C 76 -1.59 28.97 -29.49
CA CYS C 76 -0.71 28.57 -28.41
C CYS C 76 0.76 28.88 -28.70
N ASP C 77 1.02 29.74 -29.68
CA ASP C 77 2.39 30.08 -30.05
C ASP C 77 3.16 30.78 -28.94
N VAL C 78 2.44 31.50 -28.09
CA VAL C 78 3.06 32.16 -26.95
C VAL C 78 3.85 31.19 -26.05
N PHE C 79 3.55 29.89 -26.12
CA PHE C 79 4.19 28.89 -25.28
C PHE C 79 5.49 28.29 -25.85
N GLN C 80 5.94 28.77 -27.01
CA GLN C 80 7.17 28.23 -27.60
C GLN C 80 8.35 28.36 -26.62
N ASN C 81 9.10 27.27 -26.49
CA ASN C 81 10.29 27.22 -25.61
C ASN C 81 10.00 27.47 -24.13
N GLU C 82 8.73 27.40 -23.72
CA GLU C 82 8.39 27.63 -22.31
C GLU C 82 8.82 26.49 -21.41
N THR C 83 8.91 26.77 -20.12
CA THR C 83 9.29 25.80 -19.12
C THR C 83 8.39 25.98 -17.90
N TRP C 84 8.31 24.95 -17.06
CA TRP C 84 7.45 24.97 -15.89
C TRP C 84 7.87 23.96 -14.86
N ASP C 85 7.52 24.24 -13.61
CA ASP C 85 7.50 23.21 -12.58
C ASP C 85 6.12 22.55 -12.58
N LEU C 86 5.07 23.36 -12.70
CA LEU C 86 3.69 22.86 -12.80
C LEU C 86 2.95 23.58 -13.93
N PHE C 87 2.51 22.81 -14.92
CA PHE C 87 1.70 23.33 -16.02
C PHE C 87 0.24 23.15 -15.60
N VAL C 88 -0.51 24.24 -15.58
CA VAL C 88 -1.92 24.19 -15.20
C VAL C 88 -2.83 24.24 -16.43
N GLU C 89 -3.55 23.15 -16.69
CA GLU C 89 -4.51 23.11 -17.79
C GLU C 89 -5.89 23.57 -17.32
N ARG C 90 -6.45 24.55 -18.04
CA ARG C 90 -7.75 25.12 -17.72
C ARG C 90 -8.84 24.42 -18.50
N SER C 91 -10.03 24.35 -17.91
CA SER C 91 -11.16 23.69 -18.55
C SER C 91 -11.67 24.46 -19.76
N LYS C 92 -11.33 25.73 -19.88
CA LYS C 92 -11.72 26.54 -21.02
C LYS C 92 -10.82 26.38 -22.24
N ALA C 93 -9.79 25.54 -22.14
CA ALA C 93 -8.86 25.34 -23.25
C ALA C 93 -9.59 24.77 -24.47
N PHE C 94 -9.10 25.09 -25.66
CA PHE C 94 -9.68 24.58 -26.90
C PHE C 94 -8.61 24.43 -27.98
N SER C 95 -8.85 23.51 -28.91
CA SER C 95 -8.00 23.33 -30.08
C SER C 95 -8.55 24.13 -31.23
N ASN C 96 -7.67 24.64 -32.09
CA ASN C 96 -8.11 25.49 -33.19
C ASN C 96 -7.20 25.36 -34.41
N CYS C 97 -6.68 24.15 -34.63
CA CYS C 97 -5.82 23.88 -35.76
C CYS C 97 -6.43 22.69 -36.51
N TYR C 98 -5.60 21.86 -37.14
CA TYR C 98 -6.10 20.69 -37.88
C TYR C 98 -6.65 19.67 -36.87
N PRO C 99 -7.80 19.06 -37.17
CA PRO C 99 -8.32 18.06 -36.23
C PRO C 99 -7.40 16.84 -36.14
N TYR C 100 -7.11 16.41 -34.92
CA TYR C 100 -6.10 15.39 -34.69
C TYR C 100 -6.48 14.47 -33.53
N ASP C 101 -5.82 13.33 -33.45
CA ASP C 101 -5.86 12.48 -32.27
C ASP C 101 -4.46 12.00 -31.96
N VAL C 102 -4.23 11.63 -30.70
CA VAL C 102 -2.96 11.05 -30.27
C VAL C 102 -3.25 9.70 -29.64
N PRO C 103 -2.94 8.61 -30.34
CA PRO C 103 -3.03 7.32 -29.68
C PRO C 103 -2.15 7.35 -28.45
N ASP C 104 -2.70 6.93 -27.31
CA ASP C 104 -1.96 7.02 -26.05
C ASP C 104 -1.59 8.49 -25.76
N TYR C 105 -2.60 9.35 -25.88
CA TYR C 105 -2.50 10.78 -25.55
C TYR C 105 -1.98 10.99 -24.13
N ALA C 106 -2.53 10.23 -23.19
CA ALA C 106 -2.14 10.31 -21.78
C ALA C 106 -0.63 10.23 -21.57
N SER C 107 0.03 9.34 -22.30
CA SER C 107 1.45 9.09 -22.13
C SER C 107 2.28 10.22 -22.69
N LEU C 108 1.92 10.71 -23.87
CA LEU C 108 2.65 11.84 -24.46
C LEU C 108 2.52 13.07 -23.54
N ARG C 109 1.30 13.32 -23.09
CA ARG C 109 1.06 14.40 -22.13
C ARG C 109 1.91 14.22 -20.88
N SER C 110 1.89 13.01 -20.32
CA SER C 110 2.65 12.71 -19.11
C SER C 110 4.14 12.96 -19.31
N LEU C 111 4.70 12.40 -20.38
CA LEU C 111 6.15 12.46 -20.56
C LEU C 111 6.65 13.88 -20.87
N VAL C 112 5.87 14.65 -21.62
CA VAL C 112 6.20 16.08 -21.81
C VAL C 112 6.02 16.84 -20.49
N ALA C 113 4.90 16.61 -19.80
CA ALA C 113 4.63 17.26 -18.51
C ALA C 113 5.82 17.06 -17.56
N SER C 114 6.28 15.82 -17.48
CA SER C 114 7.36 15.45 -16.59
C SER C 114 8.71 16.05 -16.98
N SER C 115 8.92 16.24 -18.28
CA SER C 115 10.17 16.82 -18.78
C SER C 115 10.29 18.29 -18.37
N GLY C 116 9.19 19.03 -18.48
CA GLY C 116 9.11 20.37 -17.92
C GLY C 116 9.59 21.48 -18.84
N THR C 117 9.68 21.18 -20.13
CA THR C 117 10.17 22.15 -21.12
C THR C 117 9.61 21.86 -22.50
N LEU C 118 9.35 22.93 -23.27
CA LEU C 118 8.96 22.81 -24.67
C LEU C 118 10.08 23.36 -25.58
N GLU C 119 11.27 23.49 -24.99
CA GLU C 119 12.46 23.94 -25.70
C GLU C 119 12.64 23.09 -26.95
N PHE C 120 12.66 23.74 -28.10
CA PHE C 120 12.63 23.07 -29.39
C PHE C 120 13.78 23.53 -30.28
N ILE C 121 14.53 22.57 -30.83
CA ILE C 121 15.65 22.87 -31.71
C ILE C 121 15.27 22.46 -33.12
N THR C 122 15.33 23.40 -34.05
CA THR C 122 15.05 23.10 -35.45
C THR C 122 16.26 22.41 -36.07
N GLU C 123 15.99 21.34 -36.82
CA GLU C 123 17.03 20.59 -37.53
C GLU C 123 16.78 20.66 -39.03
N GLY C 124 17.86 20.60 -39.81
CA GLY C 124 17.78 20.71 -41.25
C GLY C 124 17.50 19.39 -41.94
N PHE C 125 16.27 18.91 -41.84
CA PHE C 125 15.85 17.74 -42.59
C PHE C 125 15.77 18.14 -44.05
N THR C 126 16.29 17.28 -44.93
CA THR C 126 16.14 17.47 -46.37
C THR C 126 15.04 16.57 -46.90
N TRP C 127 14.00 17.19 -47.44
CA TRP C 127 12.89 16.47 -48.05
C TRP C 127 12.93 16.66 -49.54
N THR C 128 13.60 15.75 -50.24
CA THR C 128 13.83 15.88 -51.67
C THR C 128 12.63 15.37 -52.46
N GLY C 129 12.15 16.18 -53.40
CA GLY C 129 11.09 15.78 -54.32
C GLY C 129 9.67 15.90 -53.78
N VAL C 130 9.50 16.72 -52.73
CA VAL C 130 8.17 16.97 -52.14
C VAL C 130 8.00 18.43 -51.77
N THR C 131 6.74 18.89 -51.75
CA THR C 131 6.41 20.24 -51.35
C THR C 131 6.25 20.31 -49.84
N GLN C 132 6.85 21.33 -49.22
CA GLN C 132 6.83 21.48 -47.76
C GLN C 132 5.77 22.49 -47.32
N ASN C 133 5.61 22.60 -46.00
CA ASN C 133 4.84 23.67 -45.38
C ASN C 133 3.38 23.72 -45.80
N GLY C 134 2.76 22.55 -45.97
CA GLY C 134 1.34 22.48 -46.26
C GLY C 134 0.50 23.04 -45.13
N GLY C 135 -0.62 23.66 -45.47
CA GLY C 135 -1.51 24.29 -44.48
C GLY C 135 -2.98 24.05 -44.76
N SER C 136 -3.82 24.56 -43.85
CA SER C 136 -5.26 24.36 -43.92
C SER C 136 -5.99 25.55 -43.33
N ASN C 137 -7.20 25.80 -43.84
CA ASN C 137 -8.07 26.83 -43.29
C ASN C 137 -8.72 26.42 -41.97
N ALA C 138 -8.56 25.14 -41.60
CA ALA C 138 -8.92 24.69 -40.27
C ALA C 138 -7.92 25.19 -39.24
N CYS C 139 -6.74 25.62 -39.70
CA CYS C 139 -5.66 26.07 -38.84
C CYS C 139 -5.10 27.42 -39.30
N LYS C 140 -5.91 28.46 -39.23
CA LYS C 140 -5.49 29.79 -39.71
C LYS C 140 -4.43 30.41 -38.82
N ARG C 141 -3.37 30.91 -39.44
CA ARG C 141 -2.38 31.77 -38.81
C ARG C 141 -2.35 33.07 -39.60
N GLY C 142 -2.76 34.17 -38.94
CA GLY C 142 -3.05 35.40 -39.65
C GLY C 142 -4.33 35.21 -40.45
N PRO C 143 -4.44 35.89 -41.61
CA PRO C 143 -5.63 35.72 -42.45
C PRO C 143 -5.59 34.44 -43.29
N GLY C 144 -4.39 34.02 -43.71
CA GLY C 144 -4.22 32.85 -44.56
C GLY C 144 -4.24 31.52 -43.82
N SER C 145 -4.19 30.43 -44.59
CA SER C 145 -4.17 29.09 -44.05
C SER C 145 -2.82 28.81 -43.38
N GLY C 146 -2.81 27.86 -42.45
CA GLY C 146 -1.61 27.53 -41.69
C GLY C 146 -1.63 26.11 -41.14
N PHE C 147 -0.77 25.85 -40.16
CA PHE C 147 -0.57 24.51 -39.64
C PHE C 147 0.19 24.56 -38.32
N PHE C 148 0.29 23.41 -37.67
CA PHE C 148 1.09 23.29 -36.44
C PHE C 148 2.50 23.79 -36.69
N SER C 149 2.99 24.63 -35.78
CA SER C 149 4.28 25.30 -35.96
C SER C 149 5.48 24.36 -35.92
N ARG C 150 5.32 23.20 -35.28
CA ARG C 150 6.43 22.25 -35.13
C ARG C 150 6.34 21.04 -36.06
N LEU C 151 5.35 21.03 -36.93
CA LEU C 151 5.16 19.94 -37.90
C LEU C 151 5.20 20.49 -39.32
N ASN C 152 5.70 19.65 -40.24
CA ASN C 152 5.89 20.04 -41.64
C ASN C 152 5.07 19.09 -42.51
N TRP C 153 3.97 19.61 -43.07
CA TRP C 153 3.07 18.82 -43.91
C TRP C 153 3.62 18.70 -45.30
N LEU C 154 4.06 17.50 -45.66
CA LEU C 154 4.64 17.24 -46.98
C LEU C 154 3.58 16.73 -47.95
N THR C 155 3.65 17.21 -49.19
CA THR C 155 2.78 16.75 -50.26
C THR C 155 3.60 16.60 -51.54
N LYS C 156 2.97 16.06 -52.59
CA LYS C 156 3.67 15.81 -53.84
C LYS C 156 4.33 17.06 -54.40
N SER C 157 5.35 16.86 -55.22
CA SER C 157 5.95 17.91 -56.02
C SER C 157 5.78 17.54 -57.48
N GLY C 158 4.92 18.26 -58.19
CA GLY C 158 4.74 18.03 -59.62
C GLY C 158 4.24 16.68 -60.13
N SER C 159 3.37 16.00 -59.41
CA SER C 159 2.80 14.68 -59.82
C SER C 159 3.65 13.47 -59.40
N THR C 160 4.78 13.73 -58.75
CA THR C 160 5.62 12.70 -58.17
C THR C 160 5.63 12.86 -56.63
N TYR C 161 5.55 11.75 -55.89
CA TYR C 161 5.86 11.73 -54.45
C TYR C 161 6.75 10.51 -54.22
N PRO C 162 8.05 10.74 -54.01
CA PRO C 162 9.00 9.63 -53.98
C PRO C 162 9.06 8.98 -52.60
N VAL C 163 9.82 7.89 -52.50
CA VAL C 163 10.08 7.25 -51.22
C VAL C 163 11.10 8.10 -50.47
N LEU C 164 10.64 8.78 -49.43
CA LEU C 164 11.51 9.57 -48.57
C LEU C 164 12.30 8.65 -47.64
N ASN C 165 13.60 8.89 -47.55
CA ASN C 165 14.50 8.12 -46.70
C ASN C 165 15.48 9.10 -46.07
N VAL C 166 15.06 9.74 -44.99
CA VAL C 166 15.87 10.76 -44.33
C VAL C 166 16.35 10.27 -42.98
N THR C 167 17.56 10.69 -42.59
CA THR C 167 18.13 10.30 -41.29
C THR C 167 18.65 11.49 -40.52
N MET C 168 18.73 11.33 -39.20
CA MET C 168 19.20 12.39 -38.34
C MET C 168 19.77 11.78 -37.05
N PRO C 169 21.11 11.72 -36.95
CA PRO C 169 21.75 11.11 -35.79
C PRO C 169 21.75 12.01 -34.56
N ASN C 170 21.59 11.41 -33.38
CA ASN C 170 21.77 12.14 -32.13
C ASN C 170 23.24 12.05 -31.73
N ASN C 171 23.98 13.11 -32.02
CA ASN C 171 25.38 13.22 -31.61
C ASN C 171 25.56 14.02 -30.33
N ASP C 172 24.45 14.50 -29.77
CA ASP C 172 24.50 15.24 -28.52
C ASP C 172 24.57 14.27 -27.34
N ASN C 173 24.67 14.81 -26.13
CA ASN C 173 24.75 14.01 -24.91
C ASN C 173 23.44 14.01 -24.10
N PHE C 174 22.32 14.22 -24.78
CA PHE C 174 20.99 14.19 -24.16
C PHE C 174 19.98 13.53 -25.09
N ASP C 175 18.82 13.18 -24.54
CA ASP C 175 17.75 12.53 -25.30
C ASP C 175 16.99 13.55 -26.14
N LYS C 176 16.61 13.16 -27.35
CA LYS C 176 15.81 14.00 -28.22
C LYS C 176 14.40 13.43 -28.32
N LEU C 177 13.39 14.29 -28.14
CA LEU C 177 11.98 13.88 -28.36
C LEU C 177 11.51 14.39 -29.71
N TYR C 178 11.13 13.48 -30.60
CA TYR C 178 10.61 13.85 -31.91
C TYR C 178 9.11 13.60 -31.94
N ILE C 179 8.34 14.65 -32.26
CA ILE C 179 6.90 14.54 -32.50
C ILE C 179 6.64 14.56 -34.01
N TRP C 180 5.89 13.59 -34.49
CA TRP C 180 5.56 13.50 -35.91
C TRP C 180 4.19 12.91 -36.07
N GLY C 181 3.71 12.74 -37.30
CA GLY C 181 2.38 12.20 -37.49
C GLY C 181 2.09 11.65 -38.87
N ILE C 182 0.84 11.25 -39.05
CA ILE C 182 0.36 10.73 -40.33
C ILE C 182 -0.99 11.36 -40.67
N HIS C 183 -1.24 11.58 -41.96
CA HIS C 183 -2.48 12.19 -42.42
C HIS C 183 -3.43 11.13 -42.90
N HIS C 184 -4.66 11.17 -42.39
CA HIS C 184 -5.75 10.29 -42.84
C HIS C 184 -6.70 11.06 -43.72
N PRO C 185 -6.60 10.88 -45.05
CA PRO C 185 -7.55 11.59 -45.91
C PRO C 185 -8.96 11.03 -45.82
N SER C 186 -9.94 11.83 -46.24
CA SER C 186 -11.35 11.41 -46.18
C SER C 186 -11.80 10.63 -47.42
N THR C 187 -11.10 10.80 -48.54
CA THR C 187 -11.46 10.14 -49.80
C THR C 187 -10.21 9.71 -50.59
N ASN C 188 -10.39 8.76 -51.50
CA ASN C 188 -9.30 8.32 -52.38
C ASN C 188 -8.82 9.45 -53.31
N GLN C 189 -9.77 10.27 -53.77
CA GLN C 189 -9.47 11.45 -54.60
C GLN C 189 -8.47 12.35 -53.88
N GLU C 190 -8.70 12.52 -52.59
CA GLU C 190 -7.86 13.37 -51.75
C GLU C 190 -6.48 12.75 -51.55
N GLN C 191 -6.45 11.45 -51.31
CA GLN C 191 -5.19 10.71 -51.12
C GLN C 191 -4.26 10.86 -52.33
N THR C 192 -4.80 10.65 -53.53
CA THR C 192 -3.97 10.65 -54.74
C THR C 192 -3.54 12.07 -55.16
N SER C 193 -4.40 13.07 -54.96
CA SER C 193 -4.05 14.43 -55.36
C SER C 193 -3.01 15.05 -54.41
N LEU C 194 -2.92 14.54 -53.18
CA LEU C 194 -1.91 15.00 -52.25
C LEU C 194 -0.63 14.18 -52.34
N TYR C 195 -0.75 12.86 -52.42
CA TYR C 195 0.41 11.96 -52.27
C TYR C 195 0.66 11.01 -53.46
N VAL C 196 -0.10 11.15 -54.53
CA VAL C 196 0.02 10.30 -55.74
C VAL C 196 -0.32 8.82 -55.49
N GLN C 197 0.43 8.17 -54.61
CA GLN C 197 0.19 6.76 -54.27
C GLN C 197 -1.19 6.55 -53.66
N ALA C 198 -1.84 5.45 -54.04
CA ALA C 198 -3.18 5.13 -53.52
C ALA C 198 -3.12 4.71 -52.06
N SER C 199 -1.96 4.24 -51.60
CA SER C 199 -1.78 3.79 -50.23
C SER C 199 -0.44 4.26 -49.66
N GLY C 200 -0.49 5.13 -48.66
CA GLY C 200 0.72 5.67 -48.03
C GLY C 200 1.24 4.80 -46.90
N ARG C 201 2.38 5.19 -46.34
CA ARG C 201 2.92 4.52 -45.15
C ARG C 201 4.00 5.42 -44.52
N VAL C 202 4.16 5.30 -43.20
CA VAL C 202 5.21 6.00 -42.47
C VAL C 202 5.91 5.00 -41.54
N THR C 203 7.23 4.90 -41.66
CA THR C 203 8.03 4.06 -40.78
C THR C 203 9.11 4.92 -40.14
N VAL C 204 9.00 5.15 -38.83
CA VAL C 204 9.98 5.91 -38.07
C VAL C 204 10.68 4.95 -37.12
N SER C 205 12.01 4.97 -37.14
CA SER C 205 12.80 3.96 -36.44
C SER C 205 14.08 4.50 -35.83
N THR C 206 14.51 3.85 -34.74
CA THR C 206 15.84 4.04 -34.18
C THR C 206 16.56 2.71 -34.34
N ARG C 207 17.76 2.62 -33.80
CA ARG C 207 18.56 1.41 -33.92
C ARG C 207 17.86 0.21 -33.29
N ARG C 208 17.16 0.42 -32.18
CA ARG C 208 16.55 -0.69 -31.44
C ARG C 208 15.02 -0.80 -31.52
N SER C 209 14.35 0.24 -32.01
CA SER C 209 12.88 0.22 -32.10
C SER C 209 12.35 0.78 -33.42
N GLN C 210 11.08 0.52 -33.69
CA GLN C 210 10.40 1.01 -34.89
C GLN C 210 8.90 1.20 -34.68
N GLN C 211 8.31 2.08 -35.49
CA GLN C 211 6.86 2.25 -35.57
C GLN C 211 6.51 2.33 -37.04
N THR C 212 5.52 1.55 -37.48
CA THR C 212 4.99 1.72 -38.82
C THR C 212 3.49 1.91 -38.81
N ILE C 213 3.05 3.02 -39.38
CA ILE C 213 1.64 3.40 -39.39
C ILE C 213 1.16 3.46 -40.84
N ILE C 214 0.03 2.83 -41.12
CA ILE C 214 -0.63 2.99 -42.41
C ILE C 214 -1.82 3.91 -42.20
N PRO C 215 -2.02 4.86 -43.12
CA PRO C 215 -3.17 5.75 -43.01
C PRO C 215 -4.46 5.05 -43.38
N ASN C 216 -5.57 5.59 -42.95
CA ASN C 216 -6.88 4.99 -43.20
C ASN C 216 -7.81 6.00 -43.87
N ILE C 217 -8.20 5.74 -45.12
CA ILE C 217 -9.09 6.64 -45.85
C ILE C 217 -10.53 6.47 -45.37
N GLY C 218 -11.28 7.57 -45.28
CA GLY C 218 -12.68 7.53 -44.85
C GLY C 218 -13.11 8.80 -44.16
N SER C 219 -14.43 9.00 -44.06
CA SER C 219 -15.00 10.23 -43.49
C SER C 219 -15.15 10.13 -41.98
N ARG C 220 -14.79 11.21 -41.30
CA ARG C 220 -15.06 11.39 -39.88
C ARG C 220 -16.04 12.56 -39.75
N PRO C 221 -16.53 12.82 -38.53
CA PRO C 221 -17.33 14.03 -38.33
C PRO C 221 -16.61 15.31 -38.73
N TRP C 222 -17.38 16.32 -39.16
CA TRP C 222 -16.82 17.61 -39.54
C TRP C 222 -16.27 18.30 -38.33
N VAL C 223 -14.99 18.65 -38.39
CA VAL C 223 -14.37 19.53 -37.40
C VAL C 223 -13.65 20.62 -38.16
N ARG C 224 -14.07 21.86 -37.95
CA ARG C 224 -13.48 23.03 -38.64
C ARG C 224 -13.40 22.83 -40.16
N GLY C 225 -14.47 22.29 -40.73
CA GLY C 225 -14.58 22.12 -42.17
C GLY C 225 -14.05 20.82 -42.74
N LEU C 226 -13.43 19.99 -41.91
CA LEU C 226 -12.69 18.83 -42.42
C LEU C 226 -13.23 17.50 -41.87
N SER C 227 -13.36 16.52 -42.77
CA SER C 227 -13.66 15.13 -42.42
C SER C 227 -12.38 14.32 -42.28
N SER C 228 -11.25 14.91 -42.63
CA SER C 228 -9.96 14.23 -42.53
C SER C 228 -9.36 14.44 -41.14
N ARG C 229 -8.26 13.74 -40.85
CA ARG C 229 -7.61 13.79 -39.53
C ARG C 229 -6.11 13.65 -39.63
N ILE C 230 -5.42 14.06 -38.58
CA ILE C 230 -4.00 13.78 -38.39
C ILE C 230 -3.86 12.95 -37.12
N SER C 231 -2.97 11.97 -37.15
CA SER C 231 -2.64 11.21 -35.94
C SER C 231 -1.18 11.46 -35.53
N ILE C 232 -0.98 11.72 -34.24
CA ILE C 232 0.33 12.13 -33.71
C ILE C 232 1.04 10.97 -33.04
N TYR C 233 2.34 10.84 -33.30
CA TYR C 233 3.18 9.81 -32.70
C TYR C 233 4.48 10.47 -32.23
N TRP C 234 5.26 9.76 -31.42
CA TRP C 234 6.52 10.31 -30.93
C TRP C 234 7.60 9.27 -30.89
N THR C 235 8.85 9.75 -30.91
CA THR C 235 10.01 8.86 -30.84
C THR C 235 11.13 9.54 -30.06
N ILE C 236 11.64 8.85 -29.03
CA ILE C 236 12.79 9.32 -28.28
C ILE C 236 14.05 8.70 -28.88
N VAL C 237 15.06 9.53 -29.11
CA VAL C 237 16.34 9.08 -29.67
C VAL C 237 17.45 9.33 -28.66
N LYS C 238 18.06 8.25 -28.17
CA LYS C 238 19.14 8.32 -27.18
C LYS C 238 20.44 8.81 -27.83
N PRO C 239 21.37 9.33 -27.01
CA PRO C 239 22.71 9.68 -27.51
C PRO C 239 23.39 8.49 -28.17
N GLY C 240 24.02 8.72 -29.31
CA GLY C 240 24.67 7.66 -30.06
C GLY C 240 23.75 6.98 -31.06
N ASP C 241 22.45 7.04 -30.81
CA ASP C 241 21.45 6.43 -31.69
C ASP C 241 21.18 7.34 -32.89
N VAL C 242 20.25 6.93 -33.77
CA VAL C 242 19.95 7.70 -34.98
C VAL C 242 18.50 7.50 -35.42
N LEU C 243 17.83 8.60 -35.78
CA LEU C 243 16.45 8.58 -36.27
C LEU C 243 16.44 8.32 -37.77
N VAL C 244 15.55 7.42 -38.22
CA VAL C 244 15.31 7.21 -39.64
C VAL C 244 13.82 7.33 -39.93
N ILE C 245 13.45 8.28 -40.80
CA ILE C 245 12.08 8.46 -41.25
C ILE C 245 11.99 7.97 -42.69
N ASN C 246 11.05 7.07 -42.95
CA ASN C 246 10.88 6.47 -44.27
C ASN C 246 9.41 6.49 -44.63
N SER C 247 9.07 7.12 -45.75
CA SER C 247 7.66 7.25 -46.16
C SER C 247 7.48 7.46 -47.65
N ASN C 248 6.42 6.86 -48.19
CA ASN C 248 6.01 7.10 -49.58
C ASN C 248 4.64 7.77 -49.64
N GLY C 249 4.26 8.44 -48.56
CA GLY C 249 3.02 9.23 -48.55
C GLY C 249 2.45 9.43 -47.15
N ASN C 250 1.76 10.56 -46.98
CA ASN C 250 0.98 10.87 -45.77
C ASN C 250 1.80 11.26 -44.53
N LEU C 251 3.12 11.37 -44.66
CA LEU C 251 3.96 11.78 -43.54
C LEU C 251 3.67 13.23 -43.14
N ILE C 252 3.44 13.44 -41.85
CA ILE C 252 3.50 14.77 -41.24
C ILE C 252 4.86 14.82 -40.53
N ALA C 253 5.82 15.48 -41.16
CA ALA C 253 7.22 15.39 -40.74
C ALA C 253 7.51 16.31 -39.55
N PRO C 254 8.51 15.93 -38.73
CA PRO C 254 8.98 16.81 -37.68
C PRO C 254 9.89 17.87 -38.26
N ARG C 255 9.99 19.01 -37.58
CA ARG C 255 10.90 20.07 -37.97
C ARG C 255 12.18 20.06 -37.14
N GLY C 256 12.23 19.16 -36.15
CA GLY C 256 13.35 19.12 -35.21
C GLY C 256 12.96 18.34 -33.96
N TYR C 257 13.65 18.59 -32.85
CA TYR C 257 13.40 17.85 -31.62
C TYR C 257 13.12 18.76 -30.44
N PHE C 258 12.44 18.20 -29.44
CA PHE C 258 12.28 18.84 -28.14
C PHE C 258 13.33 18.27 -27.20
N LYS C 259 13.99 19.14 -26.44
CA LYS C 259 14.97 18.69 -25.47
C LYS C 259 14.24 18.03 -24.29
N MET C 260 14.77 16.91 -23.81
CA MET C 260 14.16 16.19 -22.69
C MET C 260 14.96 16.43 -21.42
N ARG C 261 14.28 16.87 -20.39
CA ARG C 261 14.90 17.03 -19.08
C ARG C 261 14.24 16.11 -18.09
N THR C 262 14.89 15.94 -16.94
CA THR C 262 14.31 15.24 -15.82
C THR C 262 14.38 16.17 -14.62
N GLY C 263 13.37 16.13 -13.77
CA GLY C 263 13.33 16.99 -12.61
C GLY C 263 12.00 16.87 -11.92
N LYS C 264 11.54 17.97 -11.34
CA LYS C 264 10.34 17.95 -10.51
C LYS C 264 9.09 18.42 -11.25
N SER C 265 9.11 18.42 -12.58
CA SER C 265 8.01 18.98 -13.35
C SER C 265 6.79 18.06 -13.45
N SER C 266 5.61 18.67 -13.53
CA SER C 266 4.38 17.94 -13.71
C SER C 266 3.27 18.82 -14.32
N ILE C 267 2.06 18.28 -14.38
CA ILE C 267 0.91 18.96 -14.95
C ILE C 267 -0.29 18.78 -14.01
N MET C 268 -1.22 19.74 -14.00
CA MET C 268 -2.41 19.67 -13.16
C MET C 268 -3.61 20.33 -13.83
N ARG C 269 -4.76 19.69 -13.71
CA ARG C 269 -6.01 20.29 -14.18
C ARG C 269 -6.64 21.05 -13.03
N SER C 270 -6.80 22.36 -13.22
CA SER C 270 -7.44 23.22 -12.22
C SER C 270 -7.93 24.50 -12.85
N ASP C 271 -9.03 25.03 -12.31
CA ASP C 271 -9.53 26.34 -12.69
C ASP C 271 -9.29 27.37 -11.58
N ALA C 272 -8.43 27.04 -10.63
CA ALA C 272 -8.09 27.96 -9.55
C ALA C 272 -7.25 29.12 -10.10
N PRO C 273 -7.57 30.35 -9.71
CA PRO C 273 -6.73 31.46 -10.13
C PRO C 273 -5.35 31.43 -9.44
N ILE C 274 -4.35 31.95 -10.14
CA ILE C 274 -2.98 32.02 -9.63
C ILE C 274 -2.80 33.35 -8.92
N ASP C 275 -2.00 33.35 -7.87
CA ASP C 275 -1.89 34.52 -6.98
C ASP C 275 -0.46 34.65 -6.48
N THR C 276 -0.10 35.85 -6.05
CA THR C 276 1.21 36.13 -5.49
C THR C 276 1.23 35.75 -4.01
N CYS C 277 1.85 34.60 -3.72
CA CYS C 277 2.06 34.14 -2.34
C CYS C 277 3.03 32.96 -2.35
N ILE C 278 3.40 32.48 -1.17
CA ILE C 278 4.30 31.34 -1.06
C ILE C 278 3.57 30.16 -0.45
N SER C 279 3.59 29.02 -1.13
CA SER C 279 3.06 27.77 -0.59
C SER C 279 3.69 26.56 -1.28
N GLU C 280 4.27 25.67 -0.48
CA GLU C 280 4.95 24.47 -1.01
C GLU C 280 3.98 23.50 -1.68
N CYS C 281 2.78 23.37 -1.11
CA CYS C 281 1.81 22.35 -1.54
C CYS C 281 0.71 22.94 -2.40
N ILE C 282 0.47 22.31 -3.56
CA ILE C 282 -0.58 22.74 -4.49
C ILE C 282 -1.59 21.62 -4.70
N THR C 283 -2.87 21.99 -4.70
CA THR C 283 -3.95 21.07 -5.09
C THR C 283 -4.80 21.74 -6.16
N PRO C 284 -5.62 20.98 -6.88
CA PRO C 284 -6.51 21.61 -7.86
C PRO C 284 -7.47 22.63 -7.24
N ASN C 285 -7.77 22.47 -5.94
CA ASN C 285 -8.61 23.41 -5.21
C ASN C 285 -7.85 24.68 -4.82
N GLY C 286 -6.53 24.70 -5.01
CA GLY C 286 -5.69 25.82 -4.60
C GLY C 286 -4.60 25.33 -3.68
N SER C 287 -3.70 26.24 -3.30
CA SER C 287 -2.62 25.89 -2.39
C SER C 287 -3.18 25.62 -0.99
N ILE C 288 -2.53 24.73 -0.26
CA ILE C 288 -2.86 24.46 1.15
C ILE C 288 -1.58 24.47 1.99
N PRO C 289 -1.69 24.87 3.26
CA PRO C 289 -0.53 24.78 4.12
C PRO C 289 -0.19 23.32 4.44
N ASN C 290 1.08 23.06 4.75
CA ASN C 290 1.55 21.70 5.02
C ASN C 290 2.09 21.54 6.44
N ASP C 291 1.53 22.31 7.36
CA ASP C 291 1.93 22.20 8.78
C ASP C 291 1.34 20.92 9.41
N LYS C 292 0.22 20.43 8.88
CA LYS C 292 -0.41 19.23 9.41
C LYS C 292 0.02 17.98 8.62
N PRO C 293 0.02 16.81 9.25
CA PRO C 293 0.48 15.59 8.57
C PRO C 293 -0.48 15.03 7.54
N PHE C 294 -1.76 15.33 7.68
CA PHE C 294 -2.79 14.81 6.79
C PHE C 294 -3.65 15.94 6.21
N GLN C 295 -4.34 15.63 5.12
CA GLN C 295 -5.24 16.59 4.50
C GLN C 295 -6.42 15.88 3.85
N ASN C 296 -7.51 16.61 3.72
CA ASN C 296 -8.76 16.09 3.20
C ASN C 296 -9.27 16.91 2.02
N VAL C 297 -8.39 17.74 1.45
CA VAL C 297 -8.79 18.69 0.42
C VAL C 297 -8.88 18.01 -0.94
N ASN C 298 -7.82 17.29 -1.33
CA ASN C 298 -7.80 16.62 -2.63
C ASN C 298 -6.70 15.56 -2.68
N LYS C 299 -7.02 14.41 -3.26
CA LYS C 299 -6.04 13.36 -3.46
C LYS C 299 -4.99 13.75 -4.51
N ILE C 300 -5.34 14.68 -5.40
CA ILE C 300 -4.39 15.23 -6.36
C ILE C 300 -3.56 16.32 -5.67
N THR C 301 -2.24 16.13 -5.61
CA THR C 301 -1.35 17.12 -5.00
C THR C 301 -0.01 17.26 -5.73
N TYR C 302 0.61 18.43 -5.56
CA TYR C 302 1.95 18.69 -6.06
C TYR C 302 2.74 19.44 -5.02
N GLY C 303 3.94 18.97 -4.72
CA GLY C 303 4.84 19.62 -3.77
C GLY C 303 4.97 18.87 -2.46
N ALA C 304 5.42 19.59 -1.43
CA ALA C 304 5.54 19.04 -0.09
C ALA C 304 4.17 19.10 0.57
N CYS C 305 3.40 18.03 0.45
CA CYS C 305 2.00 18.01 0.88
C CYS C 305 1.70 17.00 1.98
N PRO C 306 0.69 17.29 2.82
CA PRO C 306 0.19 16.29 3.75
C PRO C 306 -0.41 15.09 3.03
N LYS C 307 -0.45 13.93 3.70
CA LYS C 307 -1.01 12.73 3.11
C LYS C 307 -2.52 12.86 3.05
N TYR C 308 -3.12 12.48 1.92
CA TYR C 308 -4.55 12.56 1.76
C TYR C 308 -5.23 11.43 2.52
N VAL C 309 -6.23 11.78 3.33
CA VAL C 309 -7.02 10.81 4.10
C VAL C 309 -8.52 11.06 3.94
N LYS C 310 -9.31 10.05 4.28
CA LYS C 310 -10.77 10.12 4.14
C LYS C 310 -11.43 10.88 5.28
N GLN C 311 -10.80 10.94 6.44
CA GLN C 311 -11.33 11.67 7.59
C GLN C 311 -11.31 13.17 7.33
N ASN C 312 -12.32 13.88 7.84
CA ASN C 312 -12.32 15.36 7.75
C ASN C 312 -11.79 16.02 9.03
N THR C 313 -11.67 15.25 10.11
CA THR C 313 -11.05 15.74 11.34
C THR C 313 -10.39 14.59 12.13
N LEU C 314 -9.20 14.86 12.64
CA LEU C 314 -8.52 13.97 13.60
C LEU C 314 -7.82 14.83 14.64
N LYS C 315 -8.27 14.72 15.88
CA LYS C 315 -7.77 15.55 16.96
C LYS C 315 -6.70 14.82 17.75
N LEU C 316 -5.55 15.45 17.90
CA LEU C 316 -4.46 14.90 18.73
C LEU C 316 -4.48 15.61 20.08
N ALA C 317 -4.64 14.82 21.14
CA ALA C 317 -4.65 15.34 22.51
C ALA C 317 -3.33 16.06 22.79
N THR C 318 -3.41 17.27 23.32
CA THR C 318 -2.22 18.02 23.73
C THR C 318 -2.32 18.43 25.19
N GLY C 319 -3.11 17.67 25.95
CA GLY C 319 -3.28 17.93 27.37
C GLY C 319 -3.89 16.72 28.06
N MET C 320 -3.98 16.79 29.38
CA MET C 320 -4.51 15.69 30.17
C MET C 320 -6.02 15.57 30.04
N ARG C 321 -6.52 14.48 30.60
CA ARG C 321 -7.94 14.26 30.77
C ARG C 321 -8.58 15.42 31.52
N ASN C 322 -9.72 15.92 31.04
CA ASN C 322 -10.38 17.09 31.64
C ASN C 322 -11.49 16.66 32.60
N VAL C 323 -11.29 16.91 33.90
CA VAL C 323 -12.23 16.47 34.93
C VAL C 323 -12.63 17.64 35.83
N PRO C 324 -13.55 18.50 35.36
CA PRO C 324 -13.93 19.69 36.11
C PRO C 324 -14.71 19.30 37.37
N GLU C 325 -14.72 20.18 38.37
CA GLU C 325 -15.41 19.90 39.63
C GLU C 325 -16.85 20.36 39.60
N LYS C 326 -17.09 21.52 38.98
CA LYS C 326 -18.41 22.18 39.06
C LYS C 326 -19.46 21.51 38.18
N GLN C 327 -20.71 21.93 38.37
CA GLN C 327 -21.87 21.41 37.63
C GLN C 327 -22.67 22.58 37.00
N GLY D 1 -7.27 6.26 33.57
CA GLY D 1 -5.82 6.15 33.25
C GLY D 1 -5.16 4.99 33.97
N LEU D 2 -4.02 4.55 33.45
CA LEU D 2 -3.32 3.37 34.00
C LEU D 2 -2.85 3.55 35.45
N PHE D 3 -2.62 4.78 35.89
CA PHE D 3 -2.06 5.03 37.22
C PHE D 3 -3.08 5.40 38.28
N GLY D 4 -4.32 5.60 37.86
CA GLY D 4 -5.42 5.81 38.81
C GLY D 4 -5.39 7.10 39.59
N ALA D 5 -4.62 8.09 39.13
CA ALA D 5 -4.55 9.38 39.81
C ALA D 5 -5.60 10.32 39.23
N ILE D 6 -5.37 10.80 38.01
CA ILE D 6 -6.32 11.68 37.32
C ILE D 6 -7.56 10.87 37.00
N ALA D 7 -8.73 11.41 37.33
CA ALA D 7 -10.01 10.70 37.20
C ALA D 7 -9.99 9.39 38.01
N GLY D 8 -9.22 9.41 39.10
CA GLY D 8 -9.09 8.26 39.99
C GLY D 8 -9.12 8.70 41.44
N PHE D 9 -8.05 8.44 42.20
CA PHE D 9 -8.05 8.78 43.63
C PHE D 9 -8.02 10.28 43.86
N ILE D 10 -7.66 11.04 42.84
CA ILE D 10 -7.91 12.48 42.84
C ILE D 10 -9.27 12.67 42.17
N GLU D 11 -10.25 13.10 42.96
CA GLU D 11 -11.65 13.09 42.56
C GLU D 11 -11.89 13.90 41.28
N ASN D 12 -11.26 15.07 41.21
CA ASN D 12 -11.45 15.95 40.07
C ASN D 12 -10.28 16.95 39.90
N GLY D 13 -10.31 17.70 38.81
CA GLY D 13 -9.30 18.72 38.54
C GLY D 13 -9.68 20.07 39.10
N TRP D 14 -8.77 21.03 38.99
CA TRP D 14 -8.96 22.38 39.49
C TRP D 14 -9.02 23.40 38.38
N GLU D 15 -10.22 23.93 38.08
CA GLU D 15 -10.34 25.04 37.14
C GLU D 15 -9.59 26.29 37.63
N GLY D 16 -9.50 26.44 38.94
CA GLY D 16 -8.84 27.59 39.56
C GLY D 16 -7.32 27.60 39.49
N MET D 17 -6.70 26.50 39.06
CA MET D 17 -5.25 26.50 38.85
C MET D 17 -4.91 26.92 37.43
N ILE D 18 -4.67 28.22 37.26
CA ILE D 18 -4.44 28.80 35.94
C ILE D 18 -2.96 29.02 35.62
N ASP D 19 -2.07 28.71 36.57
CA ASP D 19 -0.63 28.96 36.41
C ASP D 19 0.20 27.67 36.30
N GLY D 20 -0.46 26.53 36.09
CA GLY D 20 0.26 25.25 35.97
C GLY D 20 -0.65 24.06 35.79
N TRP D 21 -0.07 22.92 35.45
CA TRP D 21 -0.84 21.71 35.18
C TRP D 21 -1.05 20.88 36.42
N TYR D 22 -0.04 20.86 37.28
CA TYR D 22 -0.09 20.18 38.56
C TYR D 22 0.29 21.15 39.68
N GLY D 23 -0.16 20.88 40.89
CA GLY D 23 0.19 21.76 42.00
C GLY D 23 -0.33 21.37 43.37
N PHE D 24 -0.17 22.30 44.29
CA PHE D 24 -0.51 22.09 45.69
C PHE D 24 -1.58 23.06 46.18
N ARG D 25 -2.43 22.57 47.07
CA ARG D 25 -3.29 23.42 47.87
C ARG D 25 -3.03 23.07 49.32
N HIS D 26 -3.05 24.07 50.19
CA HIS D 26 -2.76 23.84 51.60
C HIS D 26 -3.60 24.64 52.54
N GLN D 27 -3.67 24.16 53.78
CA GLN D 27 -4.20 24.93 54.89
C GLN D 27 -3.24 24.74 56.06
N ASN D 28 -2.75 25.85 56.61
CA ASN D 28 -1.92 25.81 57.82
C ASN D 28 -2.40 26.88 58.79
N SER D 29 -1.63 27.12 59.84
CA SER D 29 -1.99 28.13 60.83
C SER D 29 -2.05 29.54 60.23
N GLU D 30 -1.22 29.80 59.21
CA GLU D 30 -1.17 31.12 58.56
C GLU D 30 -2.28 31.35 57.52
N GLY D 31 -3.03 30.31 57.16
CA GLY D 31 -4.17 30.45 56.27
C GLY D 31 -4.22 29.36 55.22
N THR D 32 -4.69 29.70 54.03
CA THR D 32 -4.76 28.76 52.91
C THR D 32 -4.05 29.32 51.67
N GLY D 33 -3.71 28.43 50.74
CA GLY D 33 -3.02 28.84 49.53
C GLY D 33 -2.96 27.78 48.43
N GLN D 34 -2.62 28.25 47.23
CA GLN D 34 -2.48 27.42 46.04
C GLN D 34 -1.19 27.79 45.33
N ALA D 35 -0.48 26.79 44.83
CA ALA D 35 0.72 27.04 44.03
C ALA D 35 0.95 25.89 43.05
N ALA D 36 1.36 26.23 41.83
CA ALA D 36 1.62 25.24 40.79
C ALA D 36 3.00 24.62 41.03
N ASP D 37 3.17 23.36 40.63
CA ASP D 37 4.48 22.72 40.60
C ASP D 37 5.00 22.81 39.19
N LEU D 38 6.08 23.57 38.99
CA LEU D 38 6.56 23.85 37.64
C LEU D 38 7.32 22.69 37.03
N LYS D 39 7.99 21.89 37.86
CA LYS D 39 8.81 20.79 37.38
C LYS D 39 7.95 19.70 36.71
N SER D 40 6.87 19.29 37.38
CA SER D 40 5.97 18.28 36.83
C SER D 40 5.18 18.83 35.65
N THR D 41 4.74 20.08 35.74
CA THR D 41 4.04 20.71 34.62
C THR D 41 4.93 20.67 33.38
N GLN D 42 6.20 21.02 33.57
CA GLN D 42 7.14 21.07 32.46
C GLN D 42 7.46 19.67 31.90
N ALA D 43 7.46 18.67 32.77
CA ALA D 43 7.67 17.28 32.35
C ALA D 43 6.58 16.83 31.37
N ALA D 44 5.33 17.07 31.73
CA ALA D 44 4.21 16.76 30.88
C ALA D 44 4.27 17.55 29.57
N ILE D 45 4.50 18.86 29.67
CA ILE D 45 4.51 19.71 28.49
C ILE D 45 5.62 19.30 27.52
N ASP D 46 6.80 19.02 28.06
CA ASP D 46 7.94 18.61 27.25
C ASP D 46 7.64 17.35 26.47
N GLN D 47 7.08 16.35 27.14
CA GLN D 47 6.74 15.10 26.50
C GLN D 47 5.70 15.27 25.40
N ILE D 48 4.65 16.07 25.67
CA ILE D 48 3.63 16.34 24.67
C ILE D 48 4.20 17.11 23.47
N ASN D 49 5.06 18.09 23.74
CA ASN D 49 5.74 18.81 22.65
C ASN D 49 6.58 17.88 21.78
N GLY D 50 7.29 16.95 22.42
CA GLY D 50 8.16 16.03 21.69
C GLY D 50 7.35 15.13 20.78
N LYS D 51 6.26 14.63 21.34
CA LYS D 51 5.29 13.82 20.64
C LYS D 51 4.73 14.59 19.47
N LEU D 52 4.34 15.83 19.73
CA LEU D 52 3.78 16.71 18.73
C LEU D 52 4.77 17.00 17.60
N ASN D 53 6.03 17.26 17.95
CA ASN D 53 7.08 17.51 16.95
C ASN D 53 7.40 16.32 16.07
N ARG D 54 7.19 15.11 16.57
CA ARG D 54 7.42 13.91 15.75
C ARG D 54 6.31 13.74 14.72
N VAL D 55 5.09 14.16 15.05
CA VAL D 55 3.94 14.01 14.17
C VAL D 55 3.88 15.13 13.13
N ILE D 56 4.09 16.38 13.57
CA ILE D 56 3.89 17.55 12.72
C ILE D 56 5.10 17.86 11.84
N GLU D 57 4.84 18.49 10.70
CA GLU D 57 5.89 19.03 9.82
C GLU D 57 6.88 18.00 9.24
N LYS D 58 6.46 16.75 9.19
CA LYS D 58 7.21 15.71 8.50
C LYS D 58 6.35 15.32 7.30
N THR D 59 6.71 15.81 6.12
CA THR D 59 5.85 15.71 4.94
C THR D 59 6.63 15.20 3.74
N ASN D 60 6.01 14.32 2.96
CA ASN D 60 6.63 13.82 1.74
C ASN D 60 6.50 14.86 0.62
N GLU D 61 7.55 15.02 -0.17
CA GLU D 61 7.52 15.85 -1.38
C GLU D 61 7.30 14.92 -2.58
N LYS D 62 6.17 15.07 -3.26
CA LYS D 62 5.89 14.28 -4.46
C LYS D 62 5.57 15.24 -5.58
N PHE D 63 6.08 14.93 -6.77
CA PHE D 63 5.89 15.77 -7.92
C PHE D 63 5.02 15.07 -8.97
N HIS D 64 5.58 14.57 -10.06
CA HIS D 64 4.77 13.87 -11.06
C HIS D 64 4.37 12.50 -10.56
N GLN D 65 3.08 12.19 -10.65
CA GLN D 65 2.55 10.94 -10.11
C GLN D 65 1.66 10.29 -11.18
N ILE D 66 0.64 9.55 -10.77
CA ILE D 66 -0.37 9.06 -11.72
C ILE D 66 -1.55 10.02 -11.73
N GLU D 67 -2.38 9.90 -12.75
CA GLU D 67 -3.63 10.65 -12.83
C GLU D 67 -4.66 9.99 -11.92
N LYS D 68 -5.57 10.78 -11.36
CA LYS D 68 -6.53 10.30 -10.38
C LYS D 68 -7.99 10.67 -10.69
N GLU D 69 -8.21 11.44 -11.77
CA GLU D 69 -9.56 11.75 -12.27
C GLU D 69 -9.55 11.55 -13.77
N PHE D 70 -10.66 11.05 -14.31
CA PHE D 70 -10.73 10.66 -15.72
C PHE D 70 -12.05 11.10 -16.33
N SER D 71 -12.01 11.57 -17.57
CA SER D 71 -13.21 12.07 -18.24
C SER D 71 -13.89 11.02 -19.12
N GLU D 72 -13.16 9.94 -19.43
CA GLU D 72 -13.71 8.85 -20.24
C GLU D 72 -13.60 7.54 -19.50
N VAL D 73 -14.41 6.57 -19.94
CA VAL D 73 -14.31 5.20 -19.48
C VAL D 73 -13.33 4.50 -20.40
N GLU D 74 -12.38 3.77 -19.82
CA GLU D 74 -11.33 3.09 -20.58
C GLU D 74 -11.19 1.61 -20.25
N GLY D 75 -11.56 1.23 -19.04
CA GLY D 75 -11.49 -0.17 -18.62
C GLY D 75 -10.24 -0.50 -17.82
N ARG D 76 -9.51 -1.52 -18.26
CA ARG D 76 -8.55 -2.22 -17.43
C ARG D 76 -7.47 -1.35 -16.75
N ILE D 77 -6.82 -0.47 -17.51
CA ILE D 77 -5.73 0.37 -16.95
C ILE D 77 -6.30 1.39 -15.96
N GLN D 78 -7.44 1.97 -16.29
CA GLN D 78 -8.06 2.96 -15.44
C GLN D 78 -8.58 2.32 -14.16
N ASP D 79 -9.10 1.11 -14.27
CA ASP D 79 -9.53 0.35 -13.10
C ASP D 79 -8.36 0.23 -12.12
N LEU D 80 -7.20 -0.14 -12.67
CA LEU D 80 -6.00 -0.35 -11.87
C LEU D 80 -5.48 0.95 -11.27
N GLU D 81 -5.49 2.03 -12.06
CA GLU D 81 -5.07 3.33 -11.56
C GLU D 81 -5.93 3.75 -10.38
N LYS D 82 -7.25 3.61 -10.54
CA LYS D 82 -8.18 3.98 -9.48
C LYS D 82 -8.00 3.11 -8.25
N TYR D 83 -7.80 1.82 -8.46
CA TYR D 83 -7.67 0.86 -7.36
C TYR D 83 -6.38 1.10 -6.57
N VAL D 84 -5.30 1.37 -7.28
CA VAL D 84 -4.03 1.69 -6.64
C VAL D 84 -4.23 2.86 -5.68
N GLU D 85 -4.81 3.95 -6.18
CA GLU D 85 -4.96 5.15 -5.39
C GLU D 85 -5.93 4.93 -4.24
N ASP D 86 -7.02 4.21 -4.49
CA ASP D 86 -8.02 3.96 -3.45
C ASP D 86 -7.41 3.08 -2.34
N THR D 87 -6.62 2.08 -2.75
CA THR D 87 -5.88 1.24 -1.80
C THR D 87 -4.93 2.09 -0.95
N LYS D 88 -4.24 3.03 -1.59
CA LYS D 88 -3.29 3.89 -0.87
C LYS D 88 -3.99 4.74 0.17
N ILE D 89 -5.10 5.37 -0.22
CA ILE D 89 -5.84 6.27 0.65
C ILE D 89 -6.38 5.54 1.88
N ASP D 90 -6.90 4.33 1.68
CA ASP D 90 -7.45 3.57 2.81
C ASP D 90 -6.36 3.19 3.80
N LEU D 91 -5.21 2.78 3.30
CA LEU D 91 -4.10 2.43 4.18
C LEU D 91 -3.61 3.64 4.96
N TRP D 92 -3.53 4.81 4.31
CA TRP D 92 -3.16 6.04 5.02
C TRP D 92 -4.19 6.49 6.00
N SER D 93 -5.45 6.29 5.65
CA SER D 93 -6.54 6.67 6.53
C SER D 93 -6.49 5.82 7.81
N TYR D 94 -6.15 4.54 7.65
CA TYR D 94 -5.98 3.64 8.80
C TYR D 94 -4.79 4.10 9.64
N ASN D 95 -3.66 4.35 9.01
CA ASN D 95 -2.50 4.85 9.73
C ASN D 95 -2.84 6.05 10.59
N ALA D 96 -3.55 7.01 10.00
CA ALA D 96 -3.94 8.24 10.69
C ALA D 96 -4.85 7.92 11.86
N GLU D 97 -5.83 7.03 11.65
CA GLU D 97 -6.78 6.70 12.70
C GLU D 97 -6.08 6.02 13.87
N LEU D 98 -5.24 5.03 13.57
CA LEU D 98 -4.50 4.33 14.62
C LEU D 98 -3.53 5.27 15.34
N LEU D 99 -2.88 6.15 14.59
CA LEU D 99 -1.88 7.04 15.18
C LEU D 99 -2.50 7.85 16.31
N VAL D 100 -3.59 8.52 16.00
CA VAL D 100 -4.29 9.38 16.96
C VAL D 100 -4.78 8.59 18.18
N ALA D 101 -5.30 7.39 17.95
CA ALA D 101 -5.81 6.56 19.04
C ALA D 101 -4.69 6.19 20.01
N LEU D 102 -3.59 5.68 19.48
CA LEU D 102 -2.43 5.31 20.31
C LEU D 102 -1.89 6.53 21.04
N GLU D 103 -1.64 7.60 20.28
CA GLU D 103 -1.07 8.82 20.84
C GLU D 103 -1.91 9.35 21.99
N ASN D 104 -3.22 9.45 21.77
CA ASN D 104 -4.12 10.02 22.76
C ASN D 104 -4.26 9.17 24.00
N GLN D 105 -4.30 7.85 23.83
CA GLN D 105 -4.35 6.95 24.97
C GLN D 105 -3.10 7.15 25.80
N HIS D 106 -1.96 7.28 25.12
CA HIS D 106 -0.66 7.45 25.78
C HIS D 106 -0.55 8.78 26.48
N THR D 107 -1.01 9.85 25.84
CA THR D 107 -0.97 11.18 26.42
C THR D 107 -1.76 11.23 27.73
N ILE D 108 -2.91 10.57 27.76
CA ILE D 108 -3.71 10.48 28.98
C ILE D 108 -2.94 9.72 30.07
N ASP D 109 -2.34 8.58 29.71
CA ASP D 109 -1.61 7.77 30.68
C ASP D 109 -0.36 8.48 31.20
N LEU D 110 0.30 9.22 30.32
CA LEU D 110 1.53 9.93 30.67
C LEU D 110 1.25 11.08 31.62
N THR D 111 0.17 11.81 31.36
CA THR D 111 -0.22 12.90 32.24
C THR D 111 -0.70 12.34 33.59
N ASP D 112 -1.45 11.25 33.55
CA ASP D 112 -1.87 10.53 34.75
C ASP D 112 -0.63 10.13 35.54
N SER D 113 0.36 9.58 34.83
CA SER D 113 1.63 9.18 35.44
C SER D 113 2.33 10.32 36.19
N GLU D 114 2.44 11.49 35.56
CA GLU D 114 3.13 12.63 36.18
C GLU D 114 2.43 13.08 37.46
N MET D 115 1.10 13.10 37.46
CA MET D 115 0.33 13.42 38.68
C MET D 115 0.75 12.48 39.79
N ASN D 116 0.80 11.18 39.46
CA ASN D 116 1.19 10.16 40.43
C ASN D 116 2.63 10.30 40.89
N LYS D 117 3.54 10.64 39.98
CA LYS D 117 4.93 10.87 40.33
C LYS D 117 5.09 11.99 41.36
N LEU D 118 4.37 13.10 41.15
CA LEU D 118 4.41 14.23 42.09
C LEU D 118 3.87 13.84 43.46
N PHE D 119 2.84 13.00 43.45
CA PHE D 119 2.28 12.56 44.70
C PHE D 119 3.30 11.74 45.49
N GLU D 120 3.93 10.78 44.81
CA GLU D 120 4.87 9.87 45.46
C GLU D 120 6.12 10.63 45.92
N LYS D 121 6.55 11.59 45.11
CA LYS D 121 7.69 12.44 45.42
C LYS D 121 7.43 13.19 46.74
N THR D 122 6.21 13.72 46.88
CA THR D 122 5.81 14.44 48.09
C THR D 122 5.71 13.51 49.30
N ARG D 123 5.09 12.35 49.10
CA ARG D 123 4.95 11.35 50.16
C ARG D 123 6.32 10.99 50.73
N ARG D 124 7.27 10.77 49.83
CA ARG D 124 8.62 10.40 50.21
C ARG D 124 9.31 11.45 51.05
N GLN D 125 9.17 12.71 50.67
CA GLN D 125 9.72 13.81 51.47
C GLN D 125 9.23 13.78 52.90
N LEU D 126 7.92 13.59 53.05
CA LEU D 126 7.26 13.71 54.34
C LEU D 126 7.58 12.57 55.32
N ARG D 127 8.07 11.44 54.81
CA ARG D 127 8.48 10.32 55.68
C ARG D 127 7.38 9.97 56.70
N GLU D 128 7.71 9.99 57.99
CA GLU D 128 6.76 9.60 59.02
C GLU D 128 6.01 10.80 59.62
N ASN D 129 6.17 11.97 59.02
CA ASN D 129 5.57 13.19 59.55
C ASN D 129 4.16 13.45 59.00
N ALA D 130 3.72 12.64 58.03
CA ALA D 130 2.41 12.84 57.40
C ALA D 130 1.75 11.51 57.08
N GLU D 131 0.43 11.54 57.00
CA GLU D 131 -0.32 10.38 56.55
C GLU D 131 -1.17 10.78 55.39
N GLU D 132 -1.60 9.77 54.66
CA GLU D 132 -2.30 9.99 53.44
C GLU D 132 -3.79 9.76 53.57
N MET D 133 -4.57 10.80 53.30
CA MET D 133 -6.00 10.78 53.54
C MET D 133 -6.74 10.03 52.44
N GLY D 134 -6.08 9.77 51.32
CA GLY D 134 -6.63 8.91 50.26
C GLY D 134 -7.28 9.64 49.11
N ASN D 135 -7.28 10.96 49.16
CA ASN D 135 -7.91 11.78 48.13
C ASN D 135 -6.90 12.72 47.48
N GLY D 136 -5.63 12.39 47.62
CA GLY D 136 -4.56 13.23 47.11
C GLY D 136 -4.03 14.20 48.16
N CYS D 137 -4.64 14.20 49.35
CA CYS D 137 -4.23 15.10 50.43
C CYS D 137 -3.43 14.36 51.50
N PHE D 138 -2.39 15.03 52.00
CA PHE D 138 -1.66 14.56 53.16
C PHE D 138 -2.11 15.34 54.39
N LYS D 139 -2.27 14.66 55.52
CA LYS D 139 -2.37 15.32 56.81
C LYS D 139 -0.97 15.37 57.39
N ILE D 140 -0.44 16.59 57.54
CA ILE D 140 0.88 16.81 58.12
C ILE D 140 0.69 16.98 59.62
N TYR D 141 1.37 16.15 60.41
CA TYR D 141 1.11 16.07 61.85
C TYR D 141 1.97 17.01 62.71
N HIS D 142 2.27 18.19 62.17
CA HIS D 142 2.99 19.22 62.93
C HIS D 142 2.67 20.60 62.41
N LYS D 143 2.86 21.62 63.25
CA LYS D 143 2.79 23.01 62.77
C LYS D 143 3.72 23.17 61.58
N CYS D 144 3.17 23.60 60.45
CA CYS D 144 3.93 23.77 59.22
C CYS D 144 3.57 25.09 58.59
N ASP D 145 4.31 26.14 58.93
CA ASP D 145 4.02 27.50 58.44
C ASP D 145 4.27 27.64 56.92
N ASN D 146 4.03 28.83 56.39
CA ASN D 146 4.16 29.07 54.95
C ASN D 146 5.54 28.70 54.41
N ALA D 147 6.59 28.98 55.19
CA ALA D 147 7.95 28.59 54.84
C ALA D 147 8.07 27.08 54.78
N CYS D 148 7.52 26.41 55.78
CA CYS D 148 7.52 24.95 55.86
C CYS D 148 6.79 24.31 54.67
N ILE D 149 5.65 24.87 54.28
CA ILE D 149 4.91 24.39 53.12
C ILE D 149 5.73 24.59 51.85
N GLU D 150 6.33 25.77 51.71
CA GLU D 150 7.15 26.06 50.55
C GLU D 150 8.38 25.13 50.48
N SER D 151 8.90 24.73 51.64
CA SER D 151 10.03 23.80 51.67
C SER D 151 9.65 22.44 51.11
N ILE D 152 8.40 22.02 51.30
CA ILE D 152 7.89 20.78 50.71
C ILE D 152 7.77 20.96 49.21
N ARG D 153 7.23 22.09 48.80
CA ARG D 153 6.97 22.34 47.39
C ARG D 153 8.24 22.47 46.55
N ASN D 154 9.31 23.00 47.12
CA ASN D 154 10.57 23.14 46.39
C ASN D 154 11.59 22.04 46.73
N GLY D 155 11.14 21.01 47.43
CA GLY D 155 11.93 19.78 47.62
C GLY D 155 13.07 19.83 48.61
N THR D 156 13.00 20.72 49.60
CA THR D 156 14.07 20.87 50.60
C THR D 156 13.61 20.60 52.04
N TYR D 157 12.40 20.08 52.20
CA TYR D 157 11.81 19.76 53.51
C TYR D 157 12.67 18.76 54.28
N ASP D 158 13.04 19.13 55.51
CA ASP D 158 13.85 18.29 56.36
C ASP D 158 12.98 17.61 57.43
N HIS D 159 12.61 16.36 57.18
CA HIS D 159 11.70 15.64 58.05
C HIS D 159 12.20 15.50 59.47
N ASP D 160 13.52 15.42 59.65
CA ASP D 160 14.10 15.25 60.99
C ASP D 160 13.75 16.41 61.92
N VAL D 161 13.67 17.61 61.36
CA VAL D 161 13.32 18.80 62.14
C VAL D 161 11.98 18.63 62.87
N TYR D 162 11.01 18.01 62.19
CA TYR D 162 9.65 17.91 62.73
C TYR D 162 9.26 16.51 63.24
N ARG D 163 10.17 15.54 63.13
CA ARG D 163 9.82 14.14 63.40
C ARG D 163 9.28 13.89 64.81
N ASP D 164 9.98 14.38 65.84
CA ASP D 164 9.53 14.19 67.22
C ASP D 164 8.13 14.71 67.43
N GLU D 165 7.86 15.93 66.94
CA GLU D 165 6.54 16.53 67.04
C GLU D 165 5.48 15.71 66.30
N ALA D 166 5.80 15.28 65.08
CA ALA D 166 4.86 14.55 64.24
C ALA D 166 4.53 13.16 64.81
N LEU D 167 5.56 12.41 65.21
CA LEU D 167 5.36 11.07 65.79
C LEU D 167 4.52 11.14 67.05
N ASN D 168 4.64 12.24 67.79
CA ASN D 168 3.87 12.43 69.01
C ASN D 168 2.39 12.63 68.72
N ASN D 169 2.08 13.44 67.71
CA ASN D 169 0.69 13.70 67.31
C ASN D 169 0.04 12.49 66.65
N ARG D 170 0.78 11.81 65.77
CA ARG D 170 0.26 10.62 65.07
C ARG D 170 -0.19 9.51 65.99
N PHE D 171 0.70 9.09 66.89
CA PHE D 171 0.47 7.93 67.74
C PHE D 171 0.16 8.40 69.15
N GLN D 172 -1.10 8.81 69.35
CA GLN D 172 -1.57 9.62 70.49
C GLN D 172 -2.19 10.89 69.91
N SER E 9 -9.23 -10.65 67.36
CA SER E 9 -8.25 -9.57 67.68
C SER E 9 -7.50 -9.03 66.46
N THR E 10 -7.32 -9.84 65.42
CA THR E 10 -6.88 -9.33 64.11
C THR E 10 -7.68 -10.02 63.02
N ALA E 11 -7.48 -9.59 61.78
CA ALA E 11 -8.13 -10.22 60.63
C ALA E 11 -7.22 -10.14 59.41
N THR E 12 -7.49 -10.96 58.42
CA THR E 12 -6.76 -10.95 57.16
C THR E 12 -7.71 -10.64 56.03
N LEU E 13 -7.32 -9.70 55.16
CA LEU E 13 -8.10 -9.37 53.97
C LEU E 13 -7.20 -9.44 52.74
N CYS E 14 -7.43 -10.43 51.89
CA CYS E 14 -6.63 -10.62 50.69
C CYS E 14 -7.36 -10.13 49.46
N LEU E 15 -6.65 -9.37 48.63
CA LEU E 15 -7.18 -8.89 47.35
C LEU E 15 -6.76 -9.88 46.28
N GLY E 16 -7.62 -10.06 45.27
CA GLY E 16 -7.36 -11.02 44.22
C GLY E 16 -8.16 -10.80 42.96
N HIS E 17 -8.00 -11.72 42.02
CA HIS E 17 -8.66 -11.67 40.72
C HIS E 17 -9.02 -13.06 40.29
N HIS E 18 -9.89 -13.18 39.30
CA HIS E 18 -10.36 -14.49 38.87
C HIS E 18 -9.41 -15.18 37.94
N ALA E 19 -9.66 -16.47 37.73
CA ALA E 19 -8.94 -17.28 36.77
C ALA E 19 -9.92 -18.31 36.21
N VAL E 20 -9.65 -18.82 35.02
CA VAL E 20 -10.50 -19.86 34.44
C VAL E 20 -9.63 -21.09 34.22
N PRO E 21 -10.26 -22.28 34.25
CA PRO E 21 -9.47 -23.51 34.01
C PRO E 21 -9.01 -23.64 32.54
N ASN E 22 -9.82 -23.12 31.61
CA ASN E 22 -9.55 -23.24 30.17
C ASN E 22 -9.30 -21.87 29.54
N GLY E 23 -8.07 -21.38 29.61
CA GLY E 23 -7.71 -20.08 29.03
C GLY E 23 -7.50 -20.13 27.53
N THR E 24 -7.21 -18.97 26.94
CA THR E 24 -6.90 -18.87 25.51
C THR E 24 -5.54 -18.23 25.33
N LEU E 25 -4.74 -18.78 24.42
CA LEU E 25 -3.44 -18.22 24.10
C LEU E 25 -3.60 -17.09 23.08
N VAL E 26 -2.90 -15.97 23.33
CA VAL E 26 -2.91 -14.83 22.41
C VAL E 26 -1.49 -14.30 22.21
N LYS E 27 -1.32 -13.46 21.19
CA LYS E 27 -0.03 -12.82 20.90
C LYS E 27 0.02 -11.40 21.47
N THR E 28 1.20 -11.00 21.94
CA THR E 28 1.41 -9.63 22.43
C THR E 28 2.67 -9.06 21.81
N ILE E 29 3.12 -7.91 22.31
CA ILE E 29 4.36 -7.29 21.86
C ILE E 29 5.58 -8.12 22.26
N THR E 30 5.59 -8.58 23.51
CA THR E 30 6.73 -9.30 24.06
C THR E 30 6.58 -10.83 24.05
N ASP E 31 5.41 -11.33 23.67
CA ASP E 31 5.12 -12.76 23.78
C ASP E 31 4.43 -13.33 22.55
N ASP E 32 4.96 -14.46 22.08
CA ASP E 32 4.43 -15.17 20.94
C ASP E 32 3.11 -15.85 21.30
N GLN E 33 3.04 -16.40 22.51
CA GLN E 33 1.83 -17.01 23.01
C GLN E 33 1.76 -16.84 24.52
N ILE E 34 0.68 -16.25 25.01
CA ILE E 34 0.50 -16.01 26.45
C ILE E 34 -0.98 -16.16 26.79
N GLU E 35 -1.27 -16.77 27.93
CA GLU E 35 -2.64 -17.18 28.25
C GLU E 35 -3.45 -16.10 28.94
N VAL E 36 -4.60 -15.77 28.36
CA VAL E 36 -5.56 -14.84 28.96
C VAL E 36 -6.86 -15.59 29.25
N THR E 37 -7.78 -14.97 30.00
CA THR E 37 -9.01 -15.66 30.42
C THR E 37 -9.98 -15.89 29.28
N ASN E 38 -9.98 -15.01 28.28
CA ASN E 38 -10.88 -15.12 27.15
C ASN E 38 -10.38 -14.25 26.00
N ALA E 39 -10.72 -14.63 24.77
CA ALA E 39 -10.36 -13.84 23.57
C ALA E 39 -11.48 -13.94 22.54
N THR E 40 -11.41 -13.12 21.51
CA THR E 40 -12.38 -13.16 20.41
C THR E 40 -11.67 -13.13 19.04
N GLU E 41 -12.24 -13.85 18.08
CA GLU E 41 -11.62 -14.03 16.76
C GLU E 41 -11.88 -12.83 15.87
N LEU E 42 -10.82 -12.29 15.27
CA LEU E 42 -10.94 -11.13 14.37
C LEU E 42 -10.84 -11.50 12.89
N VAL E 43 -10.54 -12.75 12.57
CA VAL E 43 -10.45 -13.18 11.18
C VAL E 43 -11.57 -14.14 10.84
N GLN E 44 -12.45 -13.70 9.95
CA GLN E 44 -13.54 -14.53 9.43
C GLN E 44 -12.93 -15.53 8.44
N SER E 45 -13.09 -16.81 8.72
CA SER E 45 -12.44 -17.83 7.89
C SER E 45 -13.39 -18.86 7.30
N SER E 46 -14.68 -18.69 7.50
CA SER E 46 -15.67 -19.64 6.97
C SER E 46 -16.78 -18.94 6.19
N SER E 47 -17.43 -19.72 5.33
CA SER E 47 -18.55 -19.28 4.53
C SER E 47 -19.58 -20.38 4.48
N THR E 48 -20.84 -20.01 4.23
CA THR E 48 -21.91 -21.00 4.07
C THR E 48 -21.75 -21.78 2.75
N GLY E 49 -21.04 -21.18 1.78
CA GLY E 49 -20.88 -21.78 0.47
C GLY E 49 -21.89 -21.28 -0.53
N LYS E 50 -22.73 -20.35 -0.10
CA LYS E 50 -23.87 -19.87 -0.90
C LYS E 50 -23.89 -18.35 -0.96
N ILE E 51 -24.23 -17.79 -2.13
CA ILE E 51 -24.36 -16.35 -2.32
C ILE E 51 -25.79 -15.93 -2.01
N CYS E 52 -25.95 -15.07 -1.02
CA CYS E 52 -27.28 -14.57 -0.62
C CYS E 52 -27.80 -13.57 -1.65
N ASN E 53 -29.08 -13.70 -2.00
CA ASN E 53 -29.69 -12.87 -3.05
C ASN E 53 -30.16 -11.49 -2.58
N ASN E 54 -29.94 -11.20 -1.30
CA ASN E 54 -30.11 -9.84 -0.76
C ASN E 54 -28.92 -9.41 0.07
N PRO E 55 -28.71 -8.09 0.20
CA PRO E 55 -29.49 -6.99 -0.36
C PRO E 55 -29.16 -6.65 -1.81
N HIS E 56 -28.09 -7.21 -2.35
CA HIS E 56 -27.65 -6.86 -3.70
C HIS E 56 -28.39 -7.65 -4.72
N ARG E 57 -28.63 -7.04 -5.88
CA ARG E 57 -29.28 -7.72 -7.00
C ARG E 57 -28.27 -8.62 -7.71
N ILE E 58 -28.48 -9.93 -7.61
CA ILE E 58 -27.57 -10.89 -8.20
C ILE E 58 -28.20 -11.45 -9.47
N LEU E 59 -27.48 -11.35 -10.58
CA LEU E 59 -27.94 -11.94 -11.83
C LEU E 59 -27.04 -13.15 -12.15
N ASP E 60 -27.63 -14.33 -12.19
CA ASP E 60 -26.90 -15.55 -12.50
C ASP E 60 -26.74 -15.69 -14.02
N GLY E 61 -25.50 -15.67 -14.50
CA GLY E 61 -25.22 -15.83 -15.92
C GLY E 61 -25.54 -17.21 -16.47
N ILE E 62 -25.66 -18.21 -15.60
CA ILE E 62 -25.96 -19.58 -16.00
C ILE E 62 -25.01 -20.05 -17.13
N ASP E 63 -25.50 -20.22 -18.36
CA ASP E 63 -24.68 -20.69 -19.48
C ASP E 63 -23.97 -19.56 -20.23
N CYS E 64 -24.04 -18.33 -19.72
CA CYS E 64 -23.62 -17.16 -20.49
C CYS E 64 -22.59 -16.28 -19.78
N THR E 65 -21.54 -15.90 -20.51
CA THR E 65 -20.65 -14.82 -20.08
C THR E 65 -21.35 -13.50 -20.34
N LEU E 66 -20.95 -12.45 -19.65
CA LEU E 66 -21.54 -11.13 -19.86
C LEU E 66 -21.39 -10.69 -21.32
N ILE E 67 -20.22 -10.93 -21.90
CA ILE E 67 -19.96 -10.53 -23.29
C ILE E 67 -20.91 -11.24 -24.26
N ASP E 68 -21.18 -12.53 -24.05
CA ASP E 68 -22.15 -13.24 -24.90
C ASP E 68 -23.57 -12.75 -24.68
N ALA E 69 -23.88 -12.31 -23.46
CA ALA E 69 -25.19 -11.70 -23.18
C ALA E 69 -25.30 -10.36 -23.89
N LEU E 70 -24.18 -9.62 -23.93
CA LEU E 70 -24.11 -8.32 -24.59
C LEU E 70 -24.34 -8.48 -26.09
N LEU E 71 -23.48 -9.27 -26.71
CA LEU E 71 -23.52 -9.45 -28.15
C LEU E 71 -24.85 -10.05 -28.62
N GLY E 72 -25.41 -10.96 -27.83
CA GLY E 72 -26.68 -11.60 -28.17
C GLY E 72 -26.53 -12.97 -28.80
N ASP E 73 -25.69 -13.79 -28.17
CA ASP E 73 -25.56 -15.20 -28.51
C ASP E 73 -26.96 -15.80 -28.27
N PRO E 74 -27.56 -16.45 -29.29
CA PRO E 74 -28.95 -16.90 -29.19
C PRO E 74 -29.34 -17.52 -27.84
N HIS E 75 -28.51 -18.42 -27.31
CA HIS E 75 -28.85 -19.07 -26.04
C HIS E 75 -28.75 -18.14 -24.85
N CYS E 76 -28.28 -16.91 -25.06
CA CYS E 76 -28.24 -15.87 -24.03
C CYS E 76 -29.30 -14.78 -24.23
N ASP E 77 -30.29 -15.05 -25.08
CA ASP E 77 -31.32 -14.05 -25.36
C ASP E 77 -32.15 -13.67 -24.13
N VAL E 78 -32.29 -14.61 -23.20
CA VAL E 78 -33.00 -14.35 -21.96
C VAL E 78 -32.43 -13.15 -21.19
N PHE E 79 -31.19 -12.75 -21.48
CA PHE E 79 -30.55 -11.62 -20.78
C PHE E 79 -30.76 -10.24 -21.40
N GLN E 80 -31.55 -10.15 -22.47
CA GLN E 80 -31.80 -8.86 -23.10
C GLN E 80 -32.35 -7.85 -22.09
N ASN E 81 -31.79 -6.63 -22.09
CA ASN E 81 -32.22 -5.54 -21.22
C ASN E 81 -32.08 -5.83 -19.72
N GLU E 82 -31.33 -6.86 -19.35
CA GLU E 82 -31.18 -7.20 -17.94
C GLU E 82 -30.29 -6.20 -17.21
N THR E 83 -30.40 -6.19 -15.89
CA THR E 83 -29.61 -5.32 -15.03
C THR E 83 -29.15 -6.12 -13.83
N TRP E 84 -28.12 -5.62 -13.14
CA TRP E 84 -27.55 -6.33 -12.00
C TRP E 84 -26.74 -5.42 -11.12
N ASP E 85 -26.63 -5.78 -9.84
CA ASP E 85 -25.60 -5.24 -8.98
C ASP E 85 -24.35 -6.10 -9.12
N LEU E 86 -24.54 -7.42 -9.13
CA LEU E 86 -23.44 -8.36 -9.34
C LEU E 86 -23.84 -9.43 -10.37
N PHE E 87 -23.10 -9.47 -11.46
CA PHE E 87 -23.28 -10.49 -12.50
C PHE E 87 -22.35 -11.63 -12.15
N VAL E 88 -22.91 -12.84 -11.99
CA VAL E 88 -22.09 -14.00 -11.65
C VAL E 88 -21.86 -14.88 -12.89
N GLU E 89 -20.60 -14.99 -13.31
CA GLU E 89 -20.23 -15.85 -14.44
C GLU E 89 -19.88 -17.24 -13.93
N ARG E 90 -20.55 -18.25 -14.50
CA ARG E 90 -20.33 -19.65 -14.13
C ARG E 90 -19.28 -20.28 -15.02
N SER E 91 -18.55 -21.25 -14.47
CA SER E 91 -17.50 -21.94 -15.21
C SER E 91 -18.07 -22.83 -16.32
N LYS E 92 -19.35 -23.17 -16.24
CA LYS E 92 -19.99 -23.98 -17.28
C LYS E 92 -20.47 -23.17 -18.48
N ALA E 93 -20.26 -21.86 -18.47
CA ALA E 93 -20.69 -21.00 -19.57
C ALA E 93 -20.00 -21.40 -20.87
N PHE E 94 -20.68 -21.20 -21.99
CA PHE E 94 -20.12 -21.50 -23.31
C PHE E 94 -20.66 -20.55 -24.38
N SER E 95 -19.89 -20.36 -25.44
CA SER E 95 -20.32 -19.59 -26.60
C SER E 95 -20.90 -20.56 -27.63
N ASN E 96 -21.89 -20.10 -28.38
CA ASN E 96 -22.53 -20.96 -29.36
C ASN E 96 -23.04 -20.19 -30.58
N CYS E 97 -22.31 -19.15 -30.95
CA CYS E 97 -22.66 -18.33 -32.11
C CYS E 97 -21.45 -18.30 -33.04
N TYR E 98 -21.25 -17.20 -33.74
CA TYR E 98 -20.11 -17.10 -34.65
C TYR E 98 -18.82 -17.00 -33.83
N PRO E 99 -17.76 -17.70 -34.25
CA PRO E 99 -16.51 -17.59 -33.47
C PRO E 99 -15.94 -16.17 -33.54
N TYR E 100 -15.56 -15.64 -32.38
CA TYR E 100 -15.16 -14.23 -32.29
C TYR E 100 -14.03 -14.02 -31.30
N ASP E 101 -13.38 -12.87 -31.38
CA ASP E 101 -12.47 -12.40 -30.34
C ASP E 101 -12.73 -10.93 -30.08
N VAL E 102 -12.35 -10.48 -28.89
CA VAL E 102 -12.45 -9.08 -28.52
C VAL E 102 -11.07 -8.59 -28.10
N PRO E 103 -10.41 -7.80 -28.96
CA PRO E 103 -9.16 -7.20 -28.49
C PRO E 103 -9.45 -6.39 -27.25
N ASP E 104 -8.66 -6.59 -26.20
CA ASP E 104 -8.93 -5.95 -24.91
C ASP E 104 -10.33 -6.34 -24.40
N TYR E 105 -10.58 -7.66 -24.41
CA TYR E 105 -11.79 -8.28 -23.88
C TYR E 105 -12.04 -7.87 -22.43
N ALA E 106 -10.98 -7.93 -21.62
CA ALA E 106 -11.04 -7.57 -20.20
C ALA E 106 -11.68 -6.19 -19.96
N SER E 107 -11.34 -5.21 -20.79
CA SER E 107 -11.84 -3.86 -20.63
C SER E 107 -13.31 -3.73 -20.99
N LEU E 108 -13.72 -4.36 -22.09
CA LEU E 108 -15.14 -4.32 -22.49
C LEU E 108 -15.97 -4.99 -21.40
N ARG E 109 -15.52 -6.16 -20.95
CA ARG E 109 -16.16 -6.87 -19.86
C ARG E 109 -16.26 -5.97 -18.62
N SER E 110 -15.14 -5.36 -18.25
CA SER E 110 -15.12 -4.49 -17.09
C SER E 110 -16.12 -3.35 -17.22
N LEU E 111 -16.08 -2.64 -18.34
CA LEU E 111 -16.87 -1.42 -18.47
C LEU E 111 -18.37 -1.71 -18.55
N VAL E 112 -18.75 -2.81 -19.20
CA VAL E 112 -20.15 -3.26 -19.18
C VAL E 112 -20.53 -3.74 -17.76
N ALA E 113 -19.68 -4.57 -17.15
CA ALA E 113 -19.92 -5.05 -15.78
C ALA E 113 -20.21 -3.88 -14.84
N SER E 114 -19.36 -2.86 -14.92
CA SER E 114 -19.47 -1.69 -14.06
C SER E 114 -20.71 -0.85 -14.35
N SER E 115 -21.16 -0.80 -15.61
CA SER E 115 -22.35 -0.04 -15.97
C SER E 115 -23.62 -0.65 -15.35
N GLY E 116 -23.70 -1.98 -15.39
CA GLY E 116 -24.73 -2.70 -14.65
C GLY E 116 -26.05 -2.88 -15.37
N THR E 117 -26.02 -2.73 -16.70
CA THR E 117 -27.23 -2.84 -17.53
C THR E 117 -26.88 -3.26 -18.95
N LEU E 118 -27.76 -4.06 -19.55
CA LEU E 118 -27.67 -4.42 -20.98
C LEU E 118 -28.83 -3.77 -21.76
N GLU E 119 -29.46 -2.78 -21.13
CA GLU E 119 -30.55 -2.02 -21.75
C GLU E 119 -30.10 -1.49 -23.11
N PHE E 120 -30.84 -1.88 -24.13
CA PHE E 120 -30.43 -1.65 -25.52
C PHE E 120 -31.53 -0.94 -26.28
N ILE E 121 -31.17 0.14 -26.96
CA ILE E 121 -32.12 0.92 -27.75
C ILE E 121 -31.78 0.72 -29.22
N THR E 122 -32.74 0.22 -30.00
CA THR E 122 -32.54 0.04 -31.44
C THR E 122 -32.67 1.38 -32.14
N GLU E 123 -31.73 1.65 -33.05
CA GLU E 123 -31.73 2.86 -33.84
C GLU E 123 -31.88 2.50 -35.31
N GLY E 124 -32.50 3.39 -36.07
CA GLY E 124 -32.78 3.17 -37.48
C GLY E 124 -31.62 3.56 -38.38
N PHE E 125 -30.57 2.76 -38.40
CA PHE E 125 -29.50 2.93 -39.37
C PHE E 125 -30.06 2.51 -40.72
N THR E 126 -29.82 3.32 -41.76
CA THR E 126 -30.19 2.93 -43.12
C THR E 126 -28.92 2.55 -43.89
N TRP E 127 -28.86 1.28 -44.29
CA TRP E 127 -27.70 0.73 -44.98
C TRP E 127 -28.02 0.56 -46.43
N THR E 128 -27.64 1.55 -47.24
CA THR E 128 -28.03 1.60 -48.65
C THR E 128 -27.09 0.80 -49.52
N GLY E 129 -27.65 -0.07 -50.34
CA GLY E 129 -26.87 -0.84 -51.33
C GLY E 129 -26.19 -2.08 -50.80
N VAL E 130 -26.65 -2.59 -49.66
CA VAL E 130 -26.11 -3.81 -49.06
C VAL E 130 -27.22 -4.68 -48.49
N THR E 131 -26.95 -5.99 -48.43
CA THR E 131 -27.88 -6.96 -47.83
C THR E 131 -27.65 -7.02 -46.32
N GLN E 132 -28.73 -6.99 -45.56
CA GLN E 132 -28.66 -7.00 -44.10
C GLN E 132 -28.89 -8.38 -43.52
N ASN E 133 -28.74 -8.49 -42.21
CA ASN E 133 -29.17 -9.65 -41.44
C ASN E 133 -28.53 -10.96 -41.88
N GLY E 134 -27.25 -10.90 -42.24
CA GLY E 134 -26.49 -12.11 -42.56
C GLY E 134 -26.39 -13.03 -41.36
N GLY E 135 -26.40 -14.33 -41.63
CA GLY E 135 -26.38 -15.35 -40.57
C GLY E 135 -25.46 -16.51 -40.89
N SER E 136 -25.35 -17.43 -39.95
CA SER E 136 -24.45 -18.57 -40.07
C SER E 136 -25.02 -19.79 -39.34
N ASN E 137 -24.69 -20.98 -39.82
CA ASN E 137 -25.04 -22.23 -39.14
C ASN E 137 -24.17 -22.49 -37.91
N ALA E 138 -23.12 -21.69 -37.72
CA ALA E 138 -22.37 -21.68 -36.48
C ALA E 138 -23.17 -21.01 -35.38
N CYS E 139 -24.19 -20.24 -35.75
CA CYS E 139 -25.02 -19.49 -34.81
C CYS E 139 -26.51 -19.71 -35.06
N LYS E 140 -26.98 -20.93 -34.84
CA LYS E 140 -28.38 -21.27 -35.11
C LYS E 140 -29.32 -20.61 -34.12
N ARG E 141 -30.38 -19.99 -34.65
CA ARG E 141 -31.53 -19.54 -33.86
C ARG E 141 -32.76 -20.23 -34.43
N GLY E 142 -33.39 -21.08 -33.64
CA GLY E 142 -34.39 -21.99 -34.16
C GLY E 142 -33.67 -23.04 -34.99
N PRO E 143 -34.35 -23.55 -36.05
CA PRO E 143 -33.71 -24.55 -36.92
C PRO E 143 -32.76 -23.92 -37.94
N GLY E 144 -33.08 -22.70 -38.39
CA GLY E 144 -32.29 -22.01 -39.41
C GLY E 144 -31.05 -21.31 -38.89
N SER E 145 -30.26 -20.77 -39.80
CA SER E 145 -29.04 -20.04 -39.47
C SER E 145 -29.40 -18.70 -38.83
N GLY E 146 -28.47 -18.16 -38.06
CA GLY E 146 -28.71 -16.92 -37.32
C GLY E 146 -27.42 -16.18 -36.99
N PHE E 147 -27.52 -15.25 -36.05
CA PHE E 147 -26.40 -14.37 -35.74
C PHE E 147 -26.65 -13.66 -34.41
N PHE E 148 -25.64 -12.95 -33.92
CA PHE E 148 -25.76 -12.14 -32.71
C PHE E 148 -26.95 -11.19 -32.85
N SER E 149 -27.79 -11.14 -31.82
CA SER E 149 -29.02 -10.37 -31.88
C SER E 149 -28.82 -8.86 -31.94
N ARG E 150 -27.67 -8.38 -31.48
CA ARG E 150 -27.40 -6.93 -31.45
C ARG E 150 -26.45 -6.45 -32.56
N LEU E 151 -26.07 -7.35 -33.45
CA LEU E 151 -25.19 -7.02 -34.57
C LEU E 151 -25.88 -7.34 -35.90
N ASN E 152 -25.54 -6.56 -36.92
CA ASN E 152 -26.16 -6.68 -38.24
C ASN E 152 -25.05 -6.95 -39.26
N TRP E 153 -24.99 -8.18 -39.75
CA TRP E 153 -23.97 -8.61 -40.72
C TRP E 153 -24.33 -8.18 -42.12
N LEU E 154 -23.58 -7.22 -42.65
CA LEU E 154 -23.85 -6.68 -43.98
C LEU E 154 -23.00 -7.38 -45.02
N THR E 155 -23.60 -7.64 -46.17
CA THR E 155 -22.91 -8.21 -47.32
C THR E 155 -23.36 -7.49 -48.59
N LYS E 156 -22.73 -7.82 -49.71
CA LYS E 156 -23.03 -7.18 -50.97
C LYS E 156 -24.52 -7.30 -51.33
N SER E 157 -24.98 -6.37 -52.15
CA SER E 157 -26.30 -6.47 -52.76
C SER E 157 -26.06 -6.57 -54.26
N GLY E 158 -26.35 -7.74 -54.82
CA GLY E 158 -26.09 -7.98 -56.22
C GLY E 158 -24.59 -8.02 -56.45
N SER E 159 -24.13 -7.26 -57.43
CA SER E 159 -22.73 -7.28 -57.86
C SER E 159 -21.86 -6.24 -57.16
N THR E 160 -22.43 -5.50 -56.22
CA THR E 160 -21.78 -4.33 -55.65
C THR E 160 -21.83 -4.25 -54.12
N TYR E 161 -20.80 -3.67 -53.54
CA TYR E 161 -20.79 -3.28 -52.13
C TYR E 161 -20.18 -1.87 -52.07
N PRO E 162 -21.01 -0.86 -51.82
CA PRO E 162 -20.56 0.51 -51.94
C PRO E 162 -19.86 0.99 -50.68
N VAL E 163 -19.33 2.21 -50.73
CA VAL E 163 -18.76 2.84 -49.54
C VAL E 163 -19.91 3.31 -48.65
N LEU E 164 -20.12 2.62 -47.55
CA LEU E 164 -21.13 3.01 -46.57
C LEU E 164 -20.64 4.21 -45.77
N ASN E 165 -21.49 5.22 -45.64
CA ASN E 165 -21.17 6.45 -44.91
C ASN E 165 -22.43 6.88 -44.15
N VAL E 166 -22.64 6.30 -42.96
CA VAL E 166 -23.82 6.61 -42.15
C VAL E 166 -23.44 7.34 -40.86
N THR E 167 -24.32 8.23 -40.41
CA THR E 167 -24.13 9.04 -39.21
C THR E 167 -25.26 8.79 -38.22
N MET E 168 -24.99 8.96 -36.93
CA MET E 168 -26.02 8.85 -35.88
C MET E 168 -25.61 9.72 -34.68
N PRO E 169 -26.22 10.91 -34.56
CA PRO E 169 -25.86 11.84 -33.47
C PRO E 169 -26.44 11.46 -32.12
N ASN E 170 -25.67 11.69 -31.05
CA ASN E 170 -26.20 11.55 -29.70
C ASN E 170 -26.82 12.87 -29.29
N ASN E 171 -28.15 12.96 -29.40
CA ASN E 171 -28.89 14.13 -28.95
C ASN E 171 -29.47 13.95 -27.57
N ASP E 172 -29.23 12.79 -26.95
CA ASP E 172 -29.69 12.54 -25.60
C ASP E 172 -28.73 13.17 -24.59
N ASN E 173 -29.05 13.05 -23.30
CA ASN E 173 -28.24 13.61 -22.22
C ASN E 173 -27.47 12.54 -21.44
N PHE E 174 -27.17 11.42 -22.11
CA PHE E 174 -26.37 10.34 -21.53
C PHE E 174 -25.42 9.74 -22.57
N ASP E 175 -24.45 8.96 -22.09
CA ASP E 175 -23.47 8.32 -22.98
C ASP E 175 -24.08 7.10 -23.67
N LYS E 176 -23.73 6.89 -24.94
CA LYS E 176 -24.17 5.73 -25.69
C LYS E 176 -22.98 4.80 -25.90
N LEU E 177 -23.16 3.51 -25.60
CA LEU E 177 -22.14 2.49 -25.92
C LEU E 177 -22.54 1.75 -27.19
N TYR E 178 -21.69 1.83 -28.21
CA TYR E 178 -21.94 1.12 -29.46
C TYR E 178 -20.97 -0.05 -29.56
N ILE E 179 -21.50 -1.26 -29.73
CA ILE E 179 -20.71 -2.46 -30.02
C ILE E 179 -20.81 -2.78 -31.51
N TRP E 180 -19.68 -2.96 -32.15
CA TRP E 180 -19.63 -3.29 -33.57
C TRP E 180 -18.45 -4.16 -33.84
N GLY E 181 -18.24 -4.56 -35.08
CA GLY E 181 -17.14 -5.46 -35.39
C GLY E 181 -16.72 -5.52 -36.83
N ILE E 182 -15.76 -6.40 -37.10
CA ILE E 182 -15.27 -6.64 -38.46
C ILE E 182 -15.18 -8.14 -38.71
N HIS E 183 -15.41 -8.55 -39.96
CA HIS E 183 -15.38 -9.96 -40.35
C HIS E 183 -14.06 -10.28 -41.01
N HIS E 184 -13.40 -11.32 -40.51
CA HIS E 184 -12.15 -11.82 -41.10
C HIS E 184 -12.45 -13.08 -41.88
N PRO E 185 -12.53 -12.99 -43.22
CA PRO E 185 -12.74 -14.21 -43.99
C PRO E 185 -11.54 -15.14 -43.99
N SER E 186 -11.77 -16.40 -44.33
CA SER E 186 -10.70 -17.39 -44.36
C SER E 186 -9.97 -17.47 -45.70
N THR E 187 -10.61 -17.02 -46.77
CA THR E 187 -10.01 -17.06 -48.11
C THR E 187 -10.38 -15.82 -48.92
N ASN E 188 -9.59 -15.54 -49.96
CA ASN E 188 -9.89 -14.43 -50.87
C ASN E 188 -11.20 -14.65 -51.63
N GLN E 189 -11.47 -15.90 -51.99
CA GLN E 189 -12.71 -16.30 -52.64
C GLN E 189 -13.92 -15.87 -51.79
N GLU E 190 -13.79 -16.08 -50.48
CA GLU E 190 -14.83 -15.74 -49.52
C GLU E 190 -14.98 -14.23 -49.39
N GLN E 191 -13.86 -13.53 -49.33
CA GLN E 191 -13.85 -12.06 -49.23
C GLN E 191 -14.61 -11.41 -50.39
N THR E 192 -14.32 -11.83 -51.62
CA THR E 192 -14.90 -11.20 -52.79
C THR E 192 -16.37 -11.58 -52.99
N SER E 193 -16.75 -12.81 -52.67
CA SER E 193 -18.15 -13.22 -52.84
C SER E 193 -19.08 -12.60 -51.79
N LEU E 194 -18.53 -12.19 -50.65
CA LEU E 194 -19.32 -11.49 -49.63
C LEU E 194 -19.28 -9.97 -49.82
N TYR E 195 -18.11 -9.41 -50.10
CA TYR E 195 -17.91 -7.96 -50.07
C TYR E 195 -17.39 -7.33 -51.36
N VAL E 196 -17.26 -8.13 -52.43
CA VAL E 196 -16.77 -7.66 -53.75
C VAL E 196 -15.31 -7.18 -53.74
N GLN E 197 -15.02 -6.15 -52.94
CA GLN E 197 -13.66 -5.61 -52.83
C GLN E 197 -12.70 -6.65 -52.26
N ALA E 198 -11.48 -6.68 -52.80
CA ALA E 198 -10.45 -7.63 -52.37
C ALA E 198 -9.94 -7.28 -50.97
N SER E 199 -10.09 -6.01 -50.58
CA SER E 199 -9.62 -5.55 -49.28
C SER E 199 -10.64 -4.60 -48.64
N GLY E 200 -11.22 -5.04 -47.53
CA GLY E 200 -12.21 -4.23 -46.81
C GLY E 200 -11.59 -3.28 -45.82
N ARG E 201 -12.42 -2.45 -45.20
CA ARG E 201 -11.98 -1.57 -44.12
C ARG E 201 -13.21 -1.07 -43.34
N VAL E 202 -13.01 -0.80 -42.05
CA VAL E 202 -14.04 -0.22 -41.20
C VAL E 202 -13.45 0.94 -40.42
N THR E 203 -14.08 2.11 -40.52
CA THR E 203 -13.65 3.29 -39.76
C THR E 203 -14.84 3.81 -38.98
N VAL E 204 -14.77 3.70 -37.67
CA VAL E 204 -15.82 4.21 -36.79
C VAL E 204 -15.22 5.37 -36.00
N SER E 205 -15.90 6.51 -36.01
CA SER E 205 -15.33 7.73 -35.44
C SER E 205 -16.36 8.59 -34.73
N THR E 206 -15.88 9.33 -33.74
CA THR E 206 -16.62 10.41 -33.11
C THR E 206 -15.87 11.68 -33.42
N ARG E 207 -16.32 12.80 -32.86
CA ARG E 207 -15.67 14.07 -33.10
C ARG E 207 -14.22 14.09 -32.60
N ARG E 208 -13.94 13.42 -31.48
CA ARG E 208 -12.59 13.45 -30.88
C ARG E 208 -11.77 12.17 -31.02
N SER E 209 -12.39 11.07 -31.44
CA SER E 209 -11.67 9.80 -31.57
C SER E 209 -12.03 9.04 -32.86
N GLN E 210 -11.18 8.08 -33.21
CA GLN E 210 -11.41 7.21 -34.36
C GLN E 210 -10.77 5.84 -34.17
N GLN E 211 -11.33 4.86 -34.86
CA GLN E 211 -10.75 3.54 -34.95
C GLN E 211 -10.85 3.12 -36.40
N THR E 212 -9.74 2.66 -37.00
CA THR E 212 -9.81 2.02 -38.32
C THR E 212 -9.19 0.65 -38.27
N ILE E 213 -9.98 -0.35 -38.65
CA ILE E 213 -9.58 -1.73 -38.62
C ILE E 213 -9.58 -2.28 -40.03
N ILE E 214 -8.50 -2.95 -40.42
CA ILE E 214 -8.45 -3.67 -41.67
C ILE E 214 -8.64 -5.15 -41.34
N PRO E 215 -9.47 -5.87 -42.11
CA PRO E 215 -9.61 -7.31 -41.88
C PRO E 215 -8.40 -8.08 -42.38
N ASN E 216 -8.24 -9.30 -41.88
CA ASN E 216 -7.11 -10.13 -42.24
C ASN E 216 -7.61 -11.47 -42.78
N ILE E 217 -7.34 -11.76 -44.05
CA ILE E 217 -7.75 -13.03 -44.65
C ILE E 217 -6.80 -14.16 -44.23
N GLY E 218 -7.35 -15.35 -44.02
CA GLY E 218 -6.55 -16.51 -43.65
C GLY E 218 -7.32 -17.50 -42.80
N SER E 219 -6.79 -18.72 -42.70
CA SER E 219 -7.47 -19.79 -41.96
C SER E 219 -7.10 -19.78 -40.48
N ARG E 220 -8.11 -19.97 -39.64
CA ARG E 220 -7.94 -20.22 -38.22
C ARG E 220 -8.41 -21.65 -37.94
N PRO E 221 -8.22 -22.12 -36.69
CA PRO E 221 -8.80 -23.42 -36.35
C PRO E 221 -10.32 -23.47 -36.54
N TRP E 222 -10.83 -24.66 -36.85
CA TRP E 222 -12.27 -24.86 -37.02
C TRP E 222 -12.97 -24.69 -35.71
N VAL E 223 -13.91 -23.76 -35.69
CA VAL E 223 -14.83 -23.61 -34.56
C VAL E 223 -16.24 -23.57 -35.14
N ARG E 224 -17.06 -24.56 -34.75
CA ARG E 224 -18.44 -24.69 -35.24
C ARG E 224 -18.51 -24.62 -36.76
N GLY E 225 -17.58 -25.30 -37.43
CA GLY E 225 -17.59 -25.40 -38.88
C GLY E 225 -16.83 -24.32 -39.65
N LEU E 226 -16.34 -23.31 -38.93
CA LEU E 226 -15.80 -22.11 -39.58
C LEU E 226 -14.33 -21.84 -39.25
N SER E 227 -13.56 -21.53 -40.29
CA SER E 227 -12.17 -21.05 -40.15
C SER E 227 -12.12 -19.53 -40.10
N SER E 228 -13.25 -18.87 -40.32
CA SER E 228 -13.31 -17.42 -40.30
C SER E 228 -13.62 -16.92 -38.88
N ARG E 229 -13.54 -15.61 -38.68
CA ARG E 229 -13.72 -15.02 -37.35
C ARG E 229 -14.38 -13.65 -37.44
N ILE E 230 -14.93 -13.21 -36.31
CA ILE E 230 -15.41 -11.84 -36.15
C ILE E 230 -14.61 -11.21 -35.01
N SER E 231 -14.23 -9.94 -35.17
CA SER E 231 -13.56 -9.20 -34.09
C SER E 231 -14.46 -8.07 -33.62
N ILE E 232 -14.61 -7.95 -32.30
CA ILE E 232 -15.53 -6.99 -31.69
C ILE E 232 -14.81 -5.75 -31.19
N TYR E 233 -15.39 -4.58 -31.47
CA TYR E 233 -14.87 -3.30 -31.01
C TYR E 233 -16.00 -2.50 -30.41
N TRP E 234 -15.68 -1.43 -29.68
CA TRP E 234 -16.70 -0.57 -29.09
C TRP E 234 -16.38 0.88 -29.18
N THR E 235 -17.40 1.73 -29.12
CA THR E 235 -17.23 3.17 -29.16
C THR E 235 -18.27 3.84 -28.27
N ILE E 236 -17.78 4.68 -27.36
CA ILE E 236 -18.66 5.50 -26.52
C ILE E 236 -18.85 6.86 -27.17
N VAL E 237 -20.12 7.30 -27.27
CA VAL E 237 -20.47 8.59 -27.86
C VAL E 237 -21.12 9.48 -26.80
N LYS E 238 -20.43 10.58 -26.47
CA LYS E 238 -20.90 11.53 -25.45
C LYS E 238 -22.06 12.38 -25.99
N PRO E 239 -22.86 12.96 -25.08
CA PRO E 239 -23.91 13.89 -25.50
C PRO E 239 -23.34 15.03 -26.33
N GLY E 240 -24.03 15.39 -27.41
CA GLY E 240 -23.56 16.45 -28.30
C GLY E 240 -22.66 15.94 -29.41
N ASP E 241 -22.01 14.81 -29.18
CA ASP E 241 -21.11 14.20 -30.16
C ASP E 241 -21.94 13.44 -31.21
N VAL E 242 -21.26 12.78 -32.15
CA VAL E 242 -21.93 12.08 -33.24
C VAL E 242 -21.10 10.89 -33.74
N LEU E 243 -21.75 9.75 -33.95
CA LEU E 243 -21.10 8.55 -34.47
C LEU E 243 -21.09 8.59 -36.00
N VAL E 244 -19.94 8.25 -36.60
CA VAL E 244 -19.86 8.07 -38.05
C VAL E 244 -19.24 6.71 -38.35
N ILE E 245 -19.99 5.87 -39.06
CA ILE E 245 -19.51 4.55 -39.49
C ILE E 245 -19.26 4.62 -40.99
N ASN E 246 -18.06 4.24 -41.39
CA ASN E 246 -17.63 4.30 -42.79
C ASN E 246 -16.93 3.01 -43.18
N SER E 247 -17.43 2.34 -44.21
CA SER E 247 -16.87 1.04 -44.61
C SER E 247 -17.14 0.69 -46.05
N ASN E 248 -16.16 0.05 -46.69
CA ASN E 248 -16.33 -0.51 -48.04
C ASN E 248 -16.22 -2.03 -48.05
N GLY E 249 -16.44 -2.64 -46.87
CA GLY E 249 -16.47 -4.09 -46.75
C GLY E 249 -16.16 -4.60 -45.35
N ASN E 250 -16.74 -5.76 -45.02
CA ASN E 250 -16.44 -6.50 -43.78
C ASN E 250 -17.02 -5.93 -42.50
N LEU E 251 -17.81 -4.85 -42.58
CA LEU E 251 -18.43 -4.26 -41.39
C LEU E 251 -19.46 -5.20 -40.78
N ILE E 252 -19.35 -5.43 -39.48
CA ILE E 252 -20.43 -6.00 -38.69
C ILE E 252 -21.05 -4.83 -37.94
N ALA E 253 -22.19 -4.37 -38.45
CA ALA E 253 -22.77 -3.11 -38.00
C ALA E 253 -23.51 -3.25 -36.68
N PRO E 254 -23.59 -2.16 -35.90
CA PRO E 254 -24.42 -2.13 -34.72
C PRO E 254 -25.88 -1.93 -35.12
N ARG E 255 -26.80 -2.38 -34.27
CA ARG E 255 -28.23 -2.17 -34.48
C ARG E 255 -28.75 -1.01 -33.63
N GLY E 256 -27.88 -0.45 -32.80
CA GLY E 256 -28.27 0.60 -31.85
C GLY E 256 -27.23 0.73 -30.75
N TYR E 257 -27.63 1.27 -29.61
CA TYR E 257 -26.69 1.49 -28.50
C TYR E 257 -27.16 0.88 -27.19
N PHE E 258 -26.19 0.64 -26.30
CA PHE E 258 -26.48 0.26 -24.93
C PHE E 258 -26.38 1.50 -24.07
N LYS E 259 -27.34 1.67 -23.16
CA LYS E 259 -27.30 2.80 -22.24
C LYS E 259 -26.21 2.58 -21.20
N MET E 260 -25.46 3.62 -20.87
CA MET E 260 -24.37 3.52 -19.90
C MET E 260 -24.80 4.15 -18.59
N ARG E 261 -24.69 3.40 -17.50
CA ARG E 261 -24.94 3.93 -16.17
C ARG E 261 -23.67 3.87 -15.33
N THR E 262 -23.68 4.57 -14.21
CA THR E 262 -22.62 4.47 -13.21
C THR E 262 -23.29 4.12 -11.90
N GLY E 263 -22.62 3.31 -11.07
CA GLY E 263 -23.17 2.91 -9.79
C GLY E 263 -22.31 1.85 -9.13
N LYS E 264 -22.95 0.94 -8.42
CA LYS E 264 -22.22 -0.05 -7.63
C LYS E 264 -22.10 -1.41 -8.33
N SER E 265 -22.29 -1.45 -9.64
CA SER E 265 -22.34 -2.74 -10.34
C SER E 265 -20.97 -3.32 -10.60
N SER E 266 -20.90 -4.65 -10.61
CA SER E 266 -19.69 -5.37 -10.94
C SER E 266 -19.97 -6.79 -11.43
N ILE E 267 -18.90 -7.57 -11.59
CA ILE E 267 -19.00 -8.94 -12.09
C ILE E 267 -18.12 -9.83 -11.21
N MET E 268 -18.47 -11.11 -11.10
CA MET E 268 -17.70 -12.07 -10.29
C MET E 268 -17.77 -13.48 -10.91
N ARG E 269 -16.64 -14.16 -10.91
CA ARG E 269 -16.58 -15.56 -11.32
C ARG E 269 -16.77 -16.44 -10.09
N SER E 270 -17.84 -17.23 -10.09
CA SER E 270 -18.11 -18.15 -8.98
C SER E 270 -19.04 -19.26 -9.42
N ASP E 271 -18.89 -20.44 -8.84
CA ASP E 271 -19.83 -21.54 -9.03
C ASP E 271 -20.67 -21.78 -7.79
N ALA E 272 -20.69 -20.81 -6.87
CA ALA E 272 -21.50 -20.93 -5.67
C ALA E 272 -23.00 -20.80 -6.03
N PRO E 273 -23.84 -21.67 -5.46
CA PRO E 273 -25.27 -21.50 -5.72
C PRO E 273 -25.83 -20.27 -5.00
N ILE E 274 -26.87 -19.69 -5.60
CA ILE E 274 -27.52 -18.51 -5.04
C ILE E 274 -28.65 -18.98 -4.14
N ASP E 275 -28.90 -18.24 -3.07
CA ASP E 275 -29.83 -18.66 -2.03
C ASP E 275 -30.59 -17.46 -1.47
N THR E 276 -31.74 -17.73 -0.87
CA THR E 276 -32.57 -16.70 -0.26
C THR E 276 -32.07 -16.40 1.16
N CYS E 277 -31.35 -15.30 1.31
CA CYS E 277 -30.87 -14.81 2.61
C CYS E 277 -30.33 -13.38 2.45
N ILE E 278 -29.95 -12.76 3.57
CA ILE E 278 -29.39 -11.41 3.54
C ILE E 278 -27.93 -11.44 3.97
N SER E 279 -27.06 -10.90 3.12
CA SER E 279 -25.64 -10.73 3.47
C SER E 279 -25.00 -9.62 2.63
N GLU E 280 -24.41 -8.64 3.31
CA GLU E 280 -23.80 -7.49 2.64
C GLU E 280 -22.57 -7.89 1.83
N CYS E 281 -21.79 -8.84 2.34
CA CYS E 281 -20.50 -9.21 1.73
C CYS E 281 -20.58 -10.50 0.93
N ILE E 282 -20.08 -10.45 -0.31
CA ILE E 282 -20.07 -11.61 -1.21
C ILE E 282 -18.62 -11.94 -1.60
N THR E 283 -18.30 -13.23 -1.59
CA THR E 283 -17.04 -13.75 -2.14
C THR E 283 -17.35 -14.87 -3.13
N PRO E 284 -16.38 -15.24 -3.97
CA PRO E 284 -16.61 -16.36 -4.88
C PRO E 284 -16.94 -17.66 -4.15
N ASN E 285 -16.47 -17.79 -2.92
CA ASN E 285 -16.78 -18.95 -2.08
C ASN E 285 -18.18 -18.91 -1.48
N GLY E 286 -18.87 -17.77 -1.62
CA GLY E 286 -20.18 -17.58 -1.02
C GLY E 286 -20.16 -16.34 -0.14
N SER E 287 -21.34 -15.98 0.37
CA SER E 287 -21.46 -14.85 1.27
C SER E 287 -20.75 -15.13 2.58
N ILE E 288 -20.22 -14.08 3.21
CA ILE E 288 -19.62 -14.20 4.53
C ILE E 288 -20.14 -13.06 5.41
N PRO E 289 -20.26 -13.31 6.72
CA PRO E 289 -20.62 -12.22 7.61
C PRO E 289 -19.49 -11.19 7.71
N ASN E 290 -19.84 -9.95 8.03
CA ASN E 290 -18.88 -8.87 8.12
C ASN E 290 -18.81 -8.26 9.52
N ASP E 291 -19.06 -9.08 10.54
CA ASP E 291 -18.95 -8.63 11.91
C ASP E 291 -17.48 -8.48 12.34
N LYS E 292 -16.58 -9.24 11.72
CA LYS E 292 -15.16 -9.18 12.04
C LYS E 292 -14.43 -8.23 11.09
N PRO E 293 -13.33 -7.61 11.55
CA PRO E 293 -12.62 -6.64 10.72
C PRO E 293 -11.81 -7.24 9.59
N PHE E 294 -11.40 -8.51 9.73
CA PHE E 294 -10.56 -9.17 8.73
C PHE E 294 -11.19 -10.50 8.30
N GLN E 295 -10.75 -10.98 7.15
CA GLN E 295 -11.21 -12.27 6.63
C GLN E 295 -10.11 -12.95 5.84
N ASN E 296 -10.22 -14.28 5.78
CA ASN E 296 -9.23 -15.13 5.14
C ASN E 296 -9.87 -16.03 4.08
N VAL E 297 -11.09 -15.69 3.66
CA VAL E 297 -11.86 -16.53 2.76
C VAL E 297 -11.42 -16.33 1.32
N ASN E 298 -11.37 -15.09 0.87
CA ASN E 298 -10.98 -14.79 -0.50
C ASN E 298 -10.62 -13.32 -0.67
N LYS E 299 -9.56 -13.05 -1.43
CA LYS E 299 -9.19 -11.68 -1.74
C LYS E 299 -10.19 -10.99 -2.68
N ILE E 300 -10.94 -11.79 -3.44
CA ILE E 300 -12.02 -11.28 -4.27
C ILE E 300 -13.26 -11.09 -3.40
N THR E 301 -13.75 -9.85 -3.34
CA THR E 301 -14.95 -9.54 -2.55
C THR E 301 -15.82 -8.47 -3.21
N TYR E 302 -17.09 -8.49 -2.86
CA TYR E 302 -18.05 -7.47 -3.28
C TYR E 302 -18.94 -7.12 -2.10
N GLY E 303 -19.08 -5.83 -1.83
CA GLY E 303 -19.96 -5.34 -0.77
C GLY E 303 -19.20 -4.80 0.42
N ALA E 304 -19.88 -4.72 1.56
CA ALA E 304 -19.28 -4.30 2.83
C ALA E 304 -18.57 -5.48 3.45
N CYS E 305 -17.27 -5.63 3.15
CA CYS E 305 -16.52 -6.82 3.52
C CYS E 305 -15.35 -6.55 4.46
N PRO E 306 -14.99 -7.53 5.28
CA PRO E 306 -13.75 -7.44 6.04
C PRO E 306 -12.53 -7.38 5.14
N LYS E 307 -11.44 -6.82 5.64
CA LYS E 307 -10.20 -6.72 4.86
C LYS E 307 -9.55 -8.11 4.76
N TYR E 308 -9.11 -8.48 3.57
CA TYR E 308 -8.49 -9.78 3.38
C TYR E 308 -7.08 -9.79 3.94
N VAL E 309 -6.78 -10.79 4.75
CA VAL E 309 -5.45 -10.94 5.34
C VAL E 309 -4.93 -12.37 5.15
N LYS E 310 -3.62 -12.54 5.32
CA LYS E 310 -2.98 -13.83 5.12
C LYS E 310 -3.15 -14.75 6.32
N GLN E 311 -3.36 -14.17 7.51
CA GLN E 311 -3.55 -14.96 8.74
C GLN E 311 -4.88 -15.69 8.71
N ASN E 312 -4.90 -16.89 9.26
CA ASN E 312 -6.08 -17.69 9.38
C ASN E 312 -6.81 -17.48 10.73
N THR E 313 -6.08 -16.96 11.71
CA THR E 313 -6.65 -16.62 13.01
C THR E 313 -5.87 -15.47 13.67
N LEU E 314 -6.61 -14.53 14.26
CA LEU E 314 -6.04 -13.49 15.11
C LEU E 314 -6.96 -13.27 16.30
N LYS E 315 -6.47 -13.59 17.49
CA LYS E 315 -7.27 -13.53 18.70
C LYS E 315 -7.05 -12.21 19.43
N LEU E 316 -8.14 -11.51 19.72
CA LEU E 316 -8.09 -10.28 20.50
C LEU E 316 -8.46 -10.60 21.94
N ALA E 317 -7.55 -10.31 22.86
CA ALA E 317 -7.77 -10.56 24.29
C ALA E 317 -8.99 -9.80 24.74
N THR E 318 -9.90 -10.50 25.43
CA THR E 318 -11.07 -9.84 26.00
C THR E 318 -11.14 -10.09 27.51
N GLY E 319 -9.98 -10.36 28.10
CA GLY E 319 -9.89 -10.62 29.53
C GLY E 319 -8.47 -10.52 30.00
N MET E 320 -8.27 -10.61 31.32
CA MET E 320 -6.95 -10.48 31.91
C MET E 320 -6.11 -11.72 31.67
N ARG E 321 -4.84 -11.59 32.02
CA ARG E 321 -3.91 -12.70 32.07
C ARG E 321 -4.47 -13.82 32.94
N ASN E 322 -4.40 -15.06 32.47
CA ASN E 322 -4.94 -16.21 33.21
C ASN E 322 -3.85 -16.90 34.01
N VAL E 323 -3.94 -16.83 35.34
CA VAL E 323 -2.95 -17.42 36.25
C VAL E 323 -3.66 -18.45 37.13
N PRO E 324 -3.79 -19.69 36.65
CA PRO E 324 -4.66 -20.66 37.32
C PRO E 324 -4.16 -21.06 38.72
N GLU E 325 -5.09 -21.46 39.58
CA GLU E 325 -4.77 -21.65 40.99
C GLU E 325 -4.07 -23.00 41.16
N LYS E 326 -2.80 -22.94 41.56
CA LYS E 326 -1.91 -24.11 41.64
C LYS E 326 -0.59 -23.73 42.30
N GLY F 1 3.08 -8.10 33.62
CA GLY F 1 2.37 -6.80 33.41
C GLY F 1 3.16 -5.63 34.00
N LEU F 2 2.89 -4.42 33.50
CA LEU F 2 3.63 -3.23 33.92
C LEU F 2 3.48 -2.89 35.40
N PHE F 3 2.38 -3.30 36.02
CA PHE F 3 2.10 -2.93 37.40
C PHE F 3 2.47 -3.98 38.42
N GLY F 4 2.84 -5.17 37.96
CA GLY F 4 3.35 -6.21 38.84
C GLY F 4 2.35 -6.80 39.81
N ALA F 5 1.05 -6.63 39.55
CA ALA F 5 0.01 -7.20 40.42
C ALA F 5 -0.37 -8.60 39.93
N ILE F 6 -1.09 -8.66 38.80
CA ILE F 6 -1.49 -9.94 38.20
C ILE F 6 -0.23 -10.63 37.66
N ALA F 7 -0.08 -11.91 38.01
CA ALA F 7 1.14 -12.67 37.69
C ALA F 7 2.37 -12.00 38.29
N GLY F 8 2.17 -11.32 39.41
CA GLY F 8 3.24 -10.60 40.11
C GLY F 8 3.13 -10.80 41.61
N PHE F 9 2.95 -9.72 42.36
CA PHE F 9 2.90 -9.84 43.82
C PHE F 9 1.64 -10.56 44.30
N ILE F 10 0.63 -10.67 43.43
CA ILE F 10 -0.46 -11.62 43.64
C ILE F 10 -0.09 -12.92 42.91
N GLU F 11 0.19 -13.97 43.67
CA GLU F 11 0.78 -15.20 43.11
C GLU F 11 -0.10 -15.82 42.02
N ASN F 12 -1.39 -15.88 42.24
CA ASN F 12 -2.32 -16.48 41.26
C ASN F 12 -3.76 -15.97 41.39
N GLY F 13 -4.60 -16.37 40.43
CA GLY F 13 -6.01 -16.00 40.43
C GLY F 13 -6.86 -17.03 41.14
N TRP F 14 -8.16 -16.74 41.25
CA TRP F 14 -9.13 -17.60 41.91
C TRP F 14 -10.15 -18.18 40.96
N GLU F 15 -10.06 -19.47 40.70
CA GLU F 15 -11.07 -20.13 39.88
C GLU F 15 -12.44 -20.10 40.56
N GLY F 16 -12.44 -20.09 41.89
CA GLY F 16 -13.66 -20.07 42.68
C GLY F 16 -14.45 -18.77 42.66
N MET F 17 -13.86 -17.69 42.15
CA MET F 17 -14.58 -16.42 42.05
C MET F 17 -15.29 -16.30 40.70
N ILE F 18 -16.55 -16.72 40.68
CA ILE F 18 -17.32 -16.78 39.43
C ILE F 18 -18.27 -15.59 39.25
N ASP F 19 -18.32 -14.69 40.23
CA ASP F 19 -19.26 -13.56 40.19
C ASP F 19 -18.57 -12.21 39.98
N GLY F 20 -17.28 -12.23 39.60
CA GLY F 20 -16.56 -10.99 39.34
C GLY F 20 -15.11 -11.21 38.94
N TRP F 21 -14.48 -10.16 38.45
CA TRP F 21 -13.10 -10.23 37.95
C TRP F 21 -12.10 -9.99 39.04
N TYR F 22 -12.42 -9.07 39.94
CA TYR F 22 -11.59 -8.77 41.09
C TYR F 22 -12.43 -8.93 42.36
N GLY F 23 -11.77 -9.17 43.49
CA GLY F 23 -12.50 -9.29 44.76
C GLY F 23 -11.67 -9.55 46.00
N PHE F 24 -12.38 -9.85 47.08
CA PHE F 24 -11.78 -10.00 48.40
C PHE F 24 -12.01 -11.40 48.98
N ARG F 25 -11.03 -11.88 49.73
CA ARG F 25 -11.18 -13.03 50.62
C ARG F 25 -10.73 -12.60 52.00
N HIS F 26 -11.40 -13.08 53.03
CA HIS F 26 -11.07 -12.67 54.38
C HIS F 26 -11.15 -13.79 55.38
N GLN F 27 -10.47 -13.60 56.49
CA GLN F 27 -10.62 -14.43 57.67
C GLN F 27 -10.71 -13.50 58.87
N ASN F 28 -11.78 -13.63 59.64
CA ASN F 28 -11.97 -12.86 60.86
C ASN F 28 -12.43 -13.77 61.98
N SER F 29 -12.81 -13.19 63.11
CA SER F 29 -13.31 -13.97 64.25
C SER F 29 -14.59 -14.76 63.91
N GLU F 30 -15.42 -14.23 63.01
CA GLU F 30 -16.67 -14.92 62.63
C GLU F 30 -16.48 -16.03 61.60
N GLY F 31 -15.30 -16.13 60.98
CA GLY F 31 -15.03 -17.18 60.00
C GLY F 31 -14.31 -16.66 58.76
N THR F 32 -14.65 -17.22 57.61
CA THR F 32 -14.05 -16.82 56.34
C THR F 32 -15.11 -16.53 55.29
N GLY F 33 -14.71 -15.80 54.24
CA GLY F 33 -15.65 -15.42 53.17
C GLY F 33 -14.99 -14.83 51.94
N GLN F 34 -15.78 -14.76 50.87
CA GLN F 34 -15.33 -14.28 49.56
C GLN F 34 -16.39 -13.36 48.96
N ALA F 35 -15.97 -12.29 48.31
CA ALA F 35 -16.91 -11.40 47.62
C ALA F 35 -16.23 -10.65 46.50
N ALA F 36 -16.93 -10.50 45.37
CA ALA F 36 -16.40 -9.79 44.21
C ALA F 36 -16.51 -8.29 44.42
N ASP F 37 -15.58 -7.53 43.84
CA ASP F 37 -15.70 -6.07 43.79
C ASP F 37 -16.26 -5.68 42.42
N LEU F 38 -17.46 -5.13 42.41
CA LEU F 38 -18.17 -4.86 41.15
C LEU F 38 -17.64 -3.63 40.42
N LYS F 39 -17.17 -2.65 41.17
CA LYS F 39 -16.72 -1.38 40.59
C LYS F 39 -15.47 -1.59 39.72
N SER F 40 -14.48 -2.31 40.25
CA SER F 40 -13.26 -2.59 39.50
C SER F 40 -13.51 -3.58 38.36
N THR F 41 -14.35 -4.58 38.59
CA THR F 41 -14.73 -5.50 37.53
C THR F 41 -15.31 -4.72 36.36
N GLN F 42 -16.20 -3.78 36.66
CA GLN F 42 -16.88 -3.01 35.64
C GLN F 42 -15.95 -2.05 34.90
N ALA F 43 -14.93 -1.54 35.61
CA ALA F 43 -13.93 -0.67 35.00
C ALA F 43 -13.19 -1.42 33.89
N ALA F 44 -12.71 -2.62 34.21
CA ALA F 44 -12.02 -3.44 33.23
C ALA F 44 -12.94 -3.82 32.08
N ILE F 45 -14.15 -4.26 32.39
CA ILE F 45 -15.07 -4.71 31.35
C ILE F 45 -15.41 -3.58 30.40
N ASP F 46 -15.69 -2.40 30.96
CA ASP F 46 -16.02 -1.23 30.15
C ASP F 46 -14.90 -0.88 29.17
N GLN F 47 -13.66 -0.85 29.67
CA GLN F 47 -12.52 -0.53 28.82
C GLN F 47 -12.34 -1.54 27.71
N ILE F 48 -12.47 -2.82 28.02
CA ILE F 48 -12.33 -3.88 27.02
C ILE F 48 -13.45 -3.78 25.98
N ASN F 49 -14.69 -3.53 26.42
CA ASN F 49 -15.80 -3.35 25.48
C ASN F 49 -15.56 -2.19 24.53
N GLY F 50 -15.01 -1.08 25.06
CA GLY F 50 -14.78 0.12 24.27
C GLY F 50 -13.75 -0.14 23.19
N LYS F 51 -12.69 -0.81 23.61
CA LYS F 51 -11.62 -1.27 22.76
C LYS F 51 -12.18 -2.19 21.67
N LEU F 52 -13.00 -3.14 22.09
CA LEU F 52 -13.61 -4.11 21.19
C LEU F 52 -14.51 -3.44 20.17
N ASN F 53 -15.30 -2.46 20.62
CA ASN F 53 -16.20 -1.73 19.72
C ASN F 53 -15.49 -0.87 18.68
N ARG F 54 -14.28 -0.42 18.99
CA ARG F 54 -13.50 0.36 18.03
C ARG F 54 -12.96 -0.52 16.92
N VAL F 55 -12.64 -1.77 17.26
CA VAL F 55 -12.04 -2.69 16.31
C VAL F 55 -13.09 -3.35 15.44
N ILE F 56 -14.18 -3.83 16.03
CA ILE F 56 -15.18 -4.65 15.31
C ILE F 56 -16.22 -3.79 14.59
N GLU F 57 -16.80 -4.36 13.54
CA GLU F 57 -17.93 -3.76 12.79
C GLU F 57 -17.66 -2.40 12.14
N LYS F 58 -16.40 -2.09 11.87
CA LYS F 58 -16.03 -0.90 11.09
C LYS F 58 -15.46 -1.40 9.77
N THR F 59 -16.24 -1.32 8.70
CA THR F 59 -15.94 -2.02 7.44
C THR F 59 -16.06 -1.17 6.16
N ASN F 60 -15.13 -1.33 5.22
CA ASN F 60 -15.17 -0.62 3.94
C ASN F 60 -16.14 -1.27 2.96
N GLU F 61 -16.90 -0.47 2.21
CA GLU F 61 -17.75 -0.97 1.13
C GLU F 61 -17.00 -0.77 -0.18
N LYS F 62 -16.65 -1.86 -0.86
CA LYS F 62 -16.01 -1.78 -2.18
C LYS F 62 -16.83 -2.62 -3.16
N PHE F 63 -16.99 -2.09 -4.37
CA PHE F 63 -17.81 -2.74 -5.38
C PHE F 63 -16.92 -3.21 -6.54
N HIS F 64 -16.93 -2.53 -7.69
CA HIS F 64 -16.07 -2.92 -8.80
C HIS F 64 -14.63 -2.56 -8.51
N GLN F 65 -13.73 -3.52 -8.69
CA GLN F 65 -12.32 -3.34 -8.35
C GLN F 65 -11.48 -3.81 -9.52
N ILE F 66 -10.28 -4.31 -9.26
CA ILE F 66 -9.50 -4.99 -10.30
C ILE F 66 -9.74 -6.50 -10.24
N GLU F 67 -9.39 -7.19 -11.30
CA GLU F 67 -9.40 -8.64 -11.31
C GLU F 67 -8.17 -9.16 -10.55
N LYS F 68 -8.32 -10.33 -9.91
CA LYS F 68 -7.28 -10.89 -9.05
C LYS F 68 -6.91 -12.35 -9.35
N GLU F 69 -7.60 -12.96 -10.31
CA GLU F 69 -7.28 -14.30 -10.82
C GLU F 69 -7.31 -14.25 -12.34
N PHE F 70 -6.41 -15.00 -12.97
CA PHE F 70 -6.24 -14.94 -14.43
C PHE F 70 -6.07 -16.33 -15.03
N SER F 71 -6.67 -16.56 -16.18
CA SER F 71 -6.63 -17.86 -16.83
C SER F 71 -5.53 -17.99 -17.87
N GLU F 72 -4.96 -16.86 -18.29
CA GLU F 72 -3.85 -16.84 -19.25
C GLU F 72 -2.67 -16.04 -18.70
N VAL F 73 -1.50 -16.28 -19.29
CA VAL F 73 -0.32 -15.47 -19.00
C VAL F 73 -0.31 -14.32 -20.01
N GLU F 74 -0.11 -13.11 -19.52
CA GLU F 74 -0.17 -11.90 -20.34
C GLU F 74 1.07 -11.02 -20.22
N GLY F 75 1.75 -11.09 -19.08
CA GLY F 75 2.97 -10.34 -18.87
C GLY F 75 2.76 -9.07 -18.08
N ARG F 76 3.19 -7.95 -18.64
CA ARG F 76 3.42 -6.72 -17.87
C ARG F 76 2.25 -6.21 -17.05
N ILE F 77 1.06 -6.11 -17.65
CA ILE F 77 -0.11 -5.57 -16.94
C ILE F 77 -0.57 -6.51 -15.82
N GLN F 78 -0.54 -7.81 -16.11
CA GLN F 78 -0.97 -8.79 -15.15
C GLN F 78 0.02 -8.87 -13.98
N ASP F 79 1.31 -8.73 -14.29
CA ASP F 79 2.33 -8.66 -13.25
C ASP F 79 2.00 -7.54 -12.27
N LEU F 80 1.65 -6.39 -12.83
CA LEU F 80 1.34 -5.20 -12.03
C LEU F 80 0.06 -5.37 -11.23
N GLU F 81 -0.97 -5.93 -11.86
CA GLU F 81 -2.23 -6.20 -11.16
C GLU F 81 -2.00 -7.12 -9.96
N LYS F 82 -1.24 -8.19 -10.18
CA LYS F 82 -0.94 -9.14 -9.12
C LYS F 82 -0.11 -8.51 -8.02
N TYR F 83 0.87 -7.69 -8.40
CA TYR F 83 1.78 -7.05 -7.45
C TYR F 83 1.07 -6.02 -6.59
N VAL F 84 0.19 -5.24 -7.20
CA VAL F 84 -0.63 -4.28 -6.49
C VAL F 84 -1.41 -5.00 -5.39
N GLU F 85 -2.10 -6.07 -5.74
CA GLU F 85 -2.94 -6.78 -4.78
C GLU F 85 -2.12 -7.46 -3.72
N ASP F 86 -1.00 -8.06 -4.11
CA ASP F 86 -0.14 -8.73 -3.15
C ASP F 86 0.47 -7.73 -2.17
N THR F 87 0.87 -6.57 -2.67
CA THR F 87 1.35 -5.48 -1.84
C THR F 87 0.28 -5.05 -0.83
N LYS F 88 -0.96 -4.95 -1.29
CA LYS F 88 -2.07 -4.52 -0.44
C LYS F 88 -2.30 -5.50 0.69
N ILE F 89 -2.34 -6.79 0.34
CA ILE F 89 -2.64 -7.83 1.32
C ILE F 89 -1.56 -7.88 2.41
N ASP F 90 -0.30 -7.75 2.02
CA ASP F 90 0.79 -7.81 3.00
C ASP F 90 0.72 -6.64 3.97
N LEU F 91 0.42 -5.45 3.47
CA LEU F 91 0.29 -4.28 4.31
C LEU F 91 -0.89 -4.43 5.28
N TRP F 92 -2.01 -4.96 4.81
CA TRP F 92 -3.15 -5.22 5.70
C TRP F 92 -2.88 -6.33 6.69
N SER F 93 -2.14 -7.33 6.26
CA SER F 93 -1.78 -8.43 7.14
C SER F 93 -0.90 -7.94 8.27
N TYR F 94 0.02 -7.01 7.96
CA TYR F 94 0.85 -6.36 8.96
C TYR F 94 0.00 -5.53 9.93
N ASN F 95 -0.88 -4.71 9.38
CA ASN F 95 -1.76 -3.93 10.23
C ASN F 95 -2.49 -4.79 11.23
N ALA F 96 -3.06 -5.89 10.74
CA ALA F 96 -3.82 -6.80 11.58
C ALA F 96 -2.92 -7.41 12.65
N GLU F 97 -1.72 -7.83 12.27
CA GLU F 97 -0.80 -8.47 13.22
C GLU F 97 -0.37 -7.48 14.31
N LEU F 98 0.01 -6.27 13.92
CA LEU F 98 0.40 -5.25 14.89
C LEU F 98 -0.77 -4.86 15.79
N LEU F 99 -1.97 -4.75 15.21
CA LEU F 99 -3.13 -4.29 15.97
C LEU F 99 -3.35 -5.20 17.16
N VAL F 100 -3.43 -6.49 16.89
CA VAL F 100 -3.68 -7.49 17.93
C VAL F 100 -2.57 -7.50 19.00
N ALA F 101 -1.32 -7.36 18.55
CA ALA F 101 -0.18 -7.35 19.49
C ALA F 101 -0.26 -6.18 20.45
N LEU F 102 -0.46 -4.98 19.93
CA LEU F 102 -0.58 -3.77 20.74
C LEU F 102 -1.79 -3.89 21.66
N GLU F 103 -2.93 -4.22 21.09
CA GLU F 103 -4.17 -4.31 21.85
C GLU F 103 -4.04 -5.28 23.03
N ASN F 104 -3.51 -6.46 22.75
CA ASN F 104 -3.40 -7.50 23.77
C ASN F 104 -2.42 -7.16 24.86
N GLN F 105 -1.31 -6.55 24.50
CA GLN F 105 -0.33 -6.12 25.47
C GLN F 105 -1.00 -5.11 26.40
N HIS F 106 -1.78 -4.21 25.81
CA HIS F 106 -2.46 -3.16 26.56
C HIS F 106 -3.54 -3.70 27.45
N THR F 107 -4.33 -4.64 26.94
CA THR F 107 -5.40 -5.27 27.73
C THR F 107 -4.83 -5.94 28.98
N ILE F 108 -3.69 -6.60 28.85
CA ILE F 108 -3.02 -7.23 29.99
C ILE F 108 -2.59 -6.17 30.99
N ASP F 109 -1.98 -5.09 30.50
CA ASP F 109 -1.48 -4.02 31.39
C ASP F 109 -2.63 -3.28 32.08
N LEU F 110 -3.74 -3.11 31.37
CA LEU F 110 -4.87 -2.38 31.92
C LEU F 110 -5.59 -3.18 32.97
N THR F 111 -5.72 -4.49 32.76
CA THR F 111 -6.32 -5.37 33.77
C THR F 111 -5.40 -5.47 34.97
N ASP F 112 -4.10 -5.57 34.72
CA ASP F 112 -3.09 -5.55 35.78
C ASP F 112 -3.24 -4.26 36.59
N SER F 113 -3.37 -3.15 35.88
CA SER F 113 -3.55 -1.84 36.49
C SER F 113 -4.77 -1.79 37.43
N GLU F 114 -5.91 -2.29 36.98
CA GLU F 114 -7.13 -2.25 37.80
C GLU F 114 -6.97 -3.06 39.08
N MET F 115 -6.33 -4.22 38.99
CA MET F 115 -6.04 -5.01 40.20
C MET F 115 -5.26 -4.14 41.19
N ASN F 116 -4.24 -3.46 40.68
CA ASN F 116 -3.41 -2.61 41.52
C ASN F 116 -4.20 -1.42 42.08
N LYS F 117 -5.08 -0.84 41.28
CA LYS F 117 -5.91 0.27 41.73
C LYS F 117 -6.79 -0.13 42.92
N LEU F 118 -7.40 -1.31 42.84
CA LEU F 118 -8.23 -1.82 43.94
C LEU F 118 -7.40 -2.06 45.19
N PHE F 119 -6.17 -2.53 45.01
CA PHE F 119 -5.30 -2.76 46.14
C PHE F 119 -4.99 -1.45 46.85
N GLU F 120 -4.60 -0.44 46.07
CA GLU F 120 -4.21 0.85 46.61
C GLU F 120 -5.40 1.56 47.26
N LYS F 121 -6.57 1.42 46.64
CA LYS F 121 -7.80 1.99 47.15
C LYS F 121 -8.09 1.42 48.54
N THR F 122 -7.92 0.11 48.70
CA THR F 122 -8.13 -0.56 49.98
C THR F 122 -7.09 -0.13 51.01
N ARG F 123 -5.83 -0.10 50.59
CA ARG F 123 -4.73 0.32 51.47
C ARG F 123 -5.02 1.68 52.07
N ARG F 124 -5.47 2.59 51.21
CA ARG F 124 -5.76 3.96 51.61
C ARG F 124 -6.87 4.04 52.64
N GLN F 125 -7.93 3.25 52.46
CA GLN F 125 -9.00 3.19 53.45
C GLN F 125 -8.47 2.81 54.82
N LEU F 126 -7.62 1.79 54.85
CA LEU F 126 -7.18 1.20 56.11
C LEU F 126 -6.22 2.06 56.91
N ARG F 127 -5.59 3.05 56.27
CA ARG F 127 -4.70 3.99 56.97
C ARG F 127 -3.67 3.26 57.85
N GLU F 128 -3.63 3.56 59.15
CA GLU F 128 -2.65 2.98 60.05
C GLU F 128 -3.20 1.75 60.78
N ASN F 129 -4.36 1.27 60.37
CA ASN F 129 -4.99 0.14 61.04
C ASN F 129 -4.58 -1.21 60.46
N ALA F 130 -3.84 -1.20 59.36
CA ALA F 130 -3.43 -2.44 58.71
C ALA F 130 -2.01 -2.34 58.19
N GLU F 131 -1.38 -3.49 58.02
CA GLU F 131 -0.10 -3.54 57.34
C GLU F 131 -0.22 -4.48 56.17
N GLU F 132 0.72 -4.33 55.25
CA GLU F 132 0.66 -5.03 54.01
C GLU F 132 1.66 -6.18 53.94
N MET F 133 1.13 -7.40 53.82
CA MET F 133 1.92 -8.62 53.95
C MET F 133 2.76 -8.90 52.71
N GLY F 134 2.43 -8.25 51.59
CA GLY F 134 3.23 -8.32 50.37
C GLY F 134 2.75 -9.32 49.33
N ASN F 135 1.63 -9.99 49.61
CA ASN F 135 1.08 -11.01 48.73
C ASN F 135 -0.33 -10.64 48.30
N GLY F 136 -0.68 -9.38 48.45
CA GLY F 136 -2.02 -8.91 48.16
C GLY F 136 -2.92 -8.91 49.39
N CYS F 137 -2.40 -9.40 50.52
CA CYS F 137 -3.17 -9.45 51.77
C CYS F 137 -2.77 -8.36 52.74
N PHE F 138 -3.77 -7.78 53.40
CA PHE F 138 -3.55 -6.89 54.54
C PHE F 138 -3.76 -7.66 55.84
N LYS F 139 -2.90 -7.42 56.82
CA LYS F 139 -3.17 -7.83 58.19
C LYS F 139 -3.85 -6.65 58.87
N ILE F 140 -5.11 -6.84 59.24
CA ILE F 140 -5.87 -5.81 59.94
C ILE F 140 -5.66 -6.00 61.43
N TYR F 141 -5.18 -4.97 62.12
CA TYR F 141 -4.74 -5.10 63.51
C TYR F 141 -5.83 -4.82 64.56
N HIS F 142 -7.06 -5.19 64.24
CA HIS F 142 -8.17 -5.07 65.19
C HIS F 142 -9.25 -6.05 64.87
N LYS F 143 -10.07 -6.39 65.87
CA LYS F 143 -11.26 -7.19 65.63
C LYS F 143 -12.10 -6.52 64.55
N CYS F 144 -12.38 -7.25 63.48
CA CYS F 144 -13.10 -6.72 62.34
C CYS F 144 -14.12 -7.76 61.90
N ASP F 145 -15.33 -7.66 62.46
CA ASP F 145 -16.39 -8.63 62.16
C ASP F 145 -16.88 -8.54 60.71
N ASN F 146 -17.84 -9.38 60.35
CA ASN F 146 -18.36 -9.42 58.98
C ASN F 146 -18.85 -8.06 58.47
N ALA F 147 -19.49 -7.30 59.35
CA ALA F 147 -19.93 -5.94 59.04
C ALA F 147 -18.75 -5.04 58.74
N CYS F 148 -17.73 -5.14 59.59
CA CYS F 148 -16.51 -4.36 59.44
C CYS F 148 -15.80 -4.69 58.12
N ILE F 149 -15.74 -5.97 57.76
CA ILE F 149 -15.15 -6.37 56.47
C ILE F 149 -15.96 -5.82 55.31
N GLU F 150 -17.29 -5.93 55.40
CA GLU F 150 -18.15 -5.39 54.36
C GLU F 150 -18.03 -3.87 54.24
N SER F 151 -17.77 -3.19 55.35
CA SER F 151 -17.56 -1.74 55.33
C SER F 151 -16.31 -1.35 54.52
N ILE F 152 -15.29 -2.21 54.55
CA ILE F 152 -14.08 -2.01 53.74
C ILE F 152 -14.43 -2.22 52.27
N ARG F 153 -15.17 -3.27 52.00
CA ARG F 153 -15.50 -3.67 50.63
C ARG F 153 -16.41 -2.67 49.92
N ASN F 154 -17.31 -2.02 50.66
CA ASN F 154 -18.23 -1.02 50.08
C ASN F 154 -17.78 0.42 50.31
N GLY F 155 -16.56 0.60 50.80
CA GLY F 155 -15.92 1.92 50.83
C GLY F 155 -16.36 2.88 51.91
N THR F 156 -16.89 2.37 53.01
CA THR F 156 -17.40 3.20 54.11
C THR F 156 -16.67 3.00 55.44
N TYR F 157 -15.58 2.23 55.41
CA TYR F 157 -14.76 1.94 56.60
C TYR F 157 -14.23 3.23 57.23
N ASP F 158 -14.50 3.40 58.52
CA ASP F 158 -14.04 4.57 59.26
C ASP F 158 -12.84 4.19 60.14
N HIS F 159 -11.64 4.50 59.66
CA HIS F 159 -10.41 4.11 60.34
C HIS F 159 -10.30 4.66 61.75
N ASP F 160 -10.87 5.84 61.99
CA ASP F 160 -10.79 6.47 63.32
C ASP F 160 -11.44 5.62 64.41
N VAL F 161 -12.50 4.91 64.06
CA VAL F 161 -13.19 4.02 64.99
C VAL F 161 -12.25 2.97 65.59
N TYR F 162 -11.36 2.43 64.77
CA TYR F 162 -10.48 1.33 65.18
C TYR F 162 -9.02 1.73 65.43
N ARG F 163 -8.68 3.00 65.24
CA ARG F 163 -7.27 3.42 65.25
C ARG F 163 -6.56 3.13 66.57
N ASP F 164 -7.15 3.52 67.70
CA ASP F 164 -6.53 3.26 69.00
C ASP F 164 -6.22 1.79 69.19
N GLU F 165 -7.19 0.93 68.88
CA GLU F 165 -7.03 -0.51 69.01
C GLU F 165 -5.91 -1.02 68.09
N ALA F 166 -5.92 -0.56 66.83
CA ALA F 166 -4.94 -1.03 65.84
C ALA F 166 -3.52 -0.59 66.17
N LEU F 167 -3.34 0.69 66.50
CA LEU F 167 -2.02 1.21 66.85
C LEU F 167 -1.44 0.50 68.05
N ASN F 168 -2.32 0.07 68.95
CA ASN F 168 -1.90 -0.65 70.15
C ASN F 168 -1.35 -2.03 69.81
N ASN F 169 -2.05 -2.74 68.94
CA ASN F 169 -1.62 -4.08 68.51
C ASN F 169 -0.38 -4.04 67.63
N ARG F 170 -0.32 -3.07 66.70
CA ARG F 170 0.83 -2.94 65.79
C ARG F 170 2.15 -2.72 66.51
N PHE F 171 2.19 -1.72 67.39
CA PHE F 171 3.43 -1.29 68.03
C PHE F 171 3.50 -1.71 69.51
N GLN F 172 3.94 -2.95 69.78
CA GLN F 172 3.99 -3.48 71.14
C GLN F 172 5.25 -4.34 71.37
N ILE F 173 5.39 -4.85 72.60
CA ILE F 173 6.51 -5.73 73.02
C ILE F 173 7.88 -5.27 72.53
#